data_7XC7
#
_entry.id   7XC7
#
_cell.length_a   1.00
_cell.length_b   1.00
_cell.length_c   1.00
_cell.angle_alpha   90.00
_cell.angle_beta   90.00
_cell.angle_gamma   90.00
#
_symmetry.space_group_name_H-M   'P 1'
#
loop_
_entity.id
_entity.type
_entity.pdbx_description
1 polymer 'CHAT domain protein'
2 polymer 'RNA (33-MER)'
3 polymer 'RNA (46-mer)'
4 polymer 'RAMP superfamily protein'
5 non-polymer 'ZINC ION'
#
loop_
_entity_poly.entity_id
_entity_poly.type
_entity_poly.pdbx_seq_one_letter_code
_entity_poly.pdbx_strand_id
1 'polypeptide(L)'
;MNNTEENIDRIQEPTREDIDRKEAERLLDEAFNPRTKPVDRKKIINSALKILIGLYKEKKDDLTSASFISIARAYYLVSI
TILPKGTTIPEKKKEALRKGIEFIDRAINKFNGSILDSQRAFRIKSVLSIEFNRIDREKCDNIKLKNLLNEAVDKGCTDF
DTYEWDIQIAIRLCELGVDMEGHFDNLIKSNKANDLQKAKAYYFIKKDDHKAKEHMDKCTASLKYTPCSHRLWDETVGFI
ERLKGDSSTLWRDFAIKTYRSCRVQEKETGTLRLRWYWSRHRVLYDMAFLAVKEQADDEEPDVNVKQAKIKKLAEISDSL
KSRFSLRLSDMEKMPKSDDESNHEFKKFLDKCVTAYQDGYVINRSEDKEGQGENKSTTSKQPEPRPQAKLLELTQVPEGW
VVVHFYLNKLEGMGNAIVFDKCANSWQYKEFQYKELFEVFLTWQANYNLYKENAAEHLVTLCKKIGETMPFLFCDNFIPN
GKDVLFVPHDFLHRLPLHGSIENKTNGKLFLENHSCCYLPAWSFASEKEASTSDEYVLLKNFDQGHFETLQNNQIWGTQS
VKDGASSDDLENIRNNPRLLTILCHGEANMSNPFRSMLKLANGGITYLEILNSVKGLKGSQVILGACETDLVPPLSDVMD
EHYSVATALLLIGAAGVVGTMWKVRSNKTKSLIEWKLENIEYKLNEWQKETGGAAYKDHPPTFYRSIAFRSIGFPL
;
D
2 'polyribonucleotide' GACUUAAUGUCACGGUACCCAAUUUUCUGCCCC C
3 'polyribonucleotide' CUCUAGUAACAGCCGUGGAGUCCGGGGCAGAAAAUUGGACGAUUAA J
4 'polypeptide(L)'
;MKSNDMNITVELTFFEPYRLVEWFDWDARKKSHSAMRGQAFAQWTWKGKGRTAGKSFITGTLVRSAVIKAVEELLSLNNG
KWEGVPCCNGSFQTDESKGKKPSFLRKRHTLQWQANNKNICDKEEACPFCILLGRFDNAGKVHERNKDYDIHFSNFDLDH
KQEKNDLRLVDIASGRILNRVDFDTGKAKDYFRTWEADYETYGTYTGRITLRNEHAKKLLLASLGFVDKLCGALCRIEVI
KKSESPLPSDTKEQSYTKDDTVEVLSEDHNDELRKQAEVIVEAFKQNDKLEKIRILADAIRTLRLHGEGVIEKDELPDGK
EERDKGHHLWDIKVQGTALRTKLKELWQSNKDIGWRKFTEMLGSNLYLIYKKETGGVSTRFRILGDTEYYSKAHDSEGSD
LFIPVTPPEGIETKEWIIVGRLKAATPFYFGVQQPSDSIPGKEKKSEDSLVINEHASFNILLDKENRYRIPRSALRGALR
RDLRTAFGSGCNVSLGGQILCNCKVCIEMRRITLKDSVSDFSEPPEIRYRIAKNPGTATVEDGSLFDIEVGPEGLTFPFV
LRYRGHKFPEQLSSVIRYWEENDGKNGMAWLGGLDSTGKGRFALKDIKIFEWDLNQKINEYIKERGMRGKEKELLEMGES
SLPDGLIPYKFFEERECLFPYKENLKPQWSEVQYTIEVGSPLLTADTISALTEPGNRAAIAYKKRVYNDGNNAIEPEPRF
AVKSETHRGIFRTAVGRRTGDLGKEDHEDCTCDMCIIFGNEHESSKIRFEDLELINGNEFEKLEKHIDHVAIDRFTGGAL
DKAKFDTYPLAGSPKKPLKLKGRFWIKKGFSGDHKLLITTALSDIRDGLYPLGSKGGVGYGWVAGISIDDNVPDDFKEMI
NKTEMPLPEEVEESNNGPINNDYVHPGHQSPKQDHKNKNIYYPHYFLDSGSKVYREKDIITHEEFTEELLSGKINCKLET
LTPLIIPDTSDENGLKLQGNKPGHKNYKFFNINGELMIPGSELRGMLRTHFEALTKSCFAIFGEDSTLSWRMNADEKDYK
IDSNSIRKMESQRNPKYRIPDELQKELRNSGNGLFNRLYTSERRFWSDVSNKFENSIDYKREILRCAGRPKNYKGGIIRQ
RKDSLMAEELKVHRLPLYDNFDIPDSAYKANDHCRKSATCSTSRGCRERFTCGIKVRDKNRVFLNAANNNRQYLNNIKKS
NHDLYLQYLKGEKKIRFNSKVITGSERSPIDVIAELNERGRQTGFIKLSGLNNSNKSQGNTGTTFNSGWDRFELNILLDD
LETRPSKSDYPRPRLLFTKDQYEYNITKRCERVFEIDKGNKTGYPVDDQIKKNYEDILDSYDGIKDQEVAERFDTFTRGS
KLKVGDLVYFHIDGDNKIDSLIPVRISRKCASKTLGGKLDKALHPCTGLSDGLCPGCHLFGTTDYKGRVKFGFAKYENGP
EWLITRGNNPERSLTLGVLESPRPAFSIPDDESEIPGRKFYLHHNGWRIIRQKQLEIRETVQPERNVTTEVMDKGNVFSF
DVRFENLREWELGLLLQSLDPGKNIAHKLGKGKPYGFGSVKIKIDSLHTFKINSNNDKIKRVPQSDIREYINKGYQKLIE
WSGNNSIQKGNVLPQWHVIPHIDKLYKLLWVPFLNDSKLEPDVRYPVLNEESKGYIEGSDYTYKKLGDKDNLPYKTRVKG
LTTPWSPWNPFQVIAEHEEQEVNVTGSRPSVTDKIERDGKMV
;
A
#
loop_
_chem_comp.id
_chem_comp.type
_chem_comp.name
_chem_comp.formula
A RNA linking ADENOSINE-5'-MONOPHOSPHATE 'C10 H14 N5 O7 P'
C RNA linking CYTIDINE-5'-MONOPHOSPHATE 'C9 H14 N3 O8 P'
G RNA linking GUANOSINE-5'-MONOPHOSPHATE 'C10 H14 N5 O8 P'
U RNA linking URIDINE-5'-MONOPHOSPHATE 'C9 H13 N2 O9 P'
ZN non-polymer 'ZINC ION' 'Zn 2'
#
# COMPACT_ATOMS: atom_id res chain seq x y z
N PRO A 14 -0.07 -7.97 -41.29
CA PRO A 14 -1.16 -8.95 -41.22
C PRO A 14 -2.15 -8.64 -40.10
N THR A 15 -2.42 -9.63 -39.25
CA THR A 15 -3.31 -9.44 -38.13
C THR A 15 -2.66 -8.57 -37.06
N ARG A 16 -3.48 -8.11 -36.11
CA ARG A 16 -2.94 -7.36 -34.98
C ARG A 16 -1.96 -8.19 -34.17
N GLU A 17 -2.16 -9.51 -34.13
CA GLU A 17 -1.22 -10.40 -33.46
C GLU A 17 0.18 -10.26 -34.05
N ASP A 18 0.30 -10.36 -35.37
CA ASP A 18 1.60 -10.29 -36.01
C ASP A 18 2.24 -8.92 -35.84
N ILE A 19 1.44 -7.86 -35.93
CA ILE A 19 1.99 -6.50 -35.79
C ILE A 19 2.52 -6.29 -34.39
N ASP A 20 1.75 -6.70 -33.38
CA ASP A 20 2.20 -6.53 -32.00
C ASP A 20 3.41 -7.41 -31.71
N ARG A 21 3.45 -8.62 -32.28
CA ARG A 21 4.62 -9.46 -32.12
C ARG A 21 5.86 -8.83 -32.75
N LYS A 22 5.69 -8.21 -33.92
CA LYS A 22 6.81 -7.53 -34.57
C LYS A 22 7.30 -6.35 -33.73
N GLU A 23 6.36 -5.59 -33.15
CA GLU A 23 6.76 -4.49 -32.27
C GLU A 23 7.51 -5.01 -31.05
N ALA A 24 7.04 -6.11 -30.47
CA ALA A 24 7.74 -6.71 -29.34
C ALA A 24 9.14 -7.17 -29.74
N GLU A 25 9.26 -7.77 -30.93
CA GLU A 25 10.57 -8.19 -31.40
C GLU A 25 11.51 -7.00 -31.56
N ARG A 26 11.01 -5.91 -32.14
CA ARG A 26 11.83 -4.72 -32.32
C ARG A 26 12.29 -4.16 -30.98
N LEU A 27 11.38 -4.09 -30.01
CA LEU A 27 11.75 -3.58 -28.69
C LEU A 27 12.76 -4.49 -28.01
N LEU A 28 12.56 -5.82 -28.09
CA LEU A 28 13.51 -6.74 -27.47
C LEU A 28 14.88 -6.65 -28.13
N ASP A 29 14.92 -6.48 -29.44
CA ASP A 29 16.21 -6.33 -30.12
C ASP A 29 16.89 -5.02 -29.74
N GLU A 30 16.11 -3.94 -29.63
CA GLU A 30 16.70 -2.66 -29.25
C GLU A 30 17.09 -2.62 -27.78
N ALA A 31 16.58 -3.53 -26.96
CA ALA A 31 16.98 -3.61 -25.56
C ALA A 31 18.05 -4.65 -25.29
N PHE A 32 18.24 -5.61 -26.20
CA PHE A 32 19.23 -6.67 -25.98
C PHE A 32 20.64 -6.17 -26.26
N ASN A 33 20.82 -5.30 -27.25
CA ASN A 33 22.16 -4.87 -27.64
C ASN A 33 22.79 -4.03 -26.53
N PRO A 34 24.12 -4.12 -26.37
CA PRO A 34 24.78 -3.33 -25.33
C PRO A 34 24.76 -1.84 -25.60
N ARG A 35 24.47 -1.41 -26.83
CA ARG A 35 24.45 0.02 -27.13
C ARG A 35 23.40 0.75 -26.32
N THR A 36 22.27 0.11 -26.05
CA THR A 36 21.23 0.74 -25.24
C THR A 36 21.69 0.86 -23.79
N LYS A 37 21.55 2.06 -23.23
CA LYS A 37 21.98 2.31 -21.87
C LYS A 37 21.15 1.48 -20.90
N PRO A 38 21.75 0.92 -19.85
CA PRO A 38 20.96 0.21 -18.84
C PRO A 38 19.93 1.09 -18.14
N VAL A 39 20.08 2.41 -18.19
CA VAL A 39 19.07 3.29 -17.59
C VAL A 39 17.74 3.15 -18.31
N ASP A 40 17.77 3.13 -19.64
CA ASP A 40 16.58 2.97 -20.46
C ASP A 40 16.55 1.60 -21.15
N ARG A 41 17.05 0.58 -20.46
CA ARG A 41 17.00 -0.79 -20.95
C ARG A 41 15.86 -1.59 -20.35
N LYS A 42 15.61 -1.45 -19.05
CA LYS A 42 14.51 -2.17 -18.42
C LYS A 42 13.17 -1.71 -18.96
N LYS A 43 13.01 -0.41 -19.18
CA LYS A 43 11.72 0.13 -19.61
C LYS A 43 11.29 -0.43 -20.96
N ILE A 44 12.23 -0.60 -21.88
CA ILE A 44 11.91 -1.13 -23.20
C ILE A 44 11.41 -2.58 -23.07
N ILE A 45 12.09 -3.39 -22.26
CA ILE A 45 11.67 -4.76 -22.06
C ILE A 45 10.29 -4.82 -21.40
N ASN A 46 10.07 -3.97 -20.40
CA ASN A 46 8.76 -3.94 -19.75
C ASN A 46 7.67 -3.53 -20.73
N SER A 47 7.94 -2.55 -21.60
CA SER A 47 6.94 -2.14 -22.57
C SER A 47 6.62 -3.25 -23.56
N ALA A 48 7.65 -3.91 -24.09
CA ALA A 48 7.43 -5.03 -25.01
C ALA A 48 6.63 -6.13 -24.34
N LEU A 49 6.91 -6.38 -23.06
CA LEU A 49 6.20 -7.45 -22.36
C LEU A 49 4.79 -7.02 -21.96
N LYS A 50 4.56 -5.72 -21.73
CA LYS A 50 3.19 -5.21 -21.67
C LYS A 50 2.42 -5.58 -22.94
N ILE A 51 3.01 -5.28 -24.09
CA ILE A 51 2.34 -5.58 -25.36
C ILE A 51 2.08 -7.08 -25.48
N LEU A 52 3.08 -7.89 -25.14
CA LEU A 52 2.94 -9.34 -25.30
C LEU A 52 1.85 -9.91 -24.40
N ILE A 53 1.86 -9.53 -23.12
CA ILE A 53 0.86 -10.08 -22.21
C ILE A 53 -0.53 -9.51 -22.49
N GLY A 54 -0.62 -8.25 -22.95
CA GLY A 54 -1.91 -7.72 -23.34
C GLY A 54 -2.48 -8.44 -24.54
N LEU A 55 -1.61 -8.83 -25.49
CA LEU A 55 -2.05 -9.66 -26.59
C LEU A 55 -2.48 -11.05 -26.10
N TYR A 56 -1.75 -11.60 -25.12
CA TYR A 56 -2.06 -12.95 -24.65
C TYR A 56 -3.36 -12.99 -23.88
N LYS A 57 -3.68 -11.92 -23.13
CA LYS A 57 -4.86 -11.94 -22.27
C LYS A 57 -6.15 -12.02 -23.07
N GLU A 58 -6.18 -11.46 -24.28
CA GLU A 58 -7.37 -11.51 -25.12
C GLU A 58 -7.52 -12.82 -25.88
N LYS A 59 -6.51 -13.69 -25.84
CA LYS A 59 -6.60 -15.00 -26.50
C LYS A 59 -5.71 -15.97 -25.72
N LYS A 60 -6.34 -16.77 -24.86
CA LYS A 60 -5.58 -17.62 -23.95
C LYS A 60 -4.95 -18.81 -24.66
N ASP A 61 -5.72 -19.49 -25.52
CA ASP A 61 -5.25 -20.71 -26.17
C ASP A 61 -5.22 -20.63 -27.69
N ASP A 62 -5.83 -19.61 -28.30
CA ASP A 62 -5.75 -19.40 -29.73
C ASP A 62 -4.47 -18.70 -30.14
N LEU A 63 -3.46 -18.70 -29.26
CA LEU A 63 -2.25 -17.94 -29.49
C LEU A 63 -1.18 -18.81 -30.16
N THR A 64 -0.50 -18.24 -31.15
CA THR A 64 0.52 -18.95 -31.91
C THR A 64 1.76 -19.20 -31.05
N SER A 65 2.58 -20.15 -31.50
CA SER A 65 3.79 -20.49 -30.76
C SER A 65 4.83 -19.39 -30.85
N ALA A 66 4.79 -18.59 -31.91
CA ALA A 66 5.73 -17.48 -32.04
C ALA A 66 5.54 -16.46 -30.91
N SER A 67 4.29 -16.18 -30.56
CA SER A 67 4.05 -15.28 -29.43
C SER A 67 4.51 -15.90 -28.11
N PHE A 68 4.33 -17.20 -27.94
CA PHE A 68 4.81 -17.86 -26.72
C PHE A 68 6.33 -17.75 -26.60
N ILE A 69 7.05 -18.02 -27.70
CA ILE A 69 8.51 -17.94 -27.63
C ILE A 69 8.94 -16.49 -27.45
N SER A 70 8.19 -15.53 -28.02
CA SER A 70 8.49 -14.12 -27.79
C SER A 70 8.32 -13.74 -26.33
N ILE A 71 7.26 -14.23 -25.70
CA ILE A 71 7.05 -13.97 -24.28
C ILE A 71 8.15 -14.60 -23.44
N ALA A 72 8.57 -15.81 -23.81
CA ALA A 72 9.67 -16.45 -23.10
C ALA A 72 10.95 -15.64 -23.24
N ARG A 73 11.23 -15.14 -24.44
CA ARG A 73 12.44 -14.32 -24.64
C ARG A 73 12.36 -13.02 -23.86
N ALA A 74 11.18 -12.38 -23.83
CA ALA A 74 11.02 -11.15 -23.07
C ALA A 74 11.22 -11.40 -21.58
N TYR A 75 10.69 -12.52 -21.07
CA TYR A 75 10.90 -12.86 -19.67
C TYR A 75 12.37 -13.14 -19.39
N TYR A 76 13.06 -13.79 -20.33
CA TYR A 76 14.50 -14.00 -20.18
C TYR A 76 15.24 -12.68 -20.12
N LEU A 77 14.88 -11.74 -21.00
CA LEU A 77 15.56 -10.45 -21.03
C LEU A 77 15.31 -9.64 -19.77
N VAL A 78 14.08 -9.66 -19.25
CA VAL A 78 13.82 -8.95 -18.01
C VAL A 78 14.46 -9.67 -16.83
N SER A 79 14.72 -10.98 -16.96
CA SER A 79 15.42 -11.69 -15.90
C SER A 79 16.90 -11.34 -15.88
N ILE A 80 17.53 -11.25 -17.05
CA ILE A 80 18.97 -10.98 -17.09
C ILE A 80 19.27 -9.54 -16.67
N THR A 81 18.32 -8.62 -16.86
CA THR A 81 18.51 -7.24 -16.44
C THR A 81 18.15 -7.03 -14.98
N ILE A 82 17.65 -8.06 -14.29
CA ILE A 82 17.44 -8.01 -12.86
C ILE A 82 18.63 -8.71 -12.21
N LEU A 83 19.35 -7.98 -11.36
CA LEU A 83 20.63 -8.45 -10.85
C LEU A 83 20.52 -8.80 -9.37
N PRO A 84 21.34 -9.74 -8.89
CA PRO A 84 21.22 -10.19 -7.49
C PRO A 84 21.41 -9.03 -6.51
N LYS A 85 20.60 -9.04 -5.45
CA LYS A 85 20.58 -7.96 -4.46
C LYS A 85 21.30 -8.34 -3.18
N GLY A 86 22.40 -9.08 -3.28
CA GLY A 86 23.16 -9.44 -2.11
C GLY A 86 23.16 -10.93 -1.84
N THR A 87 22.84 -11.31 -0.60
CA THR A 87 22.80 -12.73 -0.24
C THR A 87 21.50 -13.40 -0.66
N THR A 88 20.51 -12.65 -1.14
CA THR A 88 19.22 -13.19 -1.55
C THR A 88 18.95 -12.82 -3.00
N ILE A 89 18.58 -13.82 -3.79
CA ILE A 89 18.26 -13.59 -5.21
C ILE A 89 16.94 -12.85 -5.31
N PRO A 90 16.82 -11.84 -6.17
CA PRO A 90 15.53 -11.14 -6.32
C PRO A 90 14.44 -12.10 -6.77
N GLU A 91 13.24 -11.89 -6.23
CA GLU A 91 12.12 -12.77 -6.55
C GLU A 91 11.50 -12.44 -7.90
N LYS A 92 11.66 -11.20 -8.37
CA LYS A 92 11.21 -10.86 -9.71
C LYS A 92 11.98 -11.67 -10.75
N LYS A 93 13.28 -11.87 -10.55
CA LYS A 93 14.07 -12.66 -11.48
C LYS A 93 13.59 -14.11 -11.52
N LYS A 94 13.37 -14.70 -10.34
CA LYS A 94 12.89 -16.08 -10.28
C LYS A 94 11.52 -16.21 -10.92
N GLU A 95 10.62 -15.25 -10.65
CA GLU A 95 9.29 -15.29 -11.24
C GLU A 95 9.36 -15.16 -12.76
N ALA A 96 10.23 -14.27 -13.26
CA ALA A 96 10.37 -14.11 -14.70
C ALA A 96 10.90 -15.39 -15.35
N LEU A 97 11.88 -16.03 -14.72
CA LEU A 97 12.39 -17.28 -15.26
C LEU A 97 11.31 -18.36 -15.26
N ARG A 98 10.53 -18.46 -14.18
CA ARG A 98 9.47 -19.45 -14.10
C ARG A 98 8.41 -19.22 -15.17
N LYS A 99 7.99 -17.97 -15.33
CA LYS A 99 6.98 -17.65 -16.34
C LYS A 99 7.50 -17.94 -17.75
N GLY A 100 8.76 -17.58 -18.02
CA GLY A 100 9.31 -17.84 -19.33
C GLY A 100 9.41 -19.32 -19.64
N ILE A 101 9.84 -20.12 -18.65
CA ILE A 101 9.95 -21.56 -18.88
C ILE A 101 8.56 -22.17 -19.07
N GLU A 102 7.57 -21.74 -18.29
CA GLU A 102 6.22 -22.25 -18.49
C GLU A 102 5.68 -21.89 -19.87
N PHE A 103 5.91 -20.65 -20.30
CA PHE A 103 5.43 -20.22 -21.61
C PHE A 103 6.12 -20.98 -22.73
N ILE A 104 7.44 -21.21 -22.61
CA ILE A 104 8.15 -21.95 -23.65
C ILE A 104 7.73 -23.41 -23.65
N ASP A 105 7.41 -23.98 -22.48
CA ASP A 105 6.87 -25.33 -22.43
C ASP A 105 5.52 -25.41 -23.15
N ARG A 106 4.66 -24.42 -22.92
CA ARG A 106 3.40 -24.38 -23.66
C ARG A 106 3.62 -24.19 -25.14
N ALA A 107 4.70 -23.47 -25.52
CA ALA A 107 5.02 -23.30 -26.93
C ALA A 107 5.41 -24.61 -27.57
N ILE A 108 6.32 -25.36 -26.93
CA ILE A 108 6.80 -26.60 -27.52
C ILE A 108 5.79 -27.74 -27.38
N ASN A 109 4.80 -27.61 -26.50
CA ASN A 109 3.78 -28.65 -26.39
C ASN A 109 2.87 -28.65 -27.62
N LYS A 110 2.71 -27.51 -28.27
CA LYS A 110 1.87 -27.38 -29.47
C LYS A 110 2.62 -26.61 -30.55
N PHE A 111 3.87 -27.00 -30.78
CA PHE A 111 4.71 -26.30 -31.74
C PHE A 111 4.17 -26.48 -33.16
N ASN A 112 4.05 -25.36 -33.89
CA ASN A 112 3.55 -25.37 -35.25
C ASN A 112 4.35 -24.42 -36.13
N GLY A 113 5.68 -24.45 -35.99
CA GLY A 113 6.53 -23.57 -36.76
C GLY A 113 7.54 -24.31 -37.63
N SER A 114 8.47 -23.57 -38.22
CA SER A 114 9.48 -24.14 -39.10
C SER A 114 10.66 -24.63 -38.26
N ILE A 115 11.73 -25.07 -38.94
CA ILE A 115 12.91 -25.56 -38.24
C ILE A 115 13.61 -24.43 -37.49
N LEU A 116 13.67 -23.24 -38.10
CA LEU A 116 14.28 -22.10 -37.42
C LEU A 116 13.51 -21.71 -36.18
N ASP A 117 12.17 -21.77 -36.24
CA ASP A 117 11.36 -21.48 -35.06
C ASP A 117 11.62 -22.49 -33.95
N SER A 118 11.73 -23.76 -34.30
CA SER A 118 12.06 -24.78 -33.30
C SER A 118 13.43 -24.54 -32.69
N GLN A 119 14.41 -24.18 -33.53
CA GLN A 119 15.74 -23.87 -33.02
C GLN A 119 15.71 -22.72 -32.03
N ARG A 120 15.00 -21.64 -32.39
CA ARG A 120 14.92 -20.48 -31.49
C ARG A 120 14.20 -20.83 -30.19
N ALA A 121 13.10 -21.59 -30.29
CA ALA A 121 12.36 -21.96 -29.10
C ALA A 121 13.21 -22.81 -28.16
N PHE A 122 13.92 -23.80 -28.71
CA PHE A 122 14.74 -24.66 -27.87
C PHE A 122 15.93 -23.90 -27.30
N ARG A 123 16.49 -22.98 -28.08
CA ARG A 123 17.59 -22.16 -27.57
C ARG A 123 17.13 -21.29 -26.39
N ILE A 124 15.97 -20.65 -26.53
CA ILE A 124 15.45 -19.80 -25.45
C ILE A 124 15.15 -20.65 -24.23
N LYS A 125 14.52 -21.81 -24.42
CA LYS A 125 14.22 -22.67 -23.28
C LYS A 125 15.51 -23.14 -22.61
N SER A 126 16.52 -23.48 -23.39
CA SER A 126 17.77 -23.96 -22.81
C SER A 126 18.47 -22.87 -22.01
N VAL A 127 18.53 -21.64 -22.54
CA VAL A 127 19.22 -20.59 -21.81
C VAL A 127 18.42 -20.19 -20.56
N LEU A 128 17.09 -20.22 -20.65
CA LEU A 128 16.27 -20.01 -19.46
C LEU A 128 16.53 -21.07 -18.42
N SER A 129 16.68 -22.33 -18.85
CA SER A 129 17.02 -23.39 -17.92
C SER A 129 18.41 -23.20 -17.33
N ILE A 130 19.35 -22.67 -18.10
CA ILE A 130 20.68 -22.39 -17.58
C ILE A 130 20.61 -21.39 -16.43
N GLU A 131 19.92 -20.27 -16.67
CA GLU A 131 19.81 -19.28 -15.60
C GLU A 131 18.98 -19.79 -14.42
N PHE A 132 17.94 -20.59 -14.68
CA PHE A 132 17.13 -21.10 -13.57
C PHE A 132 17.93 -22.09 -12.73
N ASN A 133 18.76 -22.91 -13.38
CA ASN A 133 19.62 -23.83 -12.65
C ASN A 133 20.67 -23.07 -11.85
N ARG A 134 21.21 -22.00 -12.42
CA ARG A 134 22.15 -21.16 -11.67
C ARG A 134 21.47 -20.54 -10.46
N ILE A 135 20.21 -20.11 -10.61
CA ILE A 135 19.49 -19.46 -9.53
C ILE A 135 18.91 -20.48 -8.56
N ASP A 136 18.03 -21.35 -9.06
CA ASP A 136 17.35 -22.35 -8.24
C ASP A 136 17.63 -23.73 -8.83
N ARG A 137 18.66 -24.39 -8.31
CA ARG A 137 19.06 -25.69 -8.82
C ARG A 137 18.13 -26.81 -8.35
N GLU A 138 17.47 -26.62 -7.22
CA GLU A 138 16.62 -27.69 -6.67
C GLU A 138 15.44 -28.00 -7.58
N LYS A 139 14.82 -26.97 -8.17
CA LYS A 139 13.65 -27.19 -9.01
C LYS A 139 14.04 -27.83 -10.34
N CYS A 140 14.88 -27.13 -11.12
CA CYS A 140 15.37 -27.64 -12.40
C CYS A 140 16.71 -28.30 -12.14
N ASP A 141 16.69 -29.60 -11.86
CA ASP A 141 17.92 -30.31 -11.54
C ASP A 141 18.80 -30.44 -12.77
N ASN A 142 20.08 -30.73 -12.53
CA ASN A 142 21.07 -30.75 -13.60
C ASN A 142 20.85 -31.88 -14.60
N ILE A 143 20.20 -32.97 -14.19
CA ILE A 143 19.95 -34.07 -15.13
C ILE A 143 18.95 -33.65 -16.19
N LYS A 144 17.84 -33.03 -15.78
CA LYS A 144 16.87 -32.56 -16.74
C LYS A 144 17.43 -31.41 -17.58
N LEU A 145 18.29 -30.59 -16.98
CA LEU A 145 18.97 -29.56 -17.77
C LEU A 145 19.85 -30.18 -18.83
N LYS A 146 20.58 -31.25 -18.49
CA LYS A 146 21.41 -31.94 -19.46
C LYS A 146 20.56 -32.52 -20.58
N ASN A 147 19.43 -33.14 -20.24
CA ASN A 147 18.56 -33.70 -21.25
C ASN A 147 18.03 -32.62 -22.19
N LEU A 148 17.61 -31.48 -21.63
CA LEU A 148 17.10 -30.39 -22.45
C LEU A 148 18.20 -29.81 -23.34
N LEU A 149 19.41 -29.69 -22.82
CA LEU A 149 20.51 -29.17 -23.63
C LEU A 149 20.87 -30.13 -24.76
N ASN A 150 20.84 -31.43 -24.49
CA ASN A 150 21.07 -32.40 -25.58
C ASN A 150 19.98 -32.30 -26.63
N GLU A 151 18.71 -32.18 -26.20
CA GLU A 151 17.63 -32.05 -27.15
C GLU A 151 17.75 -30.75 -27.95
N ALA A 152 18.30 -29.70 -27.35
CA ALA A 152 18.49 -28.45 -28.07
C ALA A 152 19.62 -28.55 -29.09
N VAL A 153 20.76 -29.13 -28.69
CA VAL A 153 21.91 -29.18 -29.58
C VAL A 153 21.66 -30.15 -30.73
N ASP A 154 20.95 -31.26 -30.48
CA ASP A 154 20.63 -32.16 -31.58
C ASP A 154 19.59 -31.59 -32.53
N LYS A 155 18.92 -30.50 -32.15
CA LYS A 155 17.95 -29.83 -33.00
C LYS A 155 18.52 -28.64 -33.76
N GLY A 156 19.81 -28.37 -33.62
CA GLY A 156 20.45 -27.29 -34.35
C GLY A 156 20.96 -26.13 -33.53
N CYS A 157 20.93 -26.22 -32.20
CA CYS A 157 21.44 -25.16 -31.34
C CYS A 157 22.96 -25.30 -31.21
N THR A 158 23.65 -24.94 -32.30
CA THR A 158 25.09 -25.09 -32.38
C THR A 158 25.81 -23.85 -32.90
N ASP A 159 25.12 -22.94 -33.59
CA ASP A 159 25.75 -21.77 -34.20
C ASP A 159 26.37 -20.86 -33.15
N PHE A 160 27.70 -20.86 -33.06
CA PHE A 160 28.41 -20.04 -32.09
C PHE A 160 28.83 -18.68 -32.64
N ASP A 161 28.84 -18.52 -33.97
CA ASP A 161 29.27 -17.26 -34.56
C ASP A 161 28.21 -16.17 -34.44
N THR A 162 26.93 -16.53 -34.51
CA THR A 162 25.85 -15.57 -34.52
C THR A 162 24.82 -15.80 -33.41
N TYR A 163 25.13 -16.66 -32.43
CA TYR A 163 24.21 -16.92 -31.33
C TYR A 163 25.03 -17.23 -30.09
N GLU A 164 25.14 -16.24 -29.21
CA GLU A 164 25.92 -16.41 -27.98
C GLU A 164 25.23 -17.40 -27.03
N TRP A 165 23.91 -17.54 -27.13
CA TRP A 165 23.20 -18.52 -26.32
C TRP A 165 23.67 -19.93 -26.63
N ASP A 166 24.00 -20.22 -27.89
CA ASP A 166 24.56 -21.52 -28.22
C ASP A 166 25.91 -21.71 -27.55
N ILE A 167 26.70 -20.64 -27.44
CA ILE A 167 27.96 -20.71 -26.71
C ILE A 167 27.71 -21.04 -25.25
N GLN A 168 26.70 -20.41 -24.65
CA GLN A 168 26.36 -20.73 -23.26
C GLN A 168 25.95 -22.18 -23.12
N ILE A 169 25.16 -22.69 -24.08
CA ILE A 169 24.74 -24.09 -24.03
C ILE A 169 25.93 -25.03 -24.13
N ALA A 170 26.86 -24.73 -25.04
CA ALA A 170 28.04 -25.57 -25.18
C ALA A 170 28.90 -25.55 -23.92
N ILE A 171 29.05 -24.37 -23.31
CA ILE A 171 29.81 -24.28 -22.06
C ILE A 171 29.15 -25.08 -20.96
N ARG A 172 27.82 -25.01 -20.86
CA ARG A 172 27.15 -25.78 -19.82
C ARG A 172 27.27 -27.27 -20.08
N LEU A 173 27.24 -27.69 -21.35
CA LEU A 173 27.46 -29.10 -21.66
C LEU A 173 28.85 -29.54 -21.25
N CYS A 174 29.88 -28.74 -21.55
CA CYS A 174 31.22 -29.13 -21.15
C CYS A 174 31.39 -29.10 -19.64
N GLU A 175 30.59 -28.30 -18.94
CA GLU A 175 30.49 -28.45 -17.49
C GLU A 175 29.89 -29.81 -17.11
N LEU A 176 28.86 -30.24 -17.85
CA LEU A 176 28.08 -31.40 -17.44
C LEU A 176 28.85 -32.70 -17.60
N GLY A 177 29.79 -32.76 -18.55
CA GLY A 177 30.63 -33.94 -18.67
C GLY A 177 30.53 -34.71 -19.96
N VAL A 178 30.29 -34.01 -21.08
CA VAL A 178 30.29 -34.64 -22.39
C VAL A 178 31.23 -33.86 -23.31
N ASP A 179 31.72 -34.56 -24.33
CA ASP A 179 32.77 -34.04 -25.19
C ASP A 179 32.18 -33.30 -26.39
N MET A 180 32.90 -32.27 -26.82
CA MET A 180 32.53 -31.48 -27.99
C MET A 180 33.77 -31.24 -28.84
N GLU A 181 34.51 -32.30 -29.12
CA GLU A 181 35.74 -32.17 -29.89
C GLU A 181 35.48 -31.60 -31.29
N GLY A 182 34.27 -31.80 -31.82
CA GLY A 182 33.90 -31.25 -33.09
C GLY A 182 33.39 -29.83 -33.08
N HIS A 183 33.33 -29.19 -31.91
CA HIS A 183 32.82 -27.84 -31.78
C HIS A 183 33.83 -26.83 -31.30
N PHE A 184 35.01 -27.26 -30.81
CA PHE A 184 35.99 -26.32 -30.28
C PHE A 184 36.50 -25.38 -31.36
N ASP A 185 36.57 -25.84 -32.61
CA ASP A 185 37.07 -24.99 -33.68
C ASP A 185 36.19 -23.75 -33.85
N ASN A 186 34.88 -23.92 -33.81
CA ASN A 186 33.98 -22.77 -33.84
C ASN A 186 33.93 -22.05 -32.51
N LEU A 187 34.11 -22.77 -31.40
CA LEU A 187 34.04 -22.13 -30.08
C LEU A 187 35.16 -21.13 -29.87
N ILE A 188 36.38 -21.46 -30.29
CA ILE A 188 37.50 -20.57 -30.03
C ILE A 188 37.56 -19.42 -31.03
N LYS A 189 37.18 -19.67 -32.29
CA LYS A 189 37.24 -18.62 -33.31
C LYS A 189 36.05 -17.68 -33.25
N SER A 190 35.05 -17.96 -32.42
CA SER A 190 33.88 -17.11 -32.34
C SER A 190 34.23 -15.78 -31.70
N ASN A 191 33.76 -14.69 -32.31
CA ASN A 191 34.03 -13.36 -31.78
C ASN A 191 33.20 -13.04 -30.55
N LYS A 192 32.01 -13.66 -30.42
CA LYS A 192 31.13 -13.34 -29.31
C LYS A 192 31.62 -13.94 -28.00
N ALA A 193 32.38 -15.03 -28.05
CA ALA A 193 32.85 -15.67 -26.83
C ALA A 193 33.80 -14.75 -26.08
N ASN A 194 33.61 -14.63 -24.77
CA ASN A 194 34.46 -13.81 -23.93
C ASN A 194 35.60 -14.67 -23.38
N ASP A 195 36.35 -14.12 -22.42
CA ASP A 195 37.49 -14.84 -21.87
C ASP A 195 37.06 -16.10 -21.13
N LEU A 196 35.96 -16.02 -20.38
CA LEU A 196 35.50 -17.17 -19.61
C LEU A 196 35.08 -18.32 -20.52
N GLN A 197 34.39 -18.02 -21.63
CA GLN A 197 33.97 -19.08 -22.54
C GLN A 197 35.17 -19.82 -23.10
N LYS A 198 36.20 -19.09 -23.53
CA LYS A 198 37.41 -19.71 -24.04
C LYS A 198 38.13 -20.51 -22.96
N ALA A 199 38.16 -19.97 -21.74
CA ALA A 199 38.79 -20.70 -20.64
C ALA A 199 38.08 -22.02 -20.38
N LYS A 200 36.75 -22.00 -20.39
CA LYS A 200 35.99 -23.24 -20.22
C LYS A 200 36.29 -24.21 -21.36
N ALA A 201 36.34 -23.69 -22.59
CA ALA A 201 36.61 -24.54 -23.74
C ALA A 201 37.94 -25.25 -23.61
N TYR A 202 39.00 -24.50 -23.26
CA TYR A 202 40.31 -25.13 -23.12
C TYR A 202 40.37 -26.06 -21.92
N TYR A 203 39.69 -25.74 -20.82
CA TYR A 203 39.82 -26.58 -19.63
C TYR A 203 39.01 -27.87 -19.75
N PHE A 204 37.90 -27.86 -20.48
CA PHE A 204 37.01 -29.01 -20.54
C PHE A 204 37.06 -29.78 -21.85
N ILE A 205 37.08 -29.08 -22.99
CA ILE A 205 37.03 -29.77 -24.28
C ILE A 205 38.28 -30.60 -24.49
N LYS A 206 39.45 -30.03 -24.17
CA LYS A 206 40.72 -30.71 -24.40
C LYS A 206 41.51 -30.96 -23.11
N LYS A 207 40.97 -30.59 -21.95
CA LYS A 207 41.63 -30.82 -20.66
C LYS A 207 43.01 -30.18 -20.61
N ASP A 208 43.14 -29.01 -21.21
CA ASP A 208 44.39 -28.27 -21.20
C ASP A 208 44.43 -27.27 -20.06
N ASP A 209 45.64 -26.91 -19.64
CA ASP A 209 45.83 -25.97 -18.54
C ASP A 209 46.61 -24.72 -18.91
N HIS A 210 47.34 -24.72 -20.03
CA HIS A 210 48.16 -23.56 -20.36
C HIS A 210 47.35 -22.46 -21.04
N LYS A 211 46.78 -22.78 -22.21
CA LYS A 211 45.96 -21.79 -22.93
C LYS A 211 44.83 -21.30 -22.05
N ALA A 212 44.23 -22.22 -21.29
CA ALA A 212 43.28 -21.83 -20.26
C ALA A 212 43.92 -20.84 -19.30
N LYS A 213 45.21 -20.98 -19.00
CA LYS A 213 45.84 -20.10 -18.02
C LYS A 213 45.98 -18.68 -18.55
N GLU A 214 46.49 -18.50 -19.78
CA GLU A 214 46.61 -17.11 -20.23
C GLU A 214 45.25 -16.49 -20.54
N HIS A 215 44.30 -17.26 -21.07
CA HIS A 215 42.95 -16.71 -21.23
C HIS A 215 42.35 -16.37 -19.87
N MET A 216 42.71 -17.15 -18.85
CA MET A 216 42.21 -16.94 -17.50
C MET A 216 42.75 -15.64 -16.93
N ASP A 217 44.05 -15.39 -17.14
CA ASP A 217 44.66 -14.14 -16.69
C ASP A 217 44.13 -12.95 -17.47
N LYS A 218 43.82 -13.14 -18.75
CA LYS A 218 43.15 -12.09 -19.51
C LYS A 218 41.80 -11.76 -18.89
N CYS A 219 41.08 -12.79 -18.46
CA CYS A 219 39.83 -12.55 -17.74
C CYS A 219 40.08 -11.77 -16.45
N THR A 220 41.13 -12.14 -15.71
CA THR A 220 41.46 -11.44 -14.47
C THR A 220 41.66 -9.96 -14.73
N ALA A 221 42.43 -9.63 -15.77
CA ALA A 221 42.62 -8.23 -16.15
C ALA A 221 41.30 -7.58 -16.57
N SER A 222 40.42 -8.36 -17.21
CA SER A 222 39.14 -7.79 -17.63
C SER A 222 38.26 -7.41 -16.45
N LEU A 223 38.28 -8.19 -15.37
CA LEU A 223 37.42 -7.87 -14.23
C LEU A 223 37.77 -6.53 -13.58
N LYS A 224 38.97 -5.98 -13.82
CA LYS A 224 39.38 -4.76 -13.15
C LYS A 224 38.48 -3.57 -13.49
N TYR A 225 37.74 -3.62 -14.59
CA TYR A 225 36.85 -2.54 -14.99
C TYR A 225 35.37 -2.87 -14.87
N THR A 226 35.01 -4.14 -14.79
CA THR A 226 33.60 -4.52 -14.73
C THR A 226 33.04 -4.18 -13.35
N PRO A 227 31.85 -3.59 -13.27
CA PRO A 227 31.24 -3.33 -11.96
C PRO A 227 30.90 -4.62 -11.23
N CYS A 228 30.76 -4.50 -9.91
CA CYS A 228 30.44 -5.65 -9.08
C CYS A 228 29.07 -6.23 -9.36
N SER A 229 28.22 -5.50 -10.07
CA SER A 229 26.87 -5.98 -10.40
C SER A 229 26.84 -6.90 -11.61
N HIS A 230 27.89 -6.91 -12.42
CA HIS A 230 27.85 -7.60 -13.70
C HIS A 230 28.10 -9.09 -13.47
N ARG A 231 27.36 -9.92 -14.21
CA ARG A 231 27.29 -11.36 -13.92
C ARG A 231 28.61 -12.09 -14.09
N LEU A 232 29.59 -11.47 -14.77
CA LEU A 232 30.86 -12.15 -15.01
C LEU A 232 31.59 -12.44 -13.70
N TRP A 233 31.35 -11.64 -12.67
CA TRP A 233 31.94 -11.94 -11.36
C TRP A 233 31.41 -13.25 -10.81
N ASP A 234 30.09 -13.44 -10.85
CA ASP A 234 29.49 -14.69 -10.40
C ASP A 234 29.97 -15.86 -11.24
N GLU A 235 30.09 -15.65 -12.56
CA GLU A 235 30.60 -16.72 -13.41
C GLU A 235 32.03 -17.11 -13.03
N THR A 236 32.88 -16.11 -12.76
CA THR A 236 34.26 -16.40 -12.37
C THR A 236 34.32 -17.15 -11.04
N VAL A 237 33.51 -16.73 -10.07
CA VAL A 237 33.52 -17.41 -8.77
C VAL A 237 33.02 -18.85 -8.93
N GLY A 238 31.99 -19.04 -9.73
CA GLY A 238 31.53 -20.40 -9.99
C GLY A 238 32.59 -21.26 -10.65
N PHE A 239 33.35 -20.67 -11.58
CA PHE A 239 34.42 -21.44 -12.22
C PHE A 239 35.56 -21.75 -11.25
N ILE A 240 35.84 -20.83 -10.31
CA ILE A 240 36.84 -21.14 -9.31
C ILE A 240 36.39 -22.31 -8.45
N GLU A 241 35.11 -22.32 -8.07
CA GLU A 241 34.59 -23.44 -7.30
C GLU A 241 34.62 -24.73 -8.12
N ARG A 242 34.39 -24.63 -9.44
CA ARG A 242 34.50 -25.79 -10.30
C ARG A 242 35.93 -26.33 -10.32
N LEU A 243 36.91 -25.45 -10.42
CA LEU A 243 38.31 -25.87 -10.36
C LEU A 243 38.68 -26.40 -8.99
N LYS A 244 38.00 -25.95 -7.94
CA LYS A 244 38.26 -26.45 -6.60
C LYS A 244 37.63 -27.81 -6.37
N GLY A 245 36.55 -28.13 -7.10
CA GLY A 245 35.90 -29.42 -6.91
C GLY A 245 36.82 -30.59 -7.23
N ASP A 246 37.51 -30.52 -8.36
CA ASP A 246 38.54 -31.48 -8.72
C ASP A 246 39.89 -30.79 -8.60
N SER A 247 40.76 -31.35 -7.76
CA SER A 247 42.00 -30.69 -7.37
C SER A 247 42.81 -30.23 -8.58
N SER A 248 42.94 -28.91 -8.73
CA SER A 248 43.64 -28.31 -9.86
C SER A 248 44.62 -27.26 -9.34
N THR A 249 45.69 -27.06 -10.11
CA THR A 249 46.73 -26.10 -9.74
C THR A 249 46.50 -24.73 -10.37
N LEU A 250 45.38 -24.52 -11.07
CA LEU A 250 45.12 -23.26 -11.74
C LEU A 250 44.25 -22.31 -10.92
N TRP A 251 43.47 -22.81 -9.97
CA TRP A 251 42.55 -21.94 -9.24
C TRP A 251 43.26 -21.10 -8.18
N ARG A 252 44.49 -21.45 -7.82
CA ARG A 252 45.27 -20.61 -6.90
C ARG A 252 45.47 -19.22 -7.47
N ASP A 253 46.07 -19.16 -8.68
CA ASP A 253 46.43 -17.90 -9.29
C ASP A 253 45.19 -17.07 -9.62
N PHE A 254 44.14 -17.73 -10.11
CA PHE A 254 42.91 -17.00 -10.43
C PHE A 254 42.20 -16.52 -9.18
N ALA A 255 42.27 -17.28 -8.08
CA ALA A 255 41.76 -16.76 -6.82
C ALA A 255 42.52 -15.49 -6.41
N ILE A 256 43.84 -15.52 -6.54
CA ILE A 256 44.64 -14.36 -6.15
C ILE A 256 44.30 -13.14 -7.00
N LYS A 257 44.27 -13.31 -8.33
CA LYS A 257 44.01 -12.18 -9.21
C LYS A 257 42.55 -11.72 -9.15
N THR A 258 41.60 -12.63 -8.92
CA THR A 258 40.22 -12.19 -8.72
C THR A 258 40.10 -11.38 -7.44
N TYR A 259 40.82 -11.77 -6.39
CA TYR A 259 40.91 -10.94 -5.19
C TYR A 259 41.47 -9.56 -5.50
N ARG A 260 42.57 -9.51 -6.26
CA ARG A 260 43.18 -8.22 -6.57
C ARG A 260 42.23 -7.34 -7.38
N SER A 261 41.54 -7.92 -8.36
CA SER A 261 40.58 -7.16 -9.15
C SER A 261 39.40 -6.72 -8.31
N CYS A 262 38.94 -7.55 -7.38
CA CYS A 262 37.84 -7.15 -6.52
C CYS A 262 38.24 -6.00 -5.62
N ARG A 263 39.48 -6.00 -5.11
CA ARG A 263 39.95 -4.86 -4.33
C ARG A 263 40.02 -3.60 -5.18
N VAL A 264 40.58 -3.70 -6.39
CA VAL A 264 40.74 -2.50 -7.20
C VAL A 264 39.40 -2.00 -7.71
N GLN A 265 38.37 -2.86 -7.72
CA GLN A 265 37.05 -2.43 -8.17
C GLN A 265 36.16 -1.93 -7.04
N GLU A 266 36.24 -2.52 -5.85
CA GLU A 266 35.40 -2.09 -4.74
C GLU A 266 36.11 -0.90 -4.09
N LYS A 267 36.50 0.06 -4.93
CA LYS A 267 36.97 1.35 -4.48
C LYS A 267 36.43 2.48 -5.35
N GLU A 268 35.67 2.17 -6.40
CA GLU A 268 35.07 3.16 -7.26
C GLU A 268 33.54 3.14 -7.21
N THR A 269 32.94 2.10 -6.65
CA THR A 269 31.49 2.02 -6.55
C THR A 269 30.98 2.98 -5.47
N GLY A 270 29.68 3.24 -5.51
CA GLY A 270 29.06 4.19 -4.61
C GLY A 270 28.48 3.50 -3.37
N THR A 271 28.63 4.16 -2.23
CA THR A 271 28.08 3.61 -0.99
C THR A 271 26.58 3.81 -0.91
N LEU A 272 26.05 4.85 -1.58
CA LEU A 272 24.64 5.19 -1.43
C LEU A 272 23.74 4.07 -1.92
N ARG A 273 23.97 3.58 -3.14
CA ARG A 273 23.11 2.55 -3.70
C ARG A 273 23.87 1.50 -4.50
N LEU A 274 25.16 1.32 -4.26
CA LEU A 274 25.94 0.37 -5.04
C LEU A 274 26.86 -0.52 -4.23
N ARG A 275 26.72 -0.61 -2.91
CA ARG A 275 27.67 -1.38 -2.12
C ARG A 275 27.05 -2.40 -1.19
N TRP A 276 25.92 -2.08 -0.55
CA TRP A 276 25.23 -3.05 0.30
C TRP A 276 24.95 -4.34 -0.44
N TYR A 277 24.39 -4.22 -1.64
CA TYR A 277 23.83 -5.34 -2.39
C TYR A 277 24.57 -5.61 -3.69
N TRP A 278 25.87 -5.30 -3.74
CA TRP A 278 26.72 -5.81 -4.80
C TRP A 278 28.01 -6.39 -4.25
N SER A 279 28.29 -6.22 -2.96
CA SER A 279 29.43 -6.86 -2.31
C SER A 279 28.97 -8.18 -1.71
N ARG A 280 28.51 -9.06 -2.59
CA ARG A 280 28.10 -10.42 -2.25
C ARG A 280 29.23 -11.41 -2.40
N HIS A 281 30.47 -10.95 -2.21
CA HIS A 281 31.66 -11.71 -2.54
C HIS A 281 32.43 -12.13 -1.28
N ARG A 282 31.70 -12.51 -0.23
CA ARG A 282 32.36 -13.13 0.91
C ARG A 282 32.99 -14.46 0.52
N VAL A 283 32.37 -15.19 -0.41
CA VAL A 283 32.95 -16.43 -0.91
C VAL A 283 34.28 -16.16 -1.62
N LEU A 284 34.35 -15.09 -2.40
CA LEU A 284 35.56 -14.78 -3.15
C LEU A 284 36.73 -14.48 -2.22
N TYR A 285 36.50 -13.61 -1.22
CA TYR A 285 37.56 -13.28 -0.29
C TYR A 285 37.91 -14.47 0.59
N ASP A 286 36.92 -15.25 0.99
CA ASP A 286 37.16 -16.44 1.78
C ASP A 286 38.08 -17.41 1.04
N MET A 287 37.81 -17.63 -0.24
CA MET A 287 38.58 -18.61 -0.99
C MET A 287 39.92 -18.05 -1.49
N ALA A 288 40.03 -16.73 -1.64
CA ALA A 288 41.36 -16.14 -1.81
C ALA A 288 42.20 -16.32 -0.55
N PHE A 289 41.57 -16.15 0.62
CA PHE A 289 42.24 -16.46 1.87
C PHE A 289 42.68 -17.91 1.91
N LEU A 290 41.82 -18.82 1.44
CA LEU A 290 42.17 -20.23 1.37
C LEU A 290 43.38 -20.45 0.47
N ALA A 291 43.40 -19.80 -0.69
CA ALA A 291 44.52 -19.94 -1.62
C ALA A 291 45.82 -19.46 -1.01
N VAL A 292 45.79 -18.28 -0.40
CA VAL A 292 47.01 -17.75 0.23
C VAL A 292 47.47 -18.66 1.36
N LYS A 293 46.53 -19.15 2.17
CA LYS A 293 46.89 -20.00 3.29
C LYS A 293 47.53 -21.30 2.83
N GLU A 294 46.95 -21.94 1.81
CA GLU A 294 47.52 -23.21 1.36
C GLU A 294 48.80 -23.00 0.56
N GLN A 295 48.99 -21.84 -0.05
CA GLN A 295 50.30 -21.52 -0.61
C GLN A 295 51.34 -21.37 0.49
N ALA A 296 50.96 -20.73 1.61
CA ALA A 296 51.87 -20.62 2.74
C ALA A 296 52.00 -21.94 3.49
N ASP A 297 51.03 -22.85 3.34
CA ASP A 297 51.12 -24.14 4.01
C ASP A 297 52.23 -25.01 3.43
N ASP A 298 52.56 -24.82 2.16
CA ASP A 298 53.63 -25.60 1.54
C ASP A 298 54.97 -25.26 2.16
N GLU A 299 55.87 -26.25 2.14
CA GLU A 299 57.20 -26.07 2.72
C GLU A 299 58.00 -25.04 1.93
N GLU A 300 58.74 -24.21 2.67
CA GLU A 300 59.57 -23.18 2.07
C GLU A 300 61.04 -23.38 2.45
N PRO A 301 61.97 -23.00 1.58
CA PRO A 301 63.40 -23.15 1.93
C PRO A 301 63.81 -22.35 3.17
N ASP A 302 63.20 -21.19 3.38
CA ASP A 302 63.51 -20.35 4.53
C ASP A 302 62.29 -19.50 4.83
N VAL A 303 62.28 -18.91 6.03
CA VAL A 303 61.15 -18.08 6.45
C VAL A 303 61.44 -16.67 5.96
N ASN A 304 61.18 -16.44 4.67
CA ASN A 304 61.20 -15.11 4.09
C ASN A 304 60.06 -14.85 3.12
N VAL A 305 59.37 -15.88 2.64
CA VAL A 305 58.19 -15.73 1.80
C VAL A 305 56.94 -16.30 2.47
N LYS A 306 57.07 -17.47 3.10
CA LYS A 306 55.97 -18.00 3.90
C LYS A 306 55.60 -17.05 5.02
N GLN A 307 56.61 -16.47 5.68
CA GLN A 307 56.37 -15.48 6.72
C GLN A 307 55.74 -14.21 6.16
N ALA A 308 55.89 -13.97 4.85
CA ALA A 308 55.29 -12.81 4.21
C ALA A 308 53.93 -13.11 3.58
N LYS A 309 53.59 -14.38 3.36
CA LYS A 309 52.26 -14.70 2.86
C LYS A 309 51.20 -14.55 3.94
N ILE A 310 51.59 -14.72 5.21
CA ILE A 310 50.64 -14.48 6.30
C ILE A 310 50.24 -13.01 6.36
N LYS A 311 51.17 -12.11 6.03
CA LYS A 311 50.80 -10.71 5.89
C LYS A 311 49.76 -10.52 4.80
N LYS A 312 49.93 -11.22 3.66
CA LYS A 312 48.94 -11.15 2.60
C LYS A 312 47.60 -11.67 3.09
N LEU A 313 47.61 -12.72 3.92
CA LEU A 313 46.38 -13.17 4.57
C LEU A 313 45.77 -12.05 5.41
N ALA A 314 46.62 -11.26 6.06
CA ALA A 314 46.13 -10.14 6.86
C ALA A 314 45.43 -9.10 5.98
N GLU A 315 45.99 -8.78 4.82
CA GLU A 315 45.24 -7.87 3.94
C GLU A 315 43.98 -8.52 3.38
N ILE A 316 43.99 -9.84 3.13
CA ILE A 316 42.77 -10.53 2.74
C ILE A 316 41.69 -10.29 3.79
N SER A 317 42.05 -10.45 5.06
CA SER A 317 41.11 -10.24 6.14
C SER A 317 40.66 -8.78 6.22
N ASP A 318 41.58 -7.84 6.06
CA ASP A 318 41.27 -6.43 6.33
C ASP A 318 40.43 -5.82 5.21
N SER A 319 40.69 -6.19 3.96
CA SER A 319 40.07 -5.50 2.83
C SER A 319 38.57 -5.76 2.72
N LEU A 320 38.03 -6.74 3.44
CA LEU A 320 36.60 -7.06 3.34
C LEU A 320 35.77 -6.52 4.48
N LYS A 321 36.38 -6.20 5.62
CA LYS A 321 35.62 -5.95 6.84
C LYS A 321 34.66 -4.78 6.72
N SER A 322 35.19 -3.56 6.59
CA SER A 322 34.36 -2.36 6.63
C SER A 322 34.85 -1.39 5.57
N ARG A 323 34.08 -1.27 4.49
CA ARG A 323 34.31 -0.22 3.51
C ARG A 323 33.18 0.80 3.46
N PHE A 324 32.00 0.47 3.99
CA PHE A 324 30.91 1.43 4.10
C PHE A 324 31.27 2.55 5.06
N SER A 325 31.79 2.20 6.24
CA SER A 325 32.05 3.18 7.28
C SER A 325 33.17 4.13 6.87
N LEU A 326 34.13 3.65 6.09
CA LEU A 326 35.31 4.46 5.77
C LEU A 326 34.94 5.73 5.03
N ARG A 327 34.04 5.63 4.05
CA ARG A 327 33.64 6.76 3.24
C ARG A 327 32.41 7.49 3.77
N LEU A 328 32.11 7.32 5.07
CA LEU A 328 31.03 8.06 5.70
C LEU A 328 31.57 9.28 6.44
N GLU A 344 22.75 17.38 0.42
CA GLU A 344 23.76 17.48 1.47
C GLU A 344 24.15 16.11 1.98
N PHE A 345 25.04 16.09 2.99
CA PHE A 345 25.46 14.83 3.58
C PHE A 345 24.34 14.15 4.35
N LYS A 346 23.46 14.93 4.97
CA LYS A 346 22.37 14.35 5.74
C LYS A 346 21.42 13.56 4.85
N LYS A 347 21.12 14.08 3.66
CA LYS A 347 20.23 13.35 2.74
C LYS A 347 20.86 12.04 2.29
N PHE A 348 22.16 12.05 1.97
CA PHE A 348 22.83 10.84 1.54
C PHE A 348 22.88 9.81 2.68
N LEU A 349 23.14 10.26 3.90
CA LEU A 349 23.21 9.32 5.02
C LEU A 349 21.82 8.78 5.36
N ASP A 350 20.78 9.60 5.19
CA ASP A 350 19.41 9.09 5.35
C ASP A 350 19.09 8.06 4.27
N LYS A 351 19.56 8.29 3.05
CA LYS A 351 19.43 7.26 2.01
C LYS A 351 20.14 5.98 2.43
N CYS A 352 21.32 6.11 3.05
CA CYS A 352 22.05 4.93 3.50
C CYS A 352 21.25 4.16 4.56
N VAL A 353 20.70 4.87 5.55
CA VAL A 353 19.96 4.17 6.59
C VAL A 353 18.68 3.56 6.04
N THR A 354 18.06 4.22 5.05
CA THR A 354 16.89 3.63 4.39
C THR A 354 17.28 2.36 3.65
N ALA A 355 18.42 2.37 2.96
CA ALA A 355 18.86 1.20 2.21
C ALA A 355 19.35 0.08 3.13
N TYR A 356 19.68 0.38 4.39
CA TYR A 356 20.06 -0.68 5.31
C TYR A 356 18.92 -1.65 5.54
N GLN A 357 17.69 -1.15 5.60
CA GLN A 357 16.52 -1.96 5.96
C GLN A 357 15.84 -2.59 4.75
N ASP A 358 16.60 -2.89 3.70
CA ASP A 358 16.07 -3.49 2.48
C ASP A 358 14.94 -2.65 1.88
N GLY A 359 15.09 -1.32 1.96
CA GLY A 359 14.11 -0.41 1.40
C GLY A 359 14.53 0.08 0.03
N TYR A 360 13.86 1.14 -0.42
CA TYR A 360 14.12 1.76 -1.70
C TYR A 360 14.68 3.16 -1.49
N VAL A 361 15.69 3.51 -2.28
CA VAL A 361 16.33 4.81 -2.21
C VAL A 361 16.01 5.58 -3.49
N ILE A 362 15.56 6.82 -3.33
CA ILE A 362 15.21 7.65 -4.47
C ILE A 362 16.39 8.52 -4.87
N LYS A 389 46.21 8.66 3.45
CA LYS A 389 45.93 7.38 2.80
C LYS A 389 45.82 6.27 3.83
N LEU A 390 45.69 5.04 3.35
CA LEU A 390 45.59 3.89 4.24
C LEU A 390 46.91 3.68 4.99
N LEU A 391 46.79 3.39 6.28
CA LEU A 391 47.97 3.16 7.10
C LEU A 391 48.61 1.81 6.75
N GLU A 392 49.92 1.82 6.56
CA GLU A 392 50.63 0.58 6.30
C GLU A 392 50.55 -0.35 7.50
N LEU A 393 50.30 -1.63 7.23
CA LEU A 393 50.13 -2.59 8.32
C LEU A 393 51.42 -2.80 9.09
N THR A 394 52.56 -2.51 8.47
CA THR A 394 53.85 -2.62 9.14
C THR A 394 54.17 -1.39 10.00
N GLN A 395 53.37 -0.33 9.90
CA GLN A 395 53.59 0.87 10.70
C GLN A 395 52.80 0.75 11.99
N VAL A 396 53.41 0.10 12.96
CA VAL A 396 52.82 -0.14 14.27
C VAL A 396 53.81 0.33 15.33
N PRO A 397 53.38 1.07 16.35
CA PRO A 397 54.32 1.54 17.36
C PRO A 397 54.94 0.39 18.14
N GLU A 398 56.15 0.64 18.66
CA GLU A 398 56.88 -0.39 19.37
C GLU A 398 56.12 -0.84 20.61
N GLY A 399 56.22 -2.14 20.91
CA GLY A 399 55.50 -2.71 22.02
C GLY A 399 54.04 -2.97 21.76
N TRP A 400 53.59 -2.88 20.51
CA TRP A 400 52.19 -3.10 20.15
C TRP A 400 52.11 -4.30 19.20
N VAL A 401 51.22 -5.23 19.50
CA VAL A 401 50.92 -6.37 18.63
C VAL A 401 49.49 -6.23 18.13
N VAL A 402 49.32 -6.36 16.81
CA VAL A 402 48.02 -6.24 16.17
C VAL A 402 47.55 -7.64 15.76
N VAL A 403 46.29 -7.95 16.08
CA VAL A 403 45.71 -9.25 15.78
C VAL A 403 44.57 -9.04 14.78
N HIS A 404 44.78 -9.48 13.55
CA HIS A 404 43.76 -9.44 12.51
C HIS A 404 42.94 -10.72 12.55
N PHE A 405 41.69 -10.62 12.08
CA PHE A 405 40.73 -11.70 12.23
C PHE A 405 39.99 -11.92 10.92
N TYR A 406 39.67 -13.18 10.65
CA TYR A 406 38.85 -13.52 9.49
C TYR A 406 38.12 -14.83 9.74
N LEU A 407 36.84 -14.86 9.40
CA LEU A 407 36.02 -16.05 9.52
C LEU A 407 35.75 -16.61 8.13
N ASN A 408 36.17 -17.86 7.92
CA ASN A 408 36.00 -18.50 6.62
C ASN A 408 34.68 -19.25 6.61
N LYS A 409 33.75 -18.80 5.76
CA LYS A 409 32.48 -19.50 5.62
C LYS A 409 32.62 -20.78 4.79
N LEU A 410 33.49 -20.75 3.78
CA LEU A 410 33.72 -21.95 2.99
C LEU A 410 34.42 -23.02 3.81
N GLU A 411 35.52 -22.66 4.47
CA GLU A 411 36.30 -23.65 5.22
C GLU A 411 35.65 -24.00 6.56
N GLY A 412 34.79 -23.13 7.07
CA GLY A 412 34.17 -23.37 8.37
C GLY A 412 35.09 -23.18 9.56
N MET A 413 36.26 -22.56 9.37
CA MET A 413 37.19 -22.30 10.45
C MET A 413 37.58 -20.84 10.47
N GLY A 414 37.91 -20.35 11.67
CA GLY A 414 38.36 -18.99 11.83
C GLY A 414 39.85 -18.84 11.65
N ASN A 415 40.31 -17.59 11.65
CA ASN A 415 41.71 -17.28 11.45
C ASN A 415 42.13 -16.15 12.37
N ALA A 416 43.44 -16.05 12.60
CA ALA A 416 43.99 -15.00 13.45
C ALA A 416 45.41 -14.69 12.98
N ILE A 417 45.66 -13.43 12.64
CA ILE A 417 46.95 -12.97 12.14
C ILE A 417 47.53 -11.99 13.15
N VAL A 418 48.72 -12.28 13.66
CA VAL A 418 49.38 -11.44 14.65
C VAL A 418 50.61 -10.79 14.02
N PHE A 419 51.13 -9.77 14.71
CA PHE A 419 52.30 -9.04 14.23
C PHE A 419 53.02 -8.46 15.45
N ASP A 420 54.10 -9.10 15.87
CA ASP A 420 54.97 -8.56 16.91
C ASP A 420 55.93 -7.58 16.25
N LYS A 421 55.79 -6.28 16.59
CA LYS A 421 56.62 -5.27 15.96
C LYS A 421 58.09 -5.48 16.28
N CYS A 422 58.40 -5.86 17.53
CA CYS A 422 59.78 -6.14 17.89
C CYS A 422 60.32 -7.35 17.14
N ALA A 423 59.50 -8.39 16.98
CA ALA A 423 59.94 -9.62 16.32
C ALA A 423 59.68 -9.63 14.82
N ASN A 424 58.85 -8.72 14.31
CA ASN A 424 58.54 -8.65 12.87
C ASN A 424 58.06 -9.99 12.34
N SER A 425 57.19 -10.65 13.11
CA SER A 425 56.72 -11.99 12.80
C SER A 425 55.21 -11.98 12.58
N TRP A 426 54.76 -12.62 11.51
CA TRP A 426 53.35 -12.86 11.24
C TRP A 426 53.07 -14.35 11.37
N GLN A 427 52.02 -14.68 12.13
CA GLN A 427 51.63 -16.06 12.36
C GLN A 427 50.12 -16.21 12.19
N TYR A 428 49.69 -17.44 11.91
CA TYR A 428 48.27 -17.74 11.73
C TYR A 428 47.93 -19.03 12.45
N LYS A 429 46.75 -19.06 13.07
CA LYS A 429 46.24 -20.26 13.71
C LYS A 429 44.75 -20.39 13.42
N GLU A 430 44.25 -21.62 13.53
CA GLU A 430 42.90 -21.96 13.13
C GLU A 430 42.04 -22.31 14.35
N PHE A 431 40.73 -22.11 14.21
CA PHE A 431 39.79 -22.42 15.28
C PHE A 431 38.39 -22.52 14.70
N GLN A 432 37.50 -23.14 15.46
CA GLN A 432 36.10 -23.29 15.08
C GLN A 432 35.30 -22.09 15.53
N TYR A 433 34.20 -21.81 14.81
CA TYR A 433 33.37 -20.66 15.14
C TYR A 433 31.88 -20.99 15.17
N LYS A 434 31.52 -22.27 15.39
CA LYS A 434 30.11 -22.66 15.43
C LYS A 434 29.55 -22.58 16.85
N GLU A 435 30.20 -23.25 17.81
CA GLU A 435 29.77 -23.15 19.20
C GLU A 435 29.89 -21.74 19.72
N LEU A 436 30.88 -20.99 19.22
CA LEU A 436 30.99 -19.58 19.59
C LEU A 436 29.76 -18.80 19.14
N PHE A 437 29.29 -19.05 17.91
CA PHE A 437 28.08 -18.41 17.43
C PHE A 437 26.87 -18.83 18.26
N GLU A 438 26.78 -20.13 18.58
CA GLU A 438 25.75 -20.63 19.48
C GLU A 438 25.67 -19.81 20.76
N VAL A 439 26.77 -19.78 21.51
CA VAL A 439 26.76 -19.14 22.83
C VAL A 439 26.65 -17.62 22.72
N PHE A 440 27.20 -17.02 21.66
CA PHE A 440 27.00 -15.59 21.46
C PHE A 440 25.53 -15.26 21.30
N LEU A 441 24.81 -16.01 20.47
CA LEU A 441 23.38 -15.78 20.34
C LEU A 441 22.64 -16.08 21.63
N THR A 442 23.08 -17.10 22.36
CA THR A 442 22.46 -17.42 23.64
C THR A 442 22.55 -16.23 24.60
N TRP A 443 23.76 -15.68 24.76
CA TRP A 443 23.94 -14.53 25.63
C TRP A 443 23.16 -13.33 25.13
N GLN A 444 23.17 -13.09 23.81
CA GLN A 444 22.48 -11.91 23.29
C GLN A 444 20.98 -11.98 23.54
N ALA A 445 20.38 -13.16 23.32
CA ALA A 445 18.95 -13.32 23.57
C ALA A 445 18.63 -13.19 25.05
N ASN A 446 19.40 -13.89 25.90
CA ASN A 446 19.09 -13.84 27.33
C ASN A 446 19.47 -12.51 27.96
N TYR A 447 20.20 -11.65 27.25
CA TYR A 447 20.46 -10.29 27.70
C TYR A 447 19.39 -9.32 27.21
N ASN A 448 18.92 -9.50 25.97
CA ASN A 448 17.81 -8.68 25.50
C ASN A 448 16.55 -8.92 26.32
N LEU A 449 16.29 -10.18 26.66
CA LEU A 449 15.12 -10.47 27.49
C LEU A 449 15.34 -10.03 28.93
N TYR A 450 16.50 -10.32 29.50
CA TYR A 450 16.83 -9.96 30.88
C TYR A 450 18.23 -9.37 30.90
N LYS A 451 18.31 -8.06 31.12
CA LYS A 451 19.57 -7.34 30.93
C LYS A 451 20.66 -7.83 31.88
N GLU A 452 20.46 -7.61 33.18
CA GLU A 452 21.51 -7.92 34.15
C GLU A 452 21.63 -9.40 34.44
N ASN A 453 20.59 -10.19 34.16
CA ASN A 453 20.61 -11.61 34.47
C ASN A 453 21.49 -12.42 33.53
N ALA A 454 22.02 -11.81 32.46
CA ALA A 454 22.89 -12.48 31.52
C ALA A 454 24.35 -12.45 31.96
N ALA A 455 24.62 -12.21 33.25
CA ALA A 455 25.99 -12.27 33.73
C ALA A 455 26.56 -13.68 33.63
N GLU A 456 25.73 -14.68 33.93
CA GLU A 456 26.16 -16.07 33.78
C GLU A 456 26.50 -16.39 32.34
N HIS A 457 25.75 -15.84 31.40
CA HIS A 457 26.03 -16.11 29.99
C HIS A 457 27.24 -15.33 29.50
N LEU A 458 27.51 -14.14 30.05
CA LEU A 458 28.81 -13.52 29.83
C LEU A 458 29.93 -14.41 30.31
N VAL A 459 29.78 -14.98 31.51
CA VAL A 459 30.81 -15.87 32.05
C VAL A 459 31.03 -17.05 31.12
N THR A 460 29.94 -17.67 30.65
CA THR A 460 30.05 -18.84 29.78
C THR A 460 30.70 -18.48 28.45
N LEU A 461 30.24 -17.39 27.81
CA LEU A 461 30.79 -17.00 26.52
C LEU A 461 32.27 -16.65 26.64
N CYS A 462 32.64 -15.84 27.62
CA CYS A 462 34.03 -15.45 27.78
C CYS A 462 34.89 -16.63 28.20
N LYS A 463 34.32 -17.60 28.92
CA LYS A 463 35.08 -18.77 29.30
C LYS A 463 35.35 -19.67 28.10
N LYS A 464 34.38 -19.82 27.22
CA LYS A 464 34.58 -20.71 26.08
C LYS A 464 35.31 -20.03 24.93
N ILE A 465 35.35 -18.69 24.91
CA ILE A 465 36.16 -18.01 23.90
C ILE A 465 37.61 -18.47 24.01
N GLY A 466 38.16 -18.47 25.23
CA GLY A 466 39.51 -18.97 25.41
C GLY A 466 39.66 -20.45 25.11
N GLU A 467 38.63 -21.24 25.41
CA GLU A 467 38.69 -22.66 25.11
C GLU A 467 38.78 -22.91 23.61
N THR A 468 37.98 -22.20 22.82
CA THR A 468 38.00 -22.33 21.37
C THR A 468 39.03 -21.43 20.70
N MET A 469 39.66 -20.53 21.45
CA MET A 469 40.64 -19.60 20.90
C MET A 469 41.84 -19.57 21.84
N PRO A 470 42.56 -20.69 21.98
CA PRO A 470 43.64 -20.74 22.97
C PRO A 470 44.89 -19.97 22.57
N PHE A 471 44.99 -19.53 21.31
CA PHE A 471 46.17 -18.82 20.85
C PHE A 471 46.28 -17.42 21.44
N LEU A 472 45.19 -16.88 21.99
CA LEU A 472 45.26 -15.55 22.59
C LEU A 472 46.21 -15.53 23.78
N PHE A 473 46.19 -16.58 24.60
CA PHE A 473 47.04 -16.67 25.77
C PHE A 473 48.38 -17.35 25.46
N CYS A 474 48.59 -17.81 24.24
CA CYS A 474 49.84 -18.46 23.89
C CYS A 474 50.96 -17.43 23.82
N ASP A 475 52.10 -17.74 24.44
CA ASP A 475 53.23 -16.81 24.44
C ASP A 475 53.78 -16.59 23.03
N ASN A 476 53.85 -17.66 22.23
CA ASN A 476 54.40 -17.52 20.89
C ASN A 476 53.50 -16.69 19.98
N PHE A 477 52.19 -16.73 20.19
CA PHE A 477 51.27 -16.00 19.34
C PHE A 477 51.19 -14.53 19.75
N ILE A 478 50.75 -14.27 20.97
CA ILE A 478 50.70 -12.93 21.54
C ILE A 478 51.54 -12.93 22.81
N PRO A 479 52.76 -12.39 22.76
CA PRO A 479 53.62 -12.41 23.94
C PRO A 479 53.09 -11.49 25.03
N ASN A 480 53.50 -11.80 26.27
CA ASN A 480 53.01 -11.06 27.42
C ASN A 480 53.49 -9.62 27.41
N GLY A 481 52.62 -8.72 27.87
CA GLY A 481 52.99 -7.34 28.09
C GLY A 481 52.66 -6.37 26.98
N LYS A 482 52.88 -6.78 25.74
CA LYS A 482 52.66 -5.90 24.60
C LYS A 482 51.17 -5.63 24.39
N ASP A 483 50.85 -4.39 24.02
CA ASP A 483 49.47 -3.99 23.81
C ASP A 483 48.88 -4.71 22.60
N VAL A 484 47.63 -5.14 22.73
CA VAL A 484 46.95 -5.95 21.73
C VAL A 484 45.86 -5.11 21.08
N LEU A 485 45.88 -5.04 19.76
CA LEU A 485 44.83 -4.38 18.99
C LEU A 485 44.11 -5.44 18.16
N PHE A 486 42.78 -5.44 18.24
CA PHE A 486 41.94 -6.45 17.62
C PHE A 486 41.20 -5.88 16.42
N VAL A 487 41.13 -6.65 15.35
CA VAL A 487 40.38 -6.29 14.15
C VAL A 487 39.45 -7.44 13.79
N PRO A 488 38.29 -7.55 14.46
CA PRO A 488 37.42 -8.73 14.23
C PRO A 488 36.73 -8.73 12.87
N HIS A 489 35.96 -9.78 12.58
CA HIS A 489 35.29 -9.94 11.28
C HIS A 489 33.87 -10.46 11.49
N ASP A 490 32.92 -9.54 11.66
CA ASP A 490 31.49 -9.77 11.47
C ASP A 490 30.85 -10.64 12.54
N PHE A 491 31.65 -11.26 13.39
CA PHE A 491 31.07 -12.01 14.51
C PHE A 491 31.77 -11.69 15.82
N LEU A 492 33.07 -11.42 15.76
CA LEU A 492 33.86 -11.18 16.96
C LEU A 492 33.85 -9.73 17.38
N HIS A 493 33.26 -8.83 16.58
CA HIS A 493 33.13 -7.44 16.98
C HIS A 493 32.27 -7.31 18.24
N ARG A 494 31.11 -7.98 18.25
CA ARG A 494 30.24 -7.94 19.41
C ARG A 494 30.78 -8.77 20.56
N LEU A 495 31.67 -9.70 20.31
CA LEU A 495 32.24 -10.51 21.37
C LEU A 495 33.18 -9.66 22.22
N PRO A 496 33.08 -9.74 23.56
CA PRO A 496 34.05 -9.05 24.43
C PRO A 496 35.36 -9.82 24.53
N LEU A 497 36.19 -9.66 23.49
CA LEU A 497 37.45 -10.41 23.43
C LEU A 497 38.41 -9.98 24.54
N HIS A 498 38.26 -8.75 25.05
CA HIS A 498 39.11 -8.29 26.15
C HIS A 498 38.84 -9.07 27.43
N GLY A 499 37.66 -9.66 27.57
CA GLY A 499 37.34 -10.43 28.76
C GLY A 499 37.43 -11.92 28.54
N SER A 500 38.09 -12.34 27.47
CA SER A 500 38.24 -13.75 27.17
C SER A 500 38.96 -14.46 28.31
N ILE A 501 38.47 -15.65 28.65
CA ILE A 501 38.98 -16.41 29.79
C ILE A 501 39.70 -17.65 29.26
N GLU A 502 40.96 -17.82 29.67
CA GLU A 502 41.74 -18.97 29.24
C GLU A 502 41.14 -20.26 29.76
N ASN A 503 41.26 -21.32 28.97
CA ASN A 503 40.75 -22.64 29.35
C ASN A 503 41.73 -23.27 30.34
N LYS A 504 41.66 -22.81 31.58
CA LYS A 504 42.50 -23.32 32.66
C LYS A 504 41.61 -23.61 33.86
N THR A 505 42.22 -24.19 34.90
CA THR A 505 41.48 -24.47 36.13
C THR A 505 41.00 -23.17 36.78
N ASN A 506 41.85 -22.16 36.80
CA ASN A 506 41.48 -20.84 37.33
C ASN A 506 41.99 -19.76 36.37
N GLY A 507 41.71 -19.95 35.09
CA GLY A 507 42.20 -19.06 34.05
C GLY A 507 41.83 -17.60 34.23
N LYS A 508 42.81 -16.72 34.07
CA LYS A 508 42.58 -15.29 34.24
C LYS A 508 41.98 -14.71 32.97
N LEU A 509 41.86 -13.38 32.91
CA LEU A 509 41.29 -12.70 31.77
C LEU A 509 42.38 -12.40 30.74
N PHE A 510 41.98 -11.74 29.65
CA PHE A 510 42.94 -11.26 28.66
C PHE A 510 43.41 -9.84 28.97
N LEU A 511 42.51 -9.00 29.47
CA LEU A 511 42.90 -7.65 29.88
C LEU A 511 43.79 -7.67 31.12
N GLU A 512 43.80 -8.78 31.86
CA GLU A 512 44.65 -8.87 33.05
C GLU A 512 46.12 -8.79 32.68
N ASN A 513 46.53 -9.50 31.63
CA ASN A 513 47.93 -9.59 31.22
C ASN A 513 48.19 -8.94 29.86
N HIS A 514 47.24 -8.19 29.31
CA HIS A 514 47.46 -7.43 28.09
C HIS A 514 46.60 -6.18 28.11
N SER A 515 46.99 -5.20 27.30
CA SER A 515 46.24 -3.96 27.13
C SER A 515 45.48 -4.04 25.81
N CYS A 516 44.16 -4.19 25.91
CA CYS A 516 43.33 -4.44 24.75
C CYS A 516 42.87 -3.14 24.11
N CYS A 517 42.83 -3.12 22.78
CA CYS A 517 42.28 -2.01 22.02
C CYS A 517 41.53 -2.58 20.82
N TYR A 518 40.34 -2.03 20.57
CA TYR A 518 39.49 -2.50 19.48
C TYR A 518 39.55 -1.52 18.32
N LEU A 519 39.34 -2.05 17.12
CA LEU A 519 39.31 -1.23 15.92
C LEU A 519 38.53 -1.97 14.84
N PRO A 520 37.47 -1.37 14.29
CA PRO A 520 36.64 -2.11 13.32
C PRO A 520 37.39 -2.57 12.08
N ALA A 521 38.41 -1.83 11.66
CA ALA A 521 39.20 -2.20 10.49
C ALA A 521 40.64 -1.75 10.76
N TRP A 522 41.45 -1.70 9.71
CA TRP A 522 42.81 -1.20 9.84
C TRP A 522 42.98 0.24 9.36
N SER A 523 42.22 0.65 8.35
CA SER A 523 42.31 2.02 7.86
C SER A 523 41.75 3.05 8.84
N PHE A 524 41.04 2.59 9.87
CA PHE A 524 40.58 3.53 10.91
C PHE A 524 41.77 4.17 11.62
N ALA A 525 42.80 3.38 11.92
CA ALA A 525 44.01 3.92 12.50
C ALA A 525 44.72 4.82 11.50
N SER A 526 45.20 5.97 11.98
CA SER A 526 45.88 6.92 11.12
C SER A 526 46.90 7.71 11.95
N GLU A 527 47.85 8.31 11.25
CA GLU A 527 48.90 9.10 11.91
C GLU A 527 48.52 10.57 11.95
N THR A 532 46.96 19.59 20.52
CA THR A 532 45.57 19.96 20.74
C THR A 532 45.40 20.68 22.07
N SER A 533 44.18 21.12 22.35
CA SER A 533 43.89 21.81 23.60
C SER A 533 44.02 20.86 24.78
N ASP A 534 44.41 21.42 25.93
CA ASP A 534 44.59 20.65 27.15
C ASP A 534 43.40 20.76 28.10
N GLU A 535 42.30 21.33 27.64
CA GLU A 535 41.13 21.50 28.48
C GLU A 535 40.35 20.18 28.59
N TYR A 536 39.28 20.21 29.39
CA TYR A 536 38.40 19.07 29.54
C TYR A 536 36.96 19.57 29.62
N VAL A 537 36.03 18.75 29.11
CA VAL A 537 34.62 19.10 29.10
C VAL A 537 33.81 17.93 29.65
N LEU A 538 32.63 18.24 30.17
CA LEU A 538 31.72 17.25 30.72
C LEU A 538 30.31 17.55 30.24
N LEU A 539 29.62 16.54 29.75
CA LEU A 539 28.22 16.64 29.35
C LEU A 539 27.43 15.64 30.17
N LYS A 540 26.54 16.14 31.03
CA LYS A 540 25.74 15.31 31.92
C LYS A 540 24.26 15.57 31.68
N ASN A 541 23.49 14.48 31.60
CA ASN A 541 22.04 14.59 31.48
C ASN A 541 21.32 13.61 32.39
N PHE A 542 21.99 13.13 33.44
CA PHE A 542 21.34 12.29 34.43
C PHE A 542 20.44 13.13 35.32
N ASP A 543 19.60 12.46 36.10
CA ASP A 543 18.80 13.14 37.10
C ASP A 543 19.68 13.71 38.19
N GLN A 544 19.27 14.87 38.72
CA GLN A 544 20.05 15.53 39.76
C GLN A 544 19.77 14.92 41.12
N GLY A 545 19.83 13.60 41.21
CA GLY A 545 19.68 12.91 42.47
C GLY A 545 20.82 11.94 42.71
N HIS A 546 21.54 11.61 41.64
CA HIS A 546 22.68 10.70 41.71
C HIS A 546 23.70 11.13 40.67
N PHE A 547 24.88 10.50 40.75
CA PHE A 547 26.00 10.79 39.86
C PHE A 547 26.39 12.27 39.94
N GLU A 548 26.59 12.73 41.18
CA GLU A 548 26.99 14.11 41.41
C GLU A 548 28.40 14.19 41.99
N THR A 549 28.64 13.56 43.15
CA THR A 549 29.93 13.53 43.82
C THR A 549 30.66 14.87 43.73
N LEU A 550 31.91 14.84 43.28
CA LEU A 550 32.66 16.05 42.97
C LEU A 550 32.94 16.17 41.48
N GLN A 551 32.55 15.17 40.68
CA GLN A 551 32.84 15.20 39.24
C GLN A 551 32.07 16.29 38.52
N ASN A 552 30.94 16.75 39.08
CA ASN A 552 30.20 17.83 38.44
C ASN A 552 30.97 19.14 38.50
N ASN A 553 31.66 19.40 39.60
CA ASN A 553 32.45 20.62 39.79
C ASN A 553 33.77 20.24 40.43
N GLN A 554 34.78 19.97 39.60
CA GLN A 554 36.13 19.67 40.06
C GLN A 554 37.15 20.35 39.15
N ILE A 555 36.89 21.62 38.81
CA ILE A 555 37.70 22.39 37.87
C ILE A 555 37.79 21.64 36.55
N TRP A 556 36.64 21.37 35.94
CA TRP A 556 36.61 20.63 34.67
C TRP A 556 37.00 21.53 33.50
N GLY A 557 36.19 22.56 33.25
CA GLY A 557 36.45 23.48 32.16
C GLY A 557 35.31 24.44 31.94
N THR A 558 35.63 25.70 31.67
CA THR A 558 34.62 26.72 31.42
C THR A 558 34.21 26.79 29.95
N GLN A 559 34.76 25.93 29.11
CA GLN A 559 34.45 26.00 27.67
C GLN A 559 33.07 25.45 27.37
N SER A 560 32.84 24.16 27.68
CA SER A 560 31.55 23.56 27.35
C SER A 560 31.07 22.56 28.39
N VAL A 561 31.59 22.61 29.62
CA VAL A 561 31.08 21.72 30.67
C VAL A 561 29.69 22.17 31.07
N LYS A 562 28.75 21.23 31.11
CA LYS A 562 27.35 21.57 31.32
C LYS A 562 26.68 20.54 32.21
N ASP A 563 25.54 20.94 32.78
CA ASP A 563 24.66 20.05 33.52
C ASP A 563 23.29 20.13 32.86
N GLY A 564 22.69 18.97 32.61
CA GLY A 564 21.47 18.93 31.81
C GLY A 564 21.74 19.39 30.40
N ALA A 565 22.81 18.89 29.80
CA ALA A 565 23.24 19.33 28.48
C ALA A 565 22.26 18.90 27.41
N SER A 566 22.34 19.57 26.26
CA SER A 566 21.48 19.31 25.11
C SER A 566 22.33 18.83 23.94
N SER A 567 21.64 18.43 22.87
CA SER A 567 22.33 17.92 21.69
C SER A 567 23.21 18.99 21.05
N ASP A 568 22.73 20.24 21.03
CA ASP A 568 23.49 21.32 20.41
C ASP A 568 24.80 21.58 21.14
N ASP A 569 24.84 21.32 22.44
CA ASP A 569 26.06 21.56 23.21
C ASP A 569 27.19 20.65 22.74
N LEU A 570 26.88 19.38 22.45
CA LEU A 570 27.88 18.45 21.96
C LEU A 570 28.42 18.84 20.59
N GLU A 571 27.68 19.65 19.83
CA GLU A 571 28.11 20.09 18.51
C GLU A 571 28.92 21.38 18.55
N ASN A 572 29.19 21.93 19.73
CA ASN A 572 30.00 23.13 19.89
C ASN A 572 31.07 22.84 20.94
N ILE A 573 32.18 22.25 20.50
CA ILE A 573 33.31 21.92 21.37
C ILE A 573 34.59 22.28 20.62
N ARG A 574 35.66 22.49 21.39
CA ARG A 574 36.93 22.97 20.84
C ARG A 574 38.03 21.92 20.94
N ASN A 575 37.71 20.68 20.58
CA ASN A 575 38.68 19.57 20.52
C ASN A 575 39.29 19.30 21.89
N ASN A 576 38.44 18.85 22.81
CA ASN A 576 38.83 18.49 24.16
C ASN A 576 38.50 17.02 24.42
N PRO A 577 39.18 16.40 25.39
CA PRO A 577 38.85 15.00 25.73
C PRO A 577 37.45 14.88 26.35
N ARG A 578 36.44 14.91 25.49
CA ARG A 578 35.05 14.97 25.94
C ARG A 578 34.70 13.77 26.82
N LEU A 579 34.07 14.05 27.95
CA LEU A 579 33.53 13.04 28.84
C LEU A 579 32.01 13.18 28.87
N LEU A 580 31.31 12.09 28.57
CA LEU A 580 29.87 12.11 28.37
C LEU A 580 29.22 11.04 29.23
N THR A 581 28.21 11.45 30.02
CA THR A 581 27.51 10.55 30.95
C THR A 581 26.00 10.70 30.80
N ILE A 582 25.44 9.96 29.85
CA ILE A 582 24.01 9.97 29.54
C ILE A 582 23.56 8.53 29.28
N LEU A 583 22.31 8.38 28.84
CA LEU A 583 21.74 7.08 28.50
C LEU A 583 21.74 6.89 26.99
N CYS A 584 22.04 5.67 26.56
CA CYS A 584 21.82 5.25 25.18
C CYS A 584 20.91 4.02 25.17
N HIS A 585 20.33 3.75 24.00
CA HIS A 585 19.38 2.65 23.84
C HIS A 585 19.89 1.58 22.91
N GLY A 586 20.29 1.93 21.69
CA GLY A 586 20.63 0.95 20.69
C GLY A 586 19.40 0.48 19.94
N GLU A 587 19.45 0.51 18.62
CA GLU A 587 18.32 0.18 17.78
C GLU A 587 18.51 -1.19 17.14
N ALA A 588 17.45 -2.00 17.16
CA ALA A 588 17.46 -3.34 16.58
C ALA A 588 18.60 -4.19 17.14
N PRO A 593 18.64 -0.49 13.36
CA PRO A 593 19.75 -0.09 12.49
C PRO A 593 20.86 0.63 13.26
N PHE A 594 21.51 1.57 12.59
CA PHE A 594 22.44 2.48 13.28
C PHE A 594 21.72 3.78 13.66
N ARG A 595 20.62 3.59 14.39
CA ARG A 595 19.85 4.69 14.98
C ARG A 595 19.94 4.67 16.50
N SER A 596 21.08 4.21 17.02
CA SER A 596 21.29 4.15 18.46
C SER A 596 21.39 5.56 19.01
N MET A 597 20.33 6.01 19.66
CA MET A 597 20.25 7.39 20.13
C MET A 597 21.04 7.56 21.42
N LEU A 598 21.36 8.82 21.71
CA LEU A 598 21.99 9.24 22.95
C LEU A 598 21.08 10.26 23.61
N LYS A 599 20.73 10.04 24.88
CA LYS A 599 19.59 10.71 25.49
C LYS A 599 19.93 12.13 25.96
N LEU A 600 20.47 12.92 25.03
CA LEU A 600 20.66 14.34 25.30
C LEU A 600 19.31 15.05 25.30
N ALA A 601 19.31 16.27 25.80
CA ALA A 601 18.09 17.08 25.80
C ALA A 601 17.70 17.42 24.36
N ASN A 602 16.47 17.93 24.21
CA ASN A 602 15.88 18.23 22.91
C ASN A 602 15.86 16.97 22.04
N GLY A 603 15.34 15.88 22.59
CA GLY A 603 15.27 14.62 21.89
C GLY A 603 16.50 13.75 22.11
N GLY A 604 17.63 14.17 21.57
CA GLY A 604 18.87 13.42 21.70
C GLY A 604 19.64 13.32 20.42
N ILE A 605 20.94 13.01 20.52
CA ILE A 605 21.82 12.92 19.37
C ILE A 605 21.95 11.45 18.97
N THR A 606 21.91 11.20 17.67
CA THR A 606 21.91 9.85 17.14
C THR A 606 23.20 9.62 16.35
N TYR A 607 23.46 8.34 16.04
CA TYR A 607 24.57 7.99 15.15
C TYR A 607 24.49 8.78 13.86
N LEU A 608 23.28 8.94 13.31
CA LEU A 608 23.06 9.82 12.17
C LEU A 608 23.56 11.23 12.48
N GLU A 609 23.12 11.80 13.60
CA GLU A 609 23.52 13.15 13.97
C GLU A 609 25.00 13.22 14.32
N ILE A 610 25.55 12.16 14.92
CA ILE A 610 26.97 12.16 15.24
C ILE A 610 27.80 12.25 13.96
N LEU A 611 27.42 11.48 12.93
CA LEU A 611 28.11 11.59 11.66
C LEU A 611 27.89 12.94 11.01
N ASN A 612 26.67 13.47 11.08
CA ASN A 612 26.35 14.67 10.30
C ASN A 612 26.95 15.94 10.90
N SER A 613 26.88 16.09 12.22
CA SER A 613 27.07 17.40 12.85
C SER A 613 28.33 17.52 13.69
N VAL A 614 28.75 16.46 14.39
CA VAL A 614 29.86 16.59 15.33
C VAL A 614 31.18 16.70 14.57
N LYS A 615 31.69 17.93 14.44
CA LYS A 615 32.94 18.20 13.74
C LYS A 615 33.98 18.83 14.67
N GLY A 616 33.82 18.68 15.98
CA GLY A 616 34.73 19.31 16.92
C GLY A 616 35.57 18.35 17.72
N LEU A 617 35.14 17.09 17.81
CA LEU A 617 35.81 16.09 18.62
C LEU A 617 36.95 15.40 17.89
N LYS A 618 37.49 16.00 16.84
CA LYS A 618 38.58 15.40 16.10
C LYS A 618 39.84 15.32 16.96
N GLY A 619 40.41 14.13 17.06
CA GLY A 619 41.60 13.92 17.85
C GLY A 619 41.36 13.79 19.34
N SER A 620 40.11 13.82 19.79
CA SER A 620 39.79 13.78 21.20
C SER A 620 39.88 12.35 21.74
N GLN A 621 39.97 12.25 23.06
CA GLN A 621 39.97 10.97 23.77
C GLN A 621 38.65 10.90 24.53
N VAL A 622 37.63 10.34 23.89
CA VAL A 622 36.28 10.34 24.44
C VAL A 622 36.18 9.30 25.54
N ILE A 623 35.60 9.70 26.68
CA ILE A 623 35.44 8.81 27.82
C ILE A 623 33.95 8.52 27.97
N LEU A 624 33.26 8.48 26.83
CA LEU A 624 31.82 8.24 26.78
C LEU A 624 31.41 7.04 27.64
N GLY A 625 30.58 7.31 28.64
CA GLY A 625 30.13 6.27 29.55
C GLY A 625 28.63 6.06 29.53
N ALA A 626 28.03 6.09 28.35
CA ALA A 626 26.59 5.87 28.22
C ALA A 626 26.30 4.38 28.11
N CYS A 627 25.19 3.96 28.71
CA CYS A 627 24.80 2.56 28.69
C CYS A 627 24.47 2.11 27.27
N GLU A 628 24.94 0.91 26.92
CA GLU A 628 24.65 0.27 25.64
C GLU A 628 25.09 1.15 24.47
N THR A 629 26.41 1.34 24.39
CA THR A 629 27.04 2.11 23.33
C THR A 629 27.85 1.26 22.36
N ASP A 630 28.80 0.47 22.88
CA ASP A 630 29.69 -0.28 22.01
C ASP A 630 29.01 -1.48 21.36
N LEU A 631 28.06 -2.10 22.06
CA LEU A 631 27.33 -3.25 21.53
C LEU A 631 25.99 -2.85 20.94
N VAL A 632 25.92 -1.66 20.35
CA VAL A 632 24.69 -1.24 19.65
C VAL A 632 24.33 -2.16 18.49
N PRO A 633 25.25 -2.59 17.63
CA PRO A 633 24.84 -3.37 16.47
C PRO A 633 24.17 -4.66 16.88
N PRO A 634 23.19 -5.12 16.10
CA PRO A 634 22.42 -6.32 16.48
C PRO A 634 23.26 -7.59 16.50
N LEU A 635 22.64 -8.69 16.91
CA LEU A 635 23.36 -9.96 17.04
C LEU A 635 23.83 -10.48 15.70
N SER A 636 22.96 -10.46 14.69
CA SER A 636 23.30 -11.03 13.39
C SER A 636 24.01 -10.01 12.52
N ASP A 637 24.88 -10.51 11.66
CA ASP A 637 25.70 -9.67 10.79
C ASP A 637 25.11 -9.63 9.38
N VAL A 638 25.41 -8.55 8.66
CA VAL A 638 24.95 -8.35 7.29
C VAL A 638 26.12 -8.10 6.35
N MET A 639 27.06 -7.23 6.74
CA MET A 639 28.11 -6.80 5.83
C MET A 639 29.47 -6.67 6.54
N ASP A 640 29.56 -7.06 7.81
CA ASP A 640 30.77 -6.92 8.62
C ASP A 640 31.08 -5.45 8.94
N GLU A 641 30.03 -4.63 9.07
CA GLU A 641 30.18 -3.23 9.44
C GLU A 641 29.69 -3.03 10.86
N HIS A 642 30.51 -2.38 11.68
CA HIS A 642 30.18 -2.13 13.08
C HIS A 642 29.54 -0.74 13.19
N TYR A 643 28.38 -0.68 13.84
CA TYR A 643 27.54 0.50 13.83
C TYR A 643 27.24 1.00 15.25
N SER A 644 28.27 1.05 16.09
CA SER A 644 28.08 1.54 17.45
C SER A 644 28.29 3.05 17.52
N VAL A 645 27.80 3.64 18.61
CA VAL A 645 28.01 5.07 18.84
C VAL A 645 29.49 5.36 19.03
N ALA A 646 30.19 4.49 19.75
CA ALA A 646 31.64 4.64 19.89
C ALA A 646 32.32 4.55 18.54
N THR A 647 31.84 3.66 17.68
CA THR A 647 32.38 3.58 16.32
C THR A 647 32.14 4.88 15.56
N ALA A 648 30.97 5.49 15.74
CA ALA A 648 30.68 6.77 15.09
C ALA A 648 31.64 7.86 15.56
N LEU A 649 31.86 7.94 16.87
CA LEU A 649 32.79 8.94 17.39
C LEU A 649 34.20 8.69 16.90
N LEU A 650 34.63 7.43 16.85
CA LEU A 650 35.94 7.10 16.30
C LEU A 650 36.01 7.46 14.82
N LEU A 651 34.90 7.36 14.10
CA LEU A 651 34.89 7.60 12.67
C LEU A 651 34.98 9.09 12.37
N ILE A 652 34.29 9.93 13.14
CA ILE A 652 34.32 11.37 12.89
C ILE A 652 35.68 11.99 13.20
N GLY A 653 36.57 11.26 13.86
CA GLY A 653 37.92 11.75 14.05
C GLY A 653 38.50 11.61 15.44
N ALA A 654 37.81 10.90 16.33
CA ALA A 654 38.32 10.71 17.68
C ALA A 654 39.54 9.80 17.68
N ALA A 655 40.46 10.07 18.60
CA ALA A 655 41.66 9.26 18.74
C ALA A 655 41.48 8.06 19.67
N GLY A 656 40.34 7.96 20.35
CA GLY A 656 40.07 6.84 21.21
C GLY A 656 38.81 7.01 22.02
N VAL A 657 37.99 5.96 22.10
CA VAL A 657 36.72 6.00 22.81
C VAL A 657 36.63 4.77 23.70
N VAL A 658 36.43 4.97 24.99
CA VAL A 658 36.14 3.86 25.91
C VAL A 658 34.62 3.72 25.96
N GLY A 659 34.08 3.01 24.97
CA GLY A 659 32.66 2.82 24.88
C GLY A 659 32.17 1.66 25.73
N THR A 660 30.90 1.74 26.12
CA THR A 660 30.26 0.71 26.93
C THR A 660 29.48 -0.22 26.01
N MET A 661 29.71 -1.53 26.15
CA MET A 661 29.02 -2.48 25.29
C MET A 661 27.55 -2.58 25.66
N TRP A 662 27.25 -3.01 26.87
CA TRP A 662 25.89 -3.19 27.35
C TRP A 662 25.57 -2.20 28.46
N LYS A 663 24.41 -2.38 29.09
CA LYS A 663 23.98 -1.51 30.17
C LYS A 663 25.04 -1.43 31.26
N VAL A 664 25.35 -0.19 31.67
CA VAL A 664 26.29 0.03 32.75
C VAL A 664 25.57 0.77 33.88
N ARG A 665 26.28 1.05 34.96
CA ARG A 665 25.72 1.73 36.11
C ARG A 665 26.42 3.07 36.32
N SER A 666 25.77 3.94 37.08
CA SER A 666 26.30 5.29 37.31
C SER A 666 27.62 5.25 38.07
N ASN A 667 27.73 4.35 39.06
CA ASN A 667 28.94 4.31 39.87
C ASN A 667 30.16 3.91 39.02
N LYS A 668 29.99 2.94 38.12
CA LYS A 668 31.09 2.54 37.25
C LYS A 668 31.51 3.66 36.32
N THR A 669 30.54 4.38 35.76
CA THR A 669 30.86 5.50 34.89
C THR A 669 31.58 6.60 35.66
N LYS A 670 31.16 6.86 36.90
CA LYS A 670 31.84 7.85 37.73
C LYS A 670 33.27 7.41 38.04
N SER A 671 33.47 6.13 38.35
CA SER A 671 34.81 5.63 38.64
C SER A 671 35.71 5.76 37.42
N LEU A 672 35.18 5.45 36.23
CA LEU A 672 35.95 5.64 35.00
C LEU A 672 36.26 7.12 34.78
N ILE A 673 35.29 8.00 35.04
CA ILE A 673 35.52 9.43 34.93
C ILE A 673 36.52 9.90 35.96
N GLU A 674 36.42 9.39 37.19
CA GLU A 674 37.35 9.74 38.25
C GLU A 674 38.78 9.32 37.91
N TRP A 675 38.95 8.37 36.99
CA TRP A 675 40.28 7.91 36.58
C TRP A 675 40.93 9.00 35.72
N LYS A 676 41.45 10.01 36.41
CA LYS A 676 42.16 11.13 35.77
C LYS A 676 43.67 11.00 35.93
N LEU A 677 44.18 9.76 36.01
CA LEU A 677 45.62 9.55 36.12
C LEU A 677 46.36 10.08 34.90
N GLU A 678 45.83 9.81 33.71
CA GLU A 678 46.42 10.31 32.47
C GLU A 678 45.36 10.26 31.39
N ASN A 679 44.98 11.42 30.88
CA ASN A 679 43.96 11.49 29.83
C ASN A 679 44.52 12.14 28.57
N LEU A 684 41.98 2.73 33.13
CA LEU A 684 41.26 2.05 32.07
C LEU A 684 41.32 0.55 32.26
N ASN A 685 42.33 -0.10 31.67
CA ASN A 685 42.50 -1.53 31.85
C ASN A 685 42.91 -1.86 33.29
N GLU A 686 43.88 -1.10 33.82
CA GLU A 686 44.22 -1.26 35.23
C GLU A 686 43.02 -0.92 36.13
N TRP A 687 42.20 0.03 35.70
CA TRP A 687 40.96 0.31 36.42
C TRP A 687 40.06 -0.91 36.43
N GLN A 688 39.96 -1.61 35.29
CA GLN A 688 39.15 -2.83 35.24
C GLN A 688 39.71 -3.91 36.14
N LYS A 689 41.05 -4.02 36.20
CA LYS A 689 41.66 -4.97 37.12
C LYS A 689 41.33 -4.63 38.57
N GLU A 690 41.39 -3.35 38.92
CA GLU A 690 41.18 -2.95 40.31
C GLU A 690 39.72 -3.08 40.73
N THR A 691 38.78 -2.81 39.81
CA THR A 691 37.36 -2.84 40.18
C THR A 691 36.90 -4.23 40.58
N GLY A 692 37.52 -5.27 40.04
CA GLY A 692 37.12 -6.62 40.37
C GLY A 692 36.72 -7.44 39.16
N GLY A 693 37.28 -7.11 38.00
CA GLY A 693 37.02 -7.87 36.79
C GLY A 693 37.57 -9.28 36.82
N ALA A 694 38.41 -9.60 37.80
CA ALA A 694 38.98 -10.93 37.94
C ALA A 694 38.10 -11.87 38.76
N ALA A 695 36.95 -11.39 39.25
CA ALA A 695 36.06 -12.17 40.10
C ALA A 695 34.84 -12.67 39.34
N TYR A 696 35.02 -13.06 38.07
CA TYR A 696 33.90 -13.58 37.29
C TYR A 696 33.35 -14.87 37.89
N LYS A 697 34.19 -15.65 38.56
CA LYS A 697 33.78 -16.89 39.18
C LYS A 697 33.32 -16.71 40.62
N ASP A 698 33.46 -15.52 41.20
CA ASP A 698 33.01 -15.24 42.54
C ASP A 698 31.71 -14.44 42.57
N HIS A 699 31.50 -13.55 41.61
CA HIS A 699 30.28 -12.75 41.53
C HIS A 699 30.05 -12.31 40.10
N PRO A 700 29.25 -13.03 39.32
CA PRO A 700 28.98 -12.64 37.94
C PRO A 700 28.38 -11.25 37.82
N PRO A 701 27.54 -10.79 38.77
CA PRO A 701 27.03 -9.41 38.65
C PRO A 701 28.11 -8.34 38.58
N THR A 702 29.19 -8.45 39.35
CA THR A 702 30.23 -7.43 39.28
C THR A 702 31.09 -7.58 38.04
N PHE A 703 31.11 -8.76 37.42
CA PHE A 703 31.74 -8.94 36.13
C PHE A 703 30.89 -8.35 35.01
N TYR A 704 29.57 -8.31 35.21
CA TYR A 704 28.67 -7.74 34.21
C TYR A 704 28.97 -6.26 33.97
N ARG A 705 29.19 -5.50 35.04
CA ARG A 705 29.28 -4.05 34.97
C ARG A 705 30.71 -3.55 34.87
N SER A 706 31.68 -4.43 34.68
CA SER A 706 33.08 -4.04 34.58
C SER A 706 33.61 -4.09 33.14
N ILE A 707 33.48 -5.25 32.48
CA ILE A 707 34.04 -5.41 31.13
C ILE A 707 33.18 -4.78 30.04
N ALA A 708 32.08 -4.13 30.40
CA ALA A 708 31.27 -3.46 29.39
C ALA A 708 32.06 -2.35 28.72
N PHE A 709 32.86 -1.62 29.48
CA PHE A 709 33.73 -0.60 28.90
C PHE A 709 34.86 -1.29 28.13
N ARG A 710 35.03 -0.90 26.87
CA ARG A 710 36.07 -1.44 26.02
C ARG A 710 36.80 -0.29 25.34
N SER A 711 38.09 -0.52 25.07
CA SER A 711 38.94 0.50 24.46
C SER A 711 38.80 0.41 22.94
N ILE A 712 38.34 1.49 22.33
CA ILE A 712 38.14 1.57 20.89
C ILE A 712 39.01 2.70 20.35
N GLY A 713 39.87 2.39 19.40
CA GLY A 713 40.75 3.37 18.80
C GLY A 713 42.20 2.91 18.83
N PHE A 714 43.02 3.67 18.08
CA PHE A 714 44.44 3.39 17.97
C PHE A 714 45.22 4.69 18.15
N PRO A 715 46.26 4.72 18.98
CA PRO A 715 47.08 5.91 19.18
C PRO A 715 48.11 6.11 18.08
N MET D 6 -2.47 -46.58 29.69
CA MET D 6 -3.72 -45.84 29.81
C MET D 6 -4.00 -45.03 28.55
N ASN D 7 -4.97 -45.47 27.77
CA ASN D 7 -5.35 -44.80 26.53
C ASN D 7 -6.31 -43.66 26.85
N ILE D 8 -5.99 -42.46 26.37
CA ILE D 8 -6.78 -41.26 26.60
C ILE D 8 -7.28 -40.76 25.26
N THR D 9 -8.59 -40.58 25.14
CA THR D 9 -9.20 -40.08 23.91
C THR D 9 -9.11 -38.56 23.91
N VAL D 10 -8.53 -37.99 22.86
CA VAL D 10 -8.30 -36.55 22.76
C VAL D 10 -9.16 -36.00 21.64
N GLU D 11 -9.90 -34.93 21.94
CA GLU D 11 -10.77 -34.27 20.98
C GLU D 11 -10.37 -32.80 20.85
N LEU D 12 -10.77 -32.20 19.74
CA LEU D 12 -10.51 -30.79 19.49
C LEU D 12 -11.82 -30.03 19.32
N THR D 13 -11.77 -28.73 19.62
CA THR D 13 -12.89 -27.81 19.39
C THR D 13 -12.28 -26.46 19.03
N PHE D 14 -12.15 -26.21 17.72
CA PHE D 14 -11.57 -24.97 17.24
C PHE D 14 -12.59 -23.85 17.27
N PHE D 15 -12.18 -22.67 17.73
CA PHE D 15 -13.07 -21.53 17.90
C PHE D 15 -12.76 -20.37 16.96
N GLU D 16 -11.81 -20.53 16.05
CA GLU D 16 -11.56 -19.56 15.00
C GLU D 16 -11.10 -20.30 13.76
N PRO D 17 -11.30 -19.72 12.58
CA PRO D 17 -10.94 -20.41 11.33
C PRO D 17 -9.47 -20.82 11.32
N TYR D 18 -9.24 -22.13 11.21
CA TYR D 18 -7.90 -22.68 11.15
C TYR D 18 -7.53 -22.99 9.70
N ARG D 19 -6.35 -23.56 9.51
CA ARG D 19 -5.81 -23.84 8.19
C ARG D 19 -5.33 -25.27 8.09
N LEU D 20 -5.44 -25.83 6.88
CA LEU D 20 -5.03 -27.19 6.59
C LEU D 20 -4.32 -27.20 5.24
N VAL D 21 -3.42 -28.17 5.06
CA VAL D 21 -2.59 -28.25 3.87
C VAL D 21 -2.65 -29.67 3.30
N GLU D 22 -2.12 -29.83 2.09
CA GLU D 22 -2.04 -31.13 1.46
C GLU D 22 -1.06 -32.03 2.22
N TRP D 23 -1.32 -33.35 2.13
CA TRP D 23 -0.53 -34.33 2.87
C TRP D 23 0.93 -34.30 2.44
N PHE D 24 1.19 -34.68 1.19
CA PHE D 24 2.56 -34.87 0.67
C PHE D 24 3.25 -35.88 1.59
N ASP D 25 4.55 -35.73 1.84
CA ASP D 25 5.28 -36.60 2.75
C ASP D 25 6.58 -35.92 3.10
N TRP D 26 7.30 -36.48 4.07
CA TRP D 26 8.56 -35.88 4.50
C TRP D 26 9.55 -35.77 3.34
N ASP D 27 9.55 -36.77 2.44
CA ASP D 27 10.35 -36.64 1.23
C ASP D 27 9.72 -35.67 0.23
N ALA D 28 8.39 -35.57 0.23
CA ALA D 28 7.67 -34.73 -0.72
C ALA D 28 7.37 -33.34 -0.18
N ARG D 29 7.61 -33.08 1.11
CA ARG D 29 7.38 -31.75 1.65
C ARG D 29 8.34 -30.74 1.05
N LYS D 30 9.59 -31.16 0.79
CA LYS D 30 10.57 -30.25 0.22
C LYS D 30 10.24 -29.87 -1.22
N LYS D 31 9.56 -30.75 -1.96
CA LYS D 31 9.25 -30.45 -3.35
C LYS D 31 8.23 -29.32 -3.48
N SER D 32 7.27 -29.28 -2.55
CA SER D 32 6.21 -28.28 -2.58
C SER D 32 6.41 -27.27 -1.47
N HIS D 33 6.55 -25.99 -1.84
CA HIS D 33 6.81 -24.94 -0.86
C HIS D 33 5.65 -24.77 0.11
N SER D 34 4.40 -24.92 -0.36
CA SER D 34 3.25 -24.75 0.51
C SER D 34 3.24 -25.78 1.63
N ALA D 35 3.59 -27.04 1.32
CA ALA D 35 3.60 -28.07 2.34
C ALA D 35 4.65 -27.80 3.40
N MET D 36 5.83 -27.36 2.98
CA MET D 36 6.87 -26.97 3.95
C MET D 36 6.40 -25.79 4.79
N ARG D 37 5.74 -24.82 4.17
CA ARG D 37 5.20 -23.69 4.91
C ARG D 37 4.12 -24.13 5.89
N GLY D 38 3.24 -25.04 5.47
CA GLY D 38 2.14 -25.44 6.30
C GLY D 38 2.38 -26.70 7.10
N GLN D 39 3.63 -26.89 7.56
CA GLN D 39 3.91 -28.03 8.43
C GLN D 39 3.14 -27.93 9.73
N ALA D 40 3.06 -26.73 10.31
CA ALA D 40 2.31 -26.50 11.54
C ALA D 40 0.81 -26.42 11.34
N PHE D 41 0.32 -26.77 10.15
CA PHE D 41 -1.10 -26.76 9.84
C PHE D 41 -1.65 -28.18 9.80
N ALA D 42 -2.97 -28.27 9.77
CA ALA D 42 -3.63 -29.55 9.61
C ALA D 42 -3.34 -30.13 8.22
N GLN D 43 -3.60 -31.42 8.07
CA GLN D 43 -3.28 -32.14 6.85
C GLN D 43 -4.55 -32.59 6.14
N TRP D 44 -4.54 -32.48 4.82
CA TRP D 44 -5.66 -32.89 3.98
C TRP D 44 -5.21 -33.98 3.02
N THR D 45 -6.12 -34.91 2.73
CA THR D 45 -5.84 -36.03 1.85
C THR D 45 -6.85 -36.06 0.70
N TRP D 46 -6.44 -36.64 -0.41
CA TRP D 46 -7.31 -36.84 -1.57
C TRP D 46 -7.62 -38.32 -1.71
N LYS D 47 -8.90 -38.66 -1.65
CA LYS D 47 -9.33 -40.05 -1.77
C LYS D 47 -10.05 -40.29 -3.09
N ALA D 53 -12.62 -34.45 -3.28
CA ALA D 53 -13.14 -34.89 -1.98
C ALA D 53 -12.14 -35.79 -1.28
N GLY D 54 -12.06 -35.65 0.05
CA GLY D 54 -11.12 -36.45 0.81
C GLY D 54 -11.38 -36.31 2.30
N LYS D 55 -10.51 -36.93 3.08
CA LYS D 55 -10.58 -36.86 4.53
C LYS D 55 -9.58 -35.85 5.07
N SER D 56 -9.77 -35.46 6.33
CA SER D 56 -8.92 -34.48 6.99
C SER D 56 -8.54 -34.99 8.37
N PHE D 57 -7.37 -34.54 8.83
CA PHE D 57 -6.83 -34.94 10.13
C PHE D 57 -5.69 -34.00 10.47
N ILE D 58 -5.13 -34.16 11.67
CA ILE D 58 -3.92 -33.47 12.08
C ILE D 58 -2.93 -34.49 12.58
N THR D 59 -1.66 -34.28 12.27
CA THR D 59 -0.63 -35.25 12.64
C THR D 59 -0.42 -35.29 14.14
N GLY D 60 -0.10 -36.47 14.65
CA GLY D 60 0.22 -36.60 16.06
C GLY D 60 1.52 -35.93 16.43
N THR D 61 2.42 -35.78 15.46
CA THR D 61 3.67 -35.08 15.73
C THR D 61 3.45 -33.59 15.95
N LEU D 62 2.45 -33.01 15.28
CA LEU D 62 2.19 -31.58 15.44
C LEU D 62 1.62 -31.28 16.83
N VAL D 63 0.63 -32.07 17.25
CA VAL D 63 0.11 -31.92 18.60
C VAL D 63 1.17 -32.32 19.62
N ARG D 64 2.08 -33.23 19.26
CA ARG D 64 3.19 -33.54 20.14
C ARG D 64 4.09 -32.34 20.35
N SER D 65 4.40 -31.62 19.27
CA SER D 65 5.21 -30.41 19.39
C SER D 65 4.49 -29.34 20.21
N ALA D 66 3.18 -29.20 19.99
CA ALA D 66 2.40 -28.26 20.79
C ALA D 66 2.44 -28.63 22.26
N VAL D 67 2.31 -29.92 22.57
CA VAL D 67 2.32 -30.38 23.96
C VAL D 67 3.71 -30.18 24.57
N ILE D 68 4.76 -30.37 23.77
CA ILE D 68 6.12 -30.16 24.26
C ILE D 68 6.35 -28.69 24.59
N LYS D 69 5.91 -27.80 23.70
CA LYS D 69 6.01 -26.37 24.00
C LYS D 69 5.20 -26.03 25.24
N ALA D 70 4.01 -26.61 25.37
CA ALA D 70 3.17 -26.35 26.53
C ALA D 70 3.85 -26.79 27.81
N VAL D 71 4.46 -27.98 27.83
CA VAL D 71 5.07 -28.48 29.06
C VAL D 71 6.30 -27.67 29.40
N GLU D 72 7.13 -27.31 28.40
CA GLU D 72 8.32 -26.54 28.71
C GLU D 72 7.97 -25.16 29.23
N GLU D 73 6.99 -24.48 28.61
CA GLU D 73 6.58 -23.17 29.11
C GLU D 73 5.92 -23.28 30.47
N LEU D 74 5.09 -24.30 30.67
CA LEU D 74 4.39 -24.47 31.93
C LEU D 74 5.36 -24.76 33.07
N LEU D 75 6.39 -25.56 32.81
CA LEU D 75 7.36 -25.87 33.86
C LEU D 75 8.33 -24.73 34.10
N SER D 76 8.65 -23.93 33.06
CA SER D 76 9.40 -22.71 33.29
C SER D 76 8.60 -21.72 34.12
N LEU D 77 7.27 -21.74 33.97
CA LEU D 77 6.41 -20.88 34.77
C LEU D 77 6.56 -21.19 36.26
N ASN D 78 6.65 -22.47 36.60
CA ASN D 78 6.75 -22.91 37.99
C ASN D 78 8.17 -23.27 38.39
N ASN D 79 9.16 -22.70 37.71
CA ASN D 79 10.58 -22.89 38.04
C ASN D 79 10.98 -24.36 38.03
N GLY D 80 10.39 -25.14 37.13
CA GLY D 80 10.77 -26.52 36.95
C GLY D 80 10.26 -27.48 38.01
N LYS D 81 9.41 -27.02 38.93
CA LYS D 81 8.86 -27.86 39.98
C LYS D 81 7.36 -27.98 39.78
N TRP D 82 6.86 -29.21 39.87
CA TRP D 82 5.45 -29.49 39.59
C TRP D 82 4.97 -30.56 40.55
N GLU D 83 4.31 -30.13 41.65
CA GLU D 83 3.88 -31.00 42.73
C GLU D 83 4.99 -31.96 43.17
N GLY D 84 6.06 -31.39 43.69
CA GLY D 84 7.13 -32.16 44.32
C GLY D 84 8.24 -32.70 43.45
N VAL D 85 7.88 -33.39 42.38
CA VAL D 85 8.92 -34.03 41.55
C VAL D 85 9.69 -32.95 40.78
N PRO D 86 11.01 -32.92 40.89
CA PRO D 86 11.79 -31.95 40.10
C PRO D 86 12.05 -32.46 38.70
N CYS D 87 12.27 -31.51 37.79
CA CYS D 87 12.52 -31.83 36.40
C CYS D 87 13.85 -31.25 35.96
N CYS D 88 14.46 -31.88 34.97
CA CYS D 88 15.75 -31.47 34.45
C CYS D 88 15.58 -30.72 33.13
N ASN D 89 16.70 -30.35 32.52
CA ASN D 89 16.67 -29.51 31.33
C ASN D 89 16.07 -30.24 30.13
N GLY D 90 16.20 -31.56 30.08
CA GLY D 90 15.85 -32.29 28.88
C GLY D 90 16.94 -32.18 27.84
N SER D 91 16.60 -32.62 26.62
CA SER D 91 17.54 -32.57 25.51
C SER D 91 16.81 -32.20 24.23
N PHE D 92 17.40 -31.28 23.45
CA PHE D 92 16.85 -30.88 22.17
C PHE D 92 17.93 -30.81 21.10
N GLN D 93 19.07 -31.48 21.31
CA GLN D 93 20.17 -31.50 20.37
C GLN D 93 20.39 -32.92 19.89
N THR D 94 20.45 -33.12 18.58
CA THR D 94 20.63 -34.42 17.96
C THR D 94 21.92 -34.44 17.14
N ASP D 95 22.17 -35.58 16.51
CA ASP D 95 23.38 -35.81 15.72
C ASP D 95 24.65 -35.58 16.54
N GLU D 96 24.57 -35.82 17.85
CA GLU D 96 25.75 -35.69 18.69
C GLU D 96 26.70 -36.88 18.52
N SER D 97 26.17 -38.07 18.26
CA SER D 97 26.99 -39.26 18.08
C SER D 97 26.87 -39.87 16.69
N LYS D 98 25.65 -40.18 16.24
CA LYS D 98 25.47 -40.89 14.98
C LYS D 98 24.74 -40.04 13.94
N GLY D 99 23.54 -39.55 14.24
CA GLY D 99 22.78 -38.79 13.26
C GLY D 99 21.29 -38.97 13.37
N LYS D 100 20.63 -39.19 12.23
CA LYS D 100 19.17 -39.34 12.17
C LYS D 100 18.48 -38.10 12.72
N LYS D 101 18.66 -36.98 12.03
CA LYS D 101 18.10 -35.72 12.48
C LYS D 101 16.58 -35.78 12.48
N PRO D 102 15.92 -35.14 13.45
CA PRO D 102 14.45 -35.14 13.47
C PRO D 102 13.90 -34.44 12.24
N SER D 103 12.68 -34.86 11.85
CA SER D 103 12.04 -34.30 10.67
C SER D 103 11.73 -32.81 10.82
N PHE D 104 11.76 -32.29 12.04
CA PHE D 104 11.43 -30.89 12.31
C PHE D 104 12.61 -30.20 12.97
N LEU D 105 12.79 -28.93 12.64
CA LEU D 105 13.89 -28.12 13.18
C LEU D 105 13.31 -26.99 14.02
N ARG D 106 13.93 -26.73 15.17
CA ARG D 106 13.36 -25.80 16.13
C ARG D 106 13.65 -24.35 15.77
N LYS D 107 14.94 -23.98 15.76
CA LYS D 107 15.39 -22.60 15.54
C LYS D 107 14.64 -21.60 16.44
N ARG D 108 14.23 -22.06 17.62
CA ARG D 108 13.48 -21.25 18.57
C ARG D 108 14.20 -21.23 19.92
N HIS D 109 14.05 -20.11 20.64
CA HIS D 109 14.65 -19.95 21.96
C HIS D 109 13.97 -20.90 22.94
N THR D 110 14.61 -22.03 23.21
CA THR D 110 14.11 -22.93 24.23
C THR D 110 14.27 -22.31 25.61
N LEU D 111 13.23 -22.43 26.43
CA LEU D 111 13.23 -21.85 27.77
C LEU D 111 13.92 -22.82 28.72
N GLN D 112 15.14 -22.46 29.14
CA GLN D 112 15.90 -23.29 30.07
C GLN D 112 15.86 -22.71 31.47
N TRP D 113 16.38 -23.48 32.41
CA TRP D 113 16.06 -23.35 33.82
C TRP D 113 17.30 -22.95 34.61
N GLN D 114 17.06 -22.53 35.86
CA GLN D 114 18.13 -22.09 36.74
C GLN D 114 19.11 -23.22 37.03
N ALA D 115 18.65 -24.27 37.72
CA ALA D 115 19.49 -25.41 38.04
C ALA D 115 18.96 -26.70 37.42
N ASN D 116 17.71 -27.08 37.73
CA ASN D 116 17.09 -28.30 37.23
C ASN D 116 17.96 -29.52 37.52
N ASN D 117 18.58 -29.53 38.70
CA ASN D 117 19.55 -30.55 39.08
C ASN D 117 18.91 -31.52 40.07
N LYS D 118 18.45 -32.66 39.56
CA LYS D 118 17.95 -33.75 40.38
C LYS D 118 18.82 -35.00 40.27
N ASN D 119 19.02 -35.52 39.06
CA ASN D 119 19.87 -36.67 38.82
C ASN D 119 20.10 -36.78 37.31
N ILE D 120 21.16 -37.48 36.94
CA ILE D 120 21.46 -37.74 35.54
C ILE D 120 20.51 -38.84 35.08
N CYS D 121 19.40 -38.44 34.46
CA CYS D 121 18.35 -39.38 34.12
C CYS D 121 18.77 -40.29 32.97
N ASP D 122 18.58 -41.58 33.16
CA ASP D 122 18.85 -42.61 32.16
C ASP D 122 17.58 -43.43 31.95
N LYS D 123 17.69 -44.56 31.26
CA LYS D 123 16.51 -45.36 30.97
C LYS D 123 16.14 -46.22 32.17
N GLU D 124 16.11 -45.62 33.35
CA GLU D 124 15.55 -46.23 34.56
C GLU D 124 14.60 -45.31 35.30
N GLU D 125 14.90 -44.01 35.35
CA GLU D 125 14.13 -43.05 36.12
C GLU D 125 13.91 -41.78 35.30
N ALA D 126 13.44 -41.94 34.06
CA ALA D 126 13.26 -40.81 33.17
C ALA D 126 12.33 -39.77 33.78
N CYS D 127 12.69 -38.50 33.62
CA CYS D 127 11.93 -37.41 34.18
C CYS D 127 10.58 -37.28 33.46
N PRO D 128 9.59 -36.65 34.10
CA PRO D 128 8.28 -36.49 33.45
C PRO D 128 8.36 -35.79 32.10
N PHE D 129 9.12 -34.70 32.01
CA PHE D 129 9.31 -34.06 30.71
C PHE D 129 10.06 -34.97 29.76
N CYS D 130 11.07 -35.70 30.28
CA CYS D 130 11.82 -36.62 29.43
C CYS D 130 10.93 -37.74 28.91
N ILE D 131 10.08 -38.32 29.78
CA ILE D 131 9.24 -39.42 29.33
C ILE D 131 8.17 -38.91 28.38
N LEU D 132 7.66 -37.70 28.60
CA LEU D 132 6.76 -37.10 27.62
C LEU D 132 7.46 -36.84 26.29
N LEU D 133 8.77 -36.61 26.31
CA LEU D 133 9.55 -36.49 25.09
C LEU D 133 9.81 -37.83 24.43
N GLY D 134 9.57 -38.94 25.13
CA GLY D 134 9.84 -40.26 24.57
C GLY D 134 11.32 -40.48 24.33
N ARG D 135 12.15 -40.14 25.32
CA ARG D 135 13.60 -40.21 25.13
C ARG D 135 14.11 -41.65 25.23
N PHE D 136 13.88 -42.30 26.37
CA PHE D 136 14.49 -43.59 26.68
C PHE D 136 13.60 -44.76 26.34
N ASP D 137 12.66 -44.59 25.41
CA ASP D 137 11.80 -45.67 24.98
C ASP D 137 12.43 -46.41 23.80
N ASN D 138 11.66 -47.27 23.15
CA ASN D 138 12.10 -47.95 21.94
C ASN D 138 11.70 -47.20 20.68
N ALA D 139 11.17 -45.98 20.83
CA ALA D 139 10.73 -45.21 19.68
C ALA D 139 11.90 -44.81 18.80
N GLY D 140 11.74 -44.98 17.49
CA GLY D 140 12.76 -44.66 16.52
C GLY D 140 12.47 -43.39 15.76
N LYS D 141 13.17 -43.22 14.64
CA LYS D 141 12.97 -42.04 13.80
C LYS D 141 12.97 -42.37 12.31
N VAL D 142 12.71 -43.62 11.94
CA VAL D 142 12.77 -43.99 10.53
C VAL D 142 11.35 -44.11 9.96
N HIS D 143 10.60 -45.12 10.41
CA HIS D 143 9.23 -45.23 9.95
C HIS D 143 8.22 -45.39 11.07
N GLU D 144 8.56 -46.17 12.11
CA GLU D 144 7.73 -46.60 13.25
C GLU D 144 7.94 -48.09 13.47
N ARG D 145 7.28 -48.91 12.66
CA ARG D 145 7.33 -50.37 12.63
C ARG D 145 6.62 -51.02 13.81
N ASN D 146 6.16 -50.26 14.79
CA ASN D 146 5.43 -50.80 15.94
C ASN D 146 4.93 -49.63 16.78
N LYS D 147 3.82 -49.87 17.48
CA LYS D 147 3.29 -48.89 18.44
C LYS D 147 3.76 -49.23 19.85
N ASP D 148 5.09 -49.28 20.01
CA ASP D 148 5.72 -49.61 21.27
C ASP D 148 6.23 -48.39 22.00
N TYR D 149 5.65 -47.22 21.75
CA TYR D 149 6.12 -46.00 22.38
C TYR D 149 5.75 -45.97 23.86
N ASP D 150 6.60 -45.35 24.67
CA ASP D 150 6.24 -45.10 26.06
C ASP D 150 5.04 -44.15 26.13
N ILE D 151 5.04 -43.11 25.30
CA ILE D 151 3.89 -42.23 25.14
C ILE D 151 3.64 -42.05 23.65
N HIS D 152 2.41 -42.32 23.22
CA HIS D 152 2.05 -42.29 21.81
C HIS D 152 1.07 -41.15 21.55
N PHE D 153 1.27 -40.44 20.44
CA PHE D 153 0.37 -39.37 20.01
C PHE D 153 -0.16 -39.76 18.63
N SER D 154 -1.33 -40.40 18.60
CA SER D 154 -1.93 -40.81 17.35
C SER D 154 -2.56 -39.63 16.63
N ASN D 155 -2.94 -39.85 15.38
CA ASN D 155 -3.56 -38.81 14.59
C ASN D 155 -4.97 -38.52 15.10
N PHE D 156 -5.40 -37.27 14.92
CA PHE D 156 -6.71 -36.81 15.35
C PHE D 156 -7.58 -36.62 14.11
N ASP D 157 -8.74 -37.27 14.10
CA ASP D 157 -9.62 -37.29 12.93
C ASP D 157 -10.94 -36.61 13.24
N LEU D 158 -11.55 -36.03 12.20
CA LEU D 158 -12.80 -35.30 12.36
C LEU D 158 -13.89 -36.21 12.91
N ASP D 159 -14.72 -35.64 13.80
CA ASP D 159 -15.82 -36.38 14.39
C ASP D 159 -17.09 -36.23 13.56
N ASN D 165 -19.08 -39.22 5.58
CA ASN D 165 -19.59 -39.78 4.33
C ASN D 165 -18.84 -39.23 3.13
N ASP D 166 -17.51 -39.21 3.24
CA ASP D 166 -16.63 -38.70 2.17
C ASP D 166 -17.00 -37.25 1.82
N LEU D 167 -16.82 -36.37 2.79
CA LEU D 167 -17.19 -34.97 2.63
C LEU D 167 -16.37 -34.33 1.53
N ARG D 168 -17.04 -33.47 0.75
CA ARG D 168 -16.39 -32.81 -0.38
C ARG D 168 -15.40 -31.75 0.12
N LEU D 169 -14.39 -31.47 -0.70
CA LEU D 169 -13.24 -30.69 -0.26
C LEU D 169 -13.64 -29.26 0.13
N VAL D 170 -14.42 -28.60 -0.74
CA VAL D 170 -14.74 -27.19 -0.52
C VAL D 170 -15.69 -27.00 0.67
N ASP D 171 -16.40 -28.05 1.07
CA ASP D 171 -17.36 -27.93 2.17
C ASP D 171 -16.68 -27.65 3.51
N ILE D 172 -15.37 -27.87 3.62
CA ILE D 172 -14.66 -27.65 4.87
C ILE D 172 -13.72 -26.46 4.82
N ALA D 173 -13.21 -26.10 3.64
CA ALA D 173 -12.19 -25.06 3.54
C ALA D 173 -12.55 -24.08 2.44
N SER D 174 -12.03 -22.86 2.59
CA SER D 174 -12.12 -21.83 1.57
C SER D 174 -10.79 -21.11 1.53
N GLY D 175 -10.27 -20.88 0.33
CA GLY D 175 -8.95 -20.31 0.19
C GLY D 175 -8.87 -18.88 0.70
N ARG D 176 -7.68 -18.52 1.17
CA ARG D 176 -7.41 -17.16 1.61
C ARG D 176 -6.03 -16.75 1.12
N ILE D 177 -5.83 -15.44 0.98
CA ILE D 177 -4.55 -14.87 0.62
C ILE D 177 -4.16 -13.95 1.78
N LEU D 178 -3.23 -14.40 2.61
CA LEU D 178 -2.67 -13.51 3.61
C LEU D 178 -1.57 -12.66 2.98
N ASN D 179 -1.13 -11.64 3.72
CA ASN D 179 -0.29 -10.60 3.15
C ASN D 179 0.80 -10.23 4.15
N ARG D 180 1.78 -9.46 3.68
CA ARG D 180 2.86 -8.94 4.52
C ARG D 180 3.09 -7.49 4.14
N VAL D 181 2.56 -6.58 4.95
CA VAL D 181 2.60 -5.15 4.65
C VAL D 181 3.85 -4.54 5.27
N ASP D 182 4.61 -3.80 4.45
CA ASP D 182 5.78 -3.10 4.94
C ASP D 182 5.39 -1.94 5.84
N PHE D 183 6.32 -1.52 6.70
CA PHE D 183 6.04 -0.45 7.64
C PHE D 183 6.44 0.92 7.09
N ASP D 184 7.64 1.03 6.53
CA ASP D 184 8.09 2.31 5.97
C ASP D 184 7.19 2.74 4.83
N THR D 185 6.79 1.81 3.98
CA THR D 185 5.82 2.07 2.92
C THR D 185 4.46 1.55 3.36
N GLY D 186 3.49 1.61 2.45
CA GLY D 186 2.19 1.01 2.70
C GLY D 186 1.98 -0.19 1.81
N LYS D 187 2.76 -0.26 0.74
CA LYS D 187 2.71 -1.39 -0.16
C LYS D 187 3.15 -2.67 0.56
N ALA D 188 2.52 -3.77 0.20
CA ALA D 188 2.93 -5.08 0.69
C ALA D 188 3.81 -5.75 -0.35
N LYS D 189 5.00 -6.19 0.08
CA LYS D 189 5.98 -6.70 -0.87
C LYS D 189 5.62 -8.09 -1.39
N ASP D 190 4.96 -8.90 -0.57
CA ASP D 190 4.70 -10.28 -0.95
C ASP D 190 3.47 -10.81 -0.21
N TYR D 191 2.94 -11.92 -0.70
CA TYR D 191 1.77 -12.55 -0.12
C TYR D 191 1.98 -14.07 -0.11
N PHE D 192 0.99 -14.79 0.41
CA PHE D 192 1.02 -16.25 0.35
C PHE D 192 -0.41 -16.78 0.52
N ARG D 193 -0.61 -18.00 0.01
CA ARG D 193 -1.92 -18.63 0.01
C ARG D 193 -2.28 -19.14 1.41
N THR D 194 -3.53 -19.56 1.54
CA THR D 194 -4.06 -20.02 2.82
C THR D 194 -5.34 -20.80 2.55
N TRP D 195 -5.58 -21.83 3.37
CA TRP D 195 -6.72 -22.72 3.18
C TRP D 195 -7.65 -22.66 4.38
N GLU D 196 -8.03 -21.44 4.78
CA GLU D 196 -8.91 -21.18 5.91
C GLU D 196 -10.07 -22.17 5.97
N ALA D 197 -10.20 -22.85 7.12
CA ALA D 197 -11.19 -23.87 7.32
C ALA D 197 -12.35 -23.32 8.15
N ASP D 198 -13.26 -24.20 8.56
CA ASP D 198 -14.43 -23.84 9.35
C ASP D 198 -14.26 -24.35 10.78
N TYR D 199 -14.70 -23.54 11.74
CA TYR D 199 -14.59 -23.88 13.15
C TYR D 199 -15.94 -24.19 13.79
N GLU D 200 -17.03 -24.15 13.04
CA GLU D 200 -18.36 -24.38 13.60
C GLU D 200 -18.79 -25.85 13.47
N THR D 201 -18.86 -26.36 12.24
CA THR D 201 -19.30 -27.72 12.00
C THR D 201 -18.12 -28.69 11.91
N TYR D 202 -17.22 -28.44 10.97
CA TYR D 202 -16.04 -29.30 10.79
C TYR D 202 -14.85 -28.74 11.55
N GLY D 203 -15.00 -28.68 12.87
CA GLY D 203 -13.95 -28.15 13.72
C GLY D 203 -13.66 -29.04 14.91
N THR D 204 -14.26 -30.23 14.94
CA THR D 204 -14.07 -31.19 16.01
C THR D 204 -13.28 -32.38 15.48
N TYR D 205 -12.13 -32.64 16.10
CA TYR D 205 -11.29 -33.76 15.76
C TYR D 205 -11.34 -34.80 16.87
N THR D 206 -10.81 -35.99 16.59
CA THR D 206 -10.85 -37.09 17.55
C THR D 206 -9.63 -37.97 17.35
N GLY D 207 -8.91 -38.23 18.44
CA GLY D 207 -7.74 -39.09 18.38
C GLY D 207 -7.44 -39.67 19.75
N ARG D 208 -6.40 -40.49 19.79
CA ARG D 208 -6.02 -41.21 20.99
C ARG D 208 -4.58 -40.90 21.36
N ILE D 209 -4.31 -40.86 22.67
CA ILE D 209 -2.95 -40.75 23.19
C ILE D 209 -2.76 -41.82 24.24
N THR D 210 -1.61 -42.47 24.22
CA THR D 210 -1.28 -43.55 25.14
C THR D 210 -0.13 -43.13 26.04
N LEU D 211 -0.17 -43.57 27.29
CA LEU D 211 0.88 -43.26 28.26
C LEU D 211 1.13 -44.52 29.10
N ARG D 212 2.24 -45.20 28.83
CA ARG D 212 2.56 -46.41 29.58
C ARG D 212 3.09 -46.09 30.97
N ASN D 213 3.80 -44.98 31.13
CA ASN D 213 4.38 -44.62 32.41
C ASN D 213 3.40 -43.74 33.19
N GLU D 214 2.92 -44.26 34.32
CA GLU D 214 1.96 -43.55 35.15
C GLU D 214 2.58 -42.38 35.90
N HIS D 215 3.91 -42.31 35.95
CA HIS D 215 4.58 -41.29 36.75
C HIS D 215 4.41 -39.87 36.21
N ALA D 216 3.91 -39.71 34.99
CA ALA D 216 3.79 -38.39 34.38
C ALA D 216 2.45 -38.22 33.68
N LYS D 217 1.36 -38.68 34.31
CA LYS D 217 0.03 -38.43 33.77
C LYS D 217 -0.42 -37.00 34.05
N LYS D 218 -0.09 -36.48 35.24
CA LYS D 218 -0.52 -35.12 35.60
C LYS D 218 0.06 -34.09 34.64
N LEU D 219 1.34 -34.23 34.27
CA LEU D 219 1.95 -33.30 33.33
C LEU D 219 1.28 -33.37 31.97
N LEU D 220 0.92 -34.58 31.52
CA LEU D 220 0.26 -34.72 30.22
C LEU D 220 -1.11 -34.04 30.23
N LEU D 221 -1.90 -34.26 31.29
CA LEU D 221 -3.20 -33.62 31.38
C LEU D 221 -3.06 -32.10 31.46
N ALA D 222 -2.08 -31.62 32.21
CA ALA D 222 -1.86 -30.18 32.32
C ALA D 222 -1.46 -29.60 30.98
N SER D 223 -0.62 -30.29 30.22
CA SER D 223 -0.25 -29.82 28.89
C SER D 223 -1.47 -29.77 27.98
N LEU D 224 -2.33 -30.78 28.05
CA LEU D 224 -3.54 -30.77 27.24
C LEU D 224 -4.42 -29.59 27.61
N GLY D 225 -4.48 -29.25 28.91
CA GLY D 225 -5.25 -28.09 29.33
C GLY D 225 -4.59 -26.76 29.05
N PHE D 226 -3.28 -26.74 28.82
CA PHE D 226 -2.52 -25.50 28.68
C PHE D 226 -2.31 -25.08 27.22
N VAL D 227 -2.27 -26.03 26.29
CA VAL D 227 -1.96 -25.69 24.90
C VAL D 227 -3.07 -24.80 24.35
N ASP D 228 -2.66 -23.72 23.67
CA ASP D 228 -3.62 -22.76 23.12
C ASP D 228 -3.24 -22.34 21.70
N LYS D 229 -2.37 -23.09 21.03
CA LYS D 229 -1.90 -22.74 19.69
C LYS D 229 -1.82 -24.02 18.87
N LEU D 230 -2.78 -24.20 17.97
CA LEU D 230 -2.82 -25.40 17.13
C LEU D 230 -3.38 -25.01 15.77
N CYS D 231 -2.58 -25.19 14.72
CA CYS D 231 -2.99 -24.90 13.35
C CYS D 231 -3.38 -23.44 13.17
N GLY D 232 -2.83 -22.55 14.01
CA GLY D 232 -3.14 -21.14 13.91
C GLY D 232 -4.53 -20.76 14.38
N ALA D 233 -5.04 -21.44 15.40
CA ALA D 233 -6.38 -21.16 15.90
C ALA D 233 -6.48 -21.59 17.35
N LEU D 234 -7.23 -20.82 18.13
CA LEU D 234 -7.52 -21.20 19.51
C LEU D 234 -8.32 -22.48 19.53
N CYS D 235 -7.92 -23.42 20.39
CA CYS D 235 -8.52 -24.74 20.41
C CYS D 235 -8.61 -25.25 21.84
N ARG D 236 -9.52 -26.19 22.05
CA ARG D 236 -9.68 -26.89 23.33
C ARG D 236 -9.32 -28.35 23.16
N ILE D 237 -8.63 -28.90 24.15
CA ILE D 237 -8.33 -30.32 24.21
C ILE D 237 -9.29 -30.97 25.21
N GLU D 238 -10.02 -31.97 24.75
CA GLU D 238 -10.98 -32.68 25.58
C GLU D 238 -10.52 -34.11 25.82
N VAL D 239 -10.69 -34.58 27.05
CA VAL D 239 -10.36 -35.96 27.42
C VAL D 239 -11.67 -36.72 27.61
N ILE D 240 -11.59 -38.03 27.38
CA ILE D 240 -12.75 -38.95 27.39
C ILE D 240 -14.03 -38.30 26.87
N HIS D 269 -30.90 -25.15 -8.47
CA HIS D 269 -29.44 -25.01 -8.57
C HIS D 269 -29.06 -23.86 -9.48
N ASN D 270 -27.76 -23.68 -9.70
CA ASN D 270 -27.27 -22.61 -10.54
C ASN D 270 -27.33 -22.93 -12.03
N ASP D 271 -27.52 -24.21 -12.39
CA ASP D 271 -27.57 -24.57 -13.81
C ASP D 271 -28.77 -23.95 -14.50
N GLU D 272 -29.94 -23.98 -13.86
CA GLU D 272 -31.12 -23.35 -14.44
C GLU D 272 -30.99 -21.83 -14.44
N LEU D 273 -30.36 -21.28 -13.39
CA LEU D 273 -30.14 -19.84 -13.34
C LEU D 273 -29.27 -19.37 -14.50
N ARG D 274 -28.28 -20.18 -14.88
CA ARG D 274 -27.45 -19.87 -16.04
C ARG D 274 -28.30 -19.79 -17.31
N LYS D 275 -29.20 -20.75 -17.49
CA LYS D 275 -30.06 -20.75 -18.67
C LYS D 275 -30.99 -19.55 -18.68
N GLN D 276 -31.57 -19.21 -17.52
CA GLN D 276 -32.46 -18.05 -17.46
C GLN D 276 -31.70 -16.75 -17.71
N ALA D 277 -30.47 -16.64 -17.18
CA ALA D 277 -29.65 -15.47 -17.45
C ALA D 277 -29.33 -15.35 -18.93
N GLU D 278 -29.00 -16.48 -19.57
CA GLU D 278 -28.77 -16.45 -21.01
C GLU D 278 -30.01 -16.01 -21.76
N VAL D 279 -31.18 -16.50 -21.33
CA VAL D 279 -32.44 -16.14 -22.00
C VAL D 279 -32.71 -14.64 -21.88
N ILE D 280 -32.55 -14.10 -20.67
CA ILE D 280 -32.87 -12.68 -20.47
C ILE D 280 -31.86 -11.80 -21.19
N VAL D 281 -30.58 -12.20 -21.21
CA VAL D 281 -29.58 -11.42 -21.94
C VAL D 281 -29.85 -11.46 -23.44
N GLU D 282 -30.22 -12.62 -23.97
CA GLU D 282 -30.54 -12.72 -25.39
C GLU D 282 -31.75 -11.87 -25.74
N ALA D 283 -32.77 -11.88 -24.87
CA ALA D 283 -33.96 -11.06 -25.12
C ALA D 283 -33.63 -9.58 -25.07
N PHE D 284 -32.77 -9.18 -24.12
CA PHE D 284 -32.34 -7.79 -24.08
C PHE D 284 -31.59 -7.41 -25.34
N LYS D 285 -30.72 -8.29 -25.82
CA LYS D 285 -29.98 -8.02 -27.05
C LYS D 285 -30.91 -7.93 -28.25
N GLN D 286 -31.98 -8.71 -28.26
CA GLN D 286 -32.95 -8.64 -29.35
C GLN D 286 -33.66 -7.29 -29.39
N ASN D 287 -33.65 -6.54 -28.29
CA ASN D 287 -34.24 -5.21 -28.24
C ASN D 287 -33.18 -4.13 -28.44
N ASP D 288 -31.95 -4.53 -28.78
CA ASP D 288 -30.83 -3.60 -28.93
C ASP D 288 -30.63 -2.77 -27.66
N LYS D 289 -30.72 -3.43 -26.52
CA LYS D 289 -30.60 -2.77 -25.22
C LYS D 289 -29.68 -3.58 -24.32
N LEU D 290 -28.67 -4.22 -24.92
CA LEU D 290 -27.70 -5.01 -24.18
C LEU D 290 -26.69 -4.15 -23.41
N GLU D 291 -26.56 -2.87 -23.76
CA GLU D 291 -25.56 -2.02 -23.11
C GLU D 291 -25.83 -1.89 -21.62
N LYS D 292 -27.09 -1.92 -21.22
CA LYS D 292 -27.48 -1.73 -19.82
C LYS D 292 -27.88 -3.03 -19.14
N ILE D 293 -27.22 -4.13 -19.49
CA ILE D 293 -27.45 -5.39 -18.76
C ILE D 293 -26.62 -5.44 -17.50
N ARG D 294 -25.47 -4.76 -17.45
CA ARG D 294 -24.65 -4.81 -16.25
C ARG D 294 -25.29 -4.00 -15.13
N ILE D 295 -25.91 -2.87 -15.46
CA ILE D 295 -26.65 -2.13 -14.45
C ILE D 295 -27.84 -2.94 -13.96
N LEU D 296 -28.37 -3.84 -14.78
CA LEU D 296 -29.36 -4.79 -14.27
C LEU D 296 -28.71 -5.79 -13.32
N ALA D 297 -27.49 -6.24 -13.65
CA ALA D 297 -26.78 -7.13 -12.73
C ALA D 297 -26.45 -6.42 -11.43
N ASP D 298 -26.00 -5.16 -11.51
CA ASP D 298 -25.71 -4.39 -10.31
C ASP D 298 -26.98 -4.15 -9.51
N ALA D 299 -28.10 -3.88 -10.19
CA ALA D 299 -29.36 -3.68 -9.50
C ALA D 299 -29.81 -4.95 -8.79
N ILE D 300 -29.68 -6.10 -9.45
CA ILE D 300 -30.05 -7.36 -8.83
C ILE D 300 -29.16 -7.65 -7.62
N ARG D 301 -27.86 -7.35 -7.74
CA ARG D 301 -26.96 -7.53 -6.61
C ARG D 301 -27.31 -6.61 -5.45
N THR D 302 -27.66 -5.35 -5.76
CA THR D 302 -28.08 -4.41 -4.71
C THR D 302 -29.40 -4.85 -4.08
N LEU D 303 -30.24 -5.54 -4.86
CA LEU D 303 -31.57 -5.93 -4.39
C LEU D 303 -31.52 -6.91 -3.22
N ARG D 304 -30.37 -7.53 -2.94
CA ARG D 304 -30.25 -8.38 -1.77
C ARG D 304 -30.37 -7.61 -0.47
N LEU D 305 -30.06 -6.31 -0.48
CA LEU D 305 -30.24 -5.50 0.72
C LEU D 305 -31.71 -5.42 1.10
N HIS D 306 -32.59 -5.26 0.11
CA HIS D 306 -34.02 -5.27 0.35
C HIS D 306 -34.50 -6.70 0.58
N GLY D 307 -35.63 -6.82 1.28
CA GLY D 307 -36.19 -8.10 1.60
C GLY D 307 -36.91 -8.72 0.41
N GLU D 308 -37.62 -9.82 0.68
CA GLU D 308 -38.38 -10.51 -0.35
C GLU D 308 -39.55 -9.68 -0.86
N GLY D 309 -40.00 -8.69 -0.09
CA GLY D 309 -41.14 -7.90 -0.47
C GLY D 309 -40.92 -7.01 -1.68
N VAL D 310 -39.65 -6.70 -2.00
CA VAL D 310 -39.38 -5.86 -3.16
C VAL D 310 -39.79 -6.59 -4.44
N ILE D 311 -39.77 -7.91 -4.43
CA ILE D 311 -40.16 -8.68 -5.60
C ILE D 311 -41.52 -9.37 -5.42
N GLU D 312 -41.92 -9.69 -4.19
CA GLU D 312 -43.20 -10.35 -3.95
C GLU D 312 -44.35 -9.35 -3.91
N LYS D 313 -44.14 -8.19 -3.27
CA LYS D 313 -45.17 -7.16 -3.18
C LYS D 313 -45.11 -6.16 -4.34
N ASP D 314 -44.22 -6.39 -5.32
CA ASP D 314 -44.08 -5.51 -6.48
C ASP D 314 -43.76 -4.08 -6.05
N GLU D 315 -42.71 -3.95 -5.24
CA GLU D 315 -42.25 -2.64 -4.79
C GLU D 315 -41.20 -2.03 -5.71
N LEU D 316 -40.88 -2.69 -6.82
CA LEU D 316 -39.98 -2.11 -7.80
C LEU D 316 -40.62 -0.86 -8.40
N PRO D 317 -39.83 0.14 -8.77
CA PRO D 317 -40.40 1.38 -9.30
C PRO D 317 -41.25 1.13 -10.54
N ASP D 318 -42.36 1.86 -10.61
CA ASP D 318 -43.33 1.69 -11.69
C ASP D 318 -43.11 2.66 -12.84
N GLY D 319 -42.00 3.39 -12.83
CA GLY D 319 -41.77 4.39 -13.86
C GLY D 319 -42.63 5.63 -13.63
N LYS D 320 -42.78 6.41 -14.69
CA LYS D 320 -43.63 7.59 -14.62
C LYS D 320 -45.09 7.18 -14.42
N GLU D 321 -45.86 8.08 -13.82
CA GLU D 321 -47.24 7.77 -13.48
C GLU D 321 -48.07 7.46 -14.70
N GLU D 322 -47.92 8.23 -15.78
CA GLU D 322 -48.73 8.09 -16.98
C GLU D 322 -47.87 7.89 -18.22
N ARG D 323 -46.71 7.22 -18.06
CA ARG D 323 -45.86 6.97 -19.21
C ARG D 323 -46.43 5.90 -20.14
N ASP D 324 -47.16 4.94 -19.57
CA ASP D 324 -47.71 3.80 -20.31
C ASP D 324 -46.62 2.95 -20.95
N LYS D 325 -45.39 3.05 -20.46
CA LYS D 325 -44.28 2.25 -20.94
C LYS D 325 -43.46 1.60 -19.84
N GLY D 326 -43.49 2.13 -18.61
CA GLY D 326 -42.79 1.53 -17.50
C GLY D 326 -41.36 1.99 -17.38
N HIS D 327 -40.69 1.44 -16.35
CA HIS D 327 -39.29 1.73 -16.11
C HIS D 327 -38.44 1.26 -17.29
N HIS D 328 -37.37 2.01 -17.57
CA HIS D 328 -36.50 1.67 -18.69
C HIS D 328 -35.79 0.34 -18.48
N LEU D 329 -35.69 -0.14 -17.25
CA LEU D 329 -35.01 -1.39 -16.95
C LEU D 329 -35.93 -2.42 -16.33
N TRP D 330 -36.74 -2.04 -15.34
CA TRP D 330 -37.54 -3.01 -14.62
C TRP D 330 -38.79 -3.41 -15.39
N ASP D 331 -39.66 -2.44 -15.68
CA ASP D 331 -40.95 -2.72 -16.32
C ASP D 331 -40.80 -2.78 -17.84
N ILE D 332 -40.01 -3.76 -18.28
CA ILE D 332 -39.87 -4.07 -19.70
C ILE D 332 -40.13 -5.56 -19.88
N LYS D 333 -40.46 -5.94 -21.11
CA LYS D 333 -40.88 -7.29 -21.42
C LYS D 333 -39.70 -8.14 -21.86
N VAL D 334 -39.48 -9.24 -21.15
CA VAL D 334 -38.47 -10.23 -21.53
C VAL D 334 -39.21 -11.49 -21.99
N GLN D 335 -38.99 -11.86 -23.25
CA GLN D 335 -39.70 -12.99 -23.87
C GLN D 335 -41.21 -12.84 -23.71
N GLY D 336 -41.69 -11.62 -23.86
CA GLY D 336 -43.11 -11.32 -23.67
C GLY D 336 -43.53 -10.87 -22.28
N THR D 337 -43.22 -11.68 -21.27
CA THR D 337 -43.63 -11.36 -19.90
C THR D 337 -42.82 -10.19 -19.35
N ALA D 338 -43.48 -9.39 -18.50
CA ALA D 338 -42.82 -8.24 -17.89
C ALA D 338 -41.73 -8.68 -16.93
N LEU D 339 -40.60 -7.98 -16.97
CA LEU D 339 -39.46 -8.37 -16.15
C LEU D 339 -39.77 -8.25 -14.66
N ARG D 340 -40.62 -7.28 -14.28
CA ARG D 340 -41.06 -7.19 -12.89
C ARG D 340 -41.79 -8.45 -12.46
N THR D 341 -42.46 -9.12 -13.40
CA THR D 341 -43.11 -10.40 -13.13
C THR D 341 -42.25 -11.59 -13.53
N LYS D 342 -41.38 -11.43 -14.54
CA LYS D 342 -40.48 -12.52 -14.90
C LYS D 342 -39.52 -12.84 -13.77
N LEU D 343 -38.94 -11.81 -13.13
CA LEU D 343 -38.10 -12.05 -11.98
C LEU D 343 -38.89 -12.63 -10.82
N LYS D 344 -40.16 -12.23 -10.68
CA LYS D 344 -41.01 -12.82 -9.64
C LYS D 344 -41.19 -14.31 -9.87
N GLU D 345 -41.43 -14.71 -11.12
CA GLU D 345 -41.54 -16.13 -11.43
C GLU D 345 -40.22 -16.87 -11.19
N LEU D 346 -39.10 -16.27 -11.61
CA LEU D 346 -37.80 -16.89 -11.42
C LEU D 346 -37.50 -17.10 -9.94
N TRP D 347 -37.86 -16.12 -9.11
CA TRP D 347 -37.72 -16.28 -7.66
C TRP D 347 -38.70 -17.31 -7.12
N GLN D 348 -39.91 -17.38 -7.70
CA GLN D 348 -40.88 -18.37 -7.28
C GLN D 348 -40.37 -19.79 -7.56
N SER D 349 -39.51 -19.94 -8.55
CA SER D 349 -38.88 -21.22 -8.81
C SER D 349 -37.61 -21.44 -7.99
N ASN D 350 -37.23 -20.48 -7.14
CA ASN D 350 -35.93 -20.54 -6.47
C ASN D 350 -36.04 -20.11 -5.01
N LYS D 351 -37.13 -20.47 -4.32
CA LYS D 351 -37.20 -20.23 -2.88
C LYS D 351 -36.13 -21.00 -2.12
N ASP D 352 -35.74 -22.18 -2.60
CA ASP D 352 -34.90 -23.07 -1.81
C ASP D 352 -33.54 -22.46 -1.49
N ILE D 353 -32.91 -21.81 -2.48
CA ILE D 353 -31.57 -21.28 -2.28
C ILE D 353 -31.57 -20.12 -1.30
N GLY D 354 -32.60 -19.28 -1.36
CA GLY D 354 -32.67 -18.10 -0.53
C GLY D 354 -32.49 -16.81 -1.33
N TRP D 355 -32.98 -15.72 -0.76
CA TRP D 355 -32.97 -14.44 -1.47
C TRP D 355 -31.55 -13.92 -1.69
N ARG D 356 -30.69 -14.04 -0.68
CA ARG D 356 -29.31 -13.61 -0.82
C ARG D 356 -28.62 -14.36 -1.94
N LYS D 357 -28.67 -15.69 -1.89
CA LYS D 357 -27.99 -16.52 -2.88
C LYS D 357 -28.59 -16.32 -4.27
N PHE D 358 -29.91 -16.23 -4.35
CA PHE D 358 -30.55 -16.05 -5.66
C PHE D 358 -30.10 -14.76 -6.33
N THR D 359 -30.15 -13.65 -5.59
CA THR D 359 -29.74 -12.37 -6.15
C THR D 359 -28.26 -12.37 -6.52
N GLU D 360 -27.40 -12.89 -5.63
CA GLU D 360 -25.98 -12.91 -5.93
C GLU D 360 -25.67 -13.74 -7.16
N MET D 361 -26.27 -14.93 -7.26
CA MET D 361 -26.01 -15.80 -8.41
C MET D 361 -26.57 -15.21 -9.69
N LEU D 362 -27.75 -14.59 -9.63
CA LEU D 362 -28.31 -13.96 -10.82
C LEU D 362 -27.44 -12.82 -11.30
N GLY D 363 -26.96 -11.98 -10.37
CA GLY D 363 -26.08 -10.90 -10.76
C GLY D 363 -24.78 -11.40 -11.36
N SER D 364 -24.18 -12.41 -10.73
CA SER D 364 -22.94 -12.97 -11.27
C SER D 364 -23.15 -13.57 -12.66
N ASN D 365 -24.24 -14.32 -12.83
CA ASN D 365 -24.51 -14.93 -14.13
C ASN D 365 -24.75 -13.88 -15.20
N LEU D 366 -25.52 -12.83 -14.88
CA LEU D 366 -25.75 -11.77 -15.85
C LEU D 366 -24.45 -11.08 -16.22
N TYR D 367 -23.59 -10.81 -15.22
CA TYR D 367 -22.32 -10.16 -15.50
C TYR D 367 -21.43 -11.02 -16.38
N LEU D 368 -21.37 -12.33 -16.09
CA LEU D 368 -20.53 -13.21 -16.91
C LEU D 368 -21.06 -13.35 -18.33
N ILE D 369 -22.39 -13.41 -18.48
CA ILE D 369 -22.96 -13.52 -19.82
C ILE D 369 -22.73 -12.23 -20.61
N TYR D 370 -22.82 -11.08 -19.93
CA TYR D 370 -22.48 -9.83 -20.58
C TYR D 370 -21.01 -9.81 -20.99
N LYS D 371 -20.13 -10.29 -20.13
CA LYS D 371 -18.69 -10.25 -20.42
C LYS D 371 -18.34 -11.13 -21.60
N LYS D 372 -19.07 -12.23 -21.81
CA LYS D 372 -18.78 -13.13 -22.91
C LYS D 372 -19.05 -12.50 -24.27
N GLU D 373 -19.89 -11.46 -24.34
CA GLU D 373 -20.20 -10.81 -25.60
C GLU D 373 -20.23 -9.30 -25.44
N THR D 374 -19.24 -8.75 -24.75
CA THR D 374 -19.13 -7.30 -24.59
C THR D 374 -18.96 -6.62 -25.94
N GLY D 376 -15.21 -10.34 -24.74
CA GLY D 376 -14.50 -11.35 -23.97
C GLY D 376 -14.45 -11.05 -22.49
N VAL D 377 -14.49 -12.10 -21.68
CA VAL D 377 -14.46 -11.93 -20.22
C VAL D 377 -13.09 -11.37 -19.82
N SER D 378 -13.11 -10.29 -19.04
CA SER D 378 -11.87 -9.67 -18.60
C SER D 378 -11.11 -10.61 -17.67
N THR D 379 -9.83 -10.82 -17.95
CA THR D 379 -8.98 -11.71 -17.18
C THR D 379 -7.75 -10.96 -16.71
N ARG D 380 -7.32 -11.27 -15.49
CA ARG D 380 -6.21 -10.57 -14.85
C ARG D 380 -5.03 -11.50 -14.63
N PHE D 381 -3.83 -11.02 -14.94
CA PHE D 381 -2.62 -11.80 -14.72
C PHE D 381 -1.45 -10.82 -14.63
N ARG D 382 -0.81 -10.77 -13.47
CA ARG D 382 0.35 -9.92 -13.30
C ARG D 382 1.56 -10.52 -14.00
N ILE D 383 2.51 -9.65 -14.34
CA ILE D 383 3.76 -10.07 -14.94
C ILE D 383 4.77 -10.39 -13.85
N LEU D 384 5.10 -9.38 -13.04
CA LEU D 384 6.09 -9.52 -11.99
C LEU D 384 5.60 -8.76 -10.76
N GLY D 385 6.34 -8.87 -9.67
CA GLY D 385 5.93 -8.28 -8.43
C GLY D 385 4.78 -8.98 -7.75
N ASP D 386 4.44 -10.19 -8.19
CA ASP D 386 3.40 -11.01 -7.58
C ASP D 386 3.99 -12.03 -6.63
N THR D 387 5.04 -11.63 -5.91
CA THR D 387 5.85 -12.53 -5.11
C THR D 387 5.02 -13.30 -4.10
N GLU D 388 4.93 -14.61 -4.28
CA GLU D 388 4.30 -15.51 -3.31
C GLU D 388 5.44 -16.19 -2.57
N TYR D 389 5.86 -15.58 -1.46
CA TYR D 389 7.10 -15.93 -0.78
C TYR D 389 6.82 -16.73 0.47
N TYR D 390 7.56 -17.82 0.66
CA TYR D 390 7.47 -18.65 1.85
C TYR D 390 8.80 -18.82 2.57
N SER D 391 9.93 -18.57 1.92
CA SER D 391 11.26 -18.69 2.50
C SER D 391 11.51 -20.11 3.02
N LYS D 392 11.56 -21.05 2.08
CA LYS D 392 11.86 -22.44 2.42
C LYS D 392 13.26 -22.56 3.01
N ALA D 393 14.23 -21.86 2.44
CA ALA D 393 15.62 -21.86 2.92
C ALA D 393 16.19 -23.27 3.03
N GLY D 398 22.24 -25.21 7.04
CA GLY D 398 21.60 -25.65 8.27
C GLY D 398 22.39 -25.30 9.51
N SER D 399 22.10 -24.14 10.08
CA SER D 399 22.82 -23.69 11.27
C SER D 399 22.38 -24.44 12.52
N ASP D 400 21.16 -25.00 12.51
CA ASP D 400 20.56 -25.84 13.55
C ASP D 400 21.02 -25.45 14.96
N LEU D 401 20.87 -24.17 15.30
CA LEU D 401 21.34 -23.65 16.57
C LEU D 401 20.35 -23.95 17.70
N PHE D 402 20.85 -23.82 18.92
CA PHE D 402 20.04 -24.05 20.12
C PHE D 402 20.36 -22.95 21.13
N ILE D 403 19.35 -22.15 21.45
CA ILE D 403 19.50 -21.02 22.36
C ILE D 403 18.68 -21.29 23.62
N PRO D 404 19.33 -21.64 24.73
CA PRO D 404 18.62 -21.72 26.00
C PRO D 404 18.39 -20.33 26.57
N VAL D 405 17.17 -20.06 27.01
CA VAL D 405 16.79 -18.79 27.61
C VAL D 405 16.38 -19.06 29.05
N THR D 406 17.11 -18.47 29.99
CA THR D 406 16.87 -18.71 31.41
C THR D 406 16.23 -17.50 32.04
N PRO D 407 14.96 -17.55 32.43
CA PRO D 407 14.36 -16.43 33.15
C PRO D 407 14.81 -16.41 34.59
N PRO D 408 14.98 -15.23 35.18
CA PRO D 408 15.42 -15.16 36.59
C PRO D 408 14.41 -15.81 37.51
N GLU D 409 14.93 -16.47 38.54
CA GLU D 409 14.07 -17.14 39.51
C GLU D 409 13.25 -16.12 40.28
N GLY D 410 11.97 -16.43 40.48
CA GLY D 410 11.09 -15.53 41.18
C GLY D 410 10.50 -14.41 40.35
N ILE D 411 10.66 -14.45 39.03
CA ILE D 411 10.07 -13.43 38.17
C ILE D 411 8.55 -13.54 38.25
N GLU D 412 7.90 -12.39 38.33
CA GLU D 412 6.44 -12.32 38.45
C GLU D 412 5.86 -12.22 37.05
N THR D 413 5.32 -13.33 36.55
CA THR D 413 4.71 -13.37 35.24
C THR D 413 3.20 -13.54 35.37
N LYS D 414 2.47 -12.76 34.56
CA LYS D 414 1.02 -12.81 34.53
C LYS D 414 0.57 -12.74 33.07
N GLU D 415 -0.61 -13.28 32.81
CA GLU D 415 -1.14 -13.34 31.45
C GLU D 415 -2.40 -12.48 31.40
N TRP D 416 -2.32 -11.34 30.71
CA TRP D 416 -3.41 -10.39 30.65
C TRP D 416 -4.32 -10.70 29.47
N ILE D 417 -5.63 -10.74 29.73
CA ILE D 417 -6.65 -10.94 28.71
C ILE D 417 -7.41 -9.63 28.52
N ILE D 418 -7.52 -9.18 27.27
CA ILE D 418 -8.21 -7.95 26.93
C ILE D 418 -9.51 -8.33 26.25
N VAL D 419 -10.62 -7.85 26.78
CA VAL D 419 -11.94 -8.08 26.20
C VAL D 419 -12.61 -6.74 25.95
N GLY D 420 -13.17 -6.57 24.77
CA GLY D 420 -13.79 -5.31 24.43
C GLY D 420 -14.63 -5.43 23.18
N ARG D 421 -15.03 -4.27 22.65
CA ARG D 421 -15.85 -4.19 21.44
C ARG D 421 -15.19 -3.24 20.46
N LEU D 422 -15.06 -3.70 19.21
CA LEU D 422 -14.42 -2.91 18.16
C LEU D 422 -15.49 -2.28 17.29
N LYS D 423 -15.99 -1.13 17.74
CA LYS D 423 -16.97 -0.37 16.98
C LYS D 423 -16.29 0.32 15.81
N ALA D 424 -16.89 0.20 14.63
CA ALA D 424 -16.35 0.81 13.41
C ALA D 424 -16.95 2.21 13.26
N ALA D 425 -16.18 3.22 13.65
CA ALA D 425 -16.64 4.61 13.48
C ALA D 425 -16.77 4.99 12.01
N THR D 426 -16.14 4.25 11.11
CA THR D 426 -16.21 4.44 9.68
C THR D 426 -16.46 3.09 9.03
N PRO D 427 -16.99 3.08 7.80
CA PRO D 427 -17.18 1.80 7.10
C PRO D 427 -15.85 1.06 6.96
N PHE D 428 -15.90 -0.25 7.10
CA PHE D 428 -14.70 -1.07 7.17
C PHE D 428 -14.54 -1.94 5.93
N TYR D 429 -13.29 -2.22 5.59
CA TYR D 429 -12.95 -3.07 4.47
C TYR D 429 -11.89 -4.07 4.89
N PHE D 430 -12.06 -5.33 4.47
CA PHE D 430 -11.07 -6.38 4.70
C PHE D 430 -10.92 -7.16 3.39
N GLY D 431 -9.75 -7.02 2.76
CA GLY D 431 -9.57 -7.53 1.41
C GLY D 431 -9.58 -9.05 1.39
N VAL D 432 -10.35 -9.61 0.47
CA VAL D 432 -10.37 -11.05 0.20
C VAL D 432 -10.45 -11.24 -1.30
N GLN D 433 -9.69 -12.20 -1.82
CA GLN D 433 -9.66 -12.45 -3.26
C GLN D 433 -11.04 -12.88 -3.77
N GLN D 434 -11.16 -12.90 -5.09
CA GLN D 434 -12.45 -13.11 -5.73
C GLN D 434 -12.97 -14.52 -5.49
N PRO D 435 -14.29 -14.72 -5.59
CA PRO D 435 -14.83 -16.08 -5.56
C PRO D 435 -14.39 -16.86 -6.78
N SER D 436 -14.41 -18.18 -6.64
CA SER D 436 -13.87 -19.17 -7.57
C SER D 436 -12.35 -19.14 -7.60
N ASP D 437 -11.71 -18.20 -6.90
CA ASP D 437 -10.29 -18.23 -6.62
C ASP D 437 -10.02 -18.78 -5.23
N SER D 438 -10.87 -18.42 -4.26
CA SER D 438 -10.80 -18.95 -2.91
C SER D 438 -11.25 -20.40 -2.82
N ILE D 439 -11.56 -21.05 -3.93
CA ILE D 439 -11.90 -22.47 -3.88
C ILE D 439 -10.64 -23.28 -3.66
N PRO D 440 -10.58 -24.12 -2.62
CA PRO D 440 -9.38 -24.91 -2.38
C PRO D 440 -9.35 -26.18 -3.22
N GLY D 441 -8.14 -26.59 -3.57
CA GLY D 441 -7.93 -27.74 -4.42
C GLY D 441 -7.69 -27.34 -5.87
N LYS D 442 -8.44 -26.34 -6.34
CA LYS D 442 -8.24 -25.80 -7.68
C LYS D 442 -7.31 -24.60 -7.66
N GLU D 443 -6.14 -24.78 -7.06
CA GLU D 443 -5.14 -23.73 -6.96
C GLU D 443 -4.17 -23.83 -8.14
N LYS D 444 -3.07 -23.08 -8.07
CA LYS D 444 -2.05 -23.06 -9.12
C LYS D 444 -2.66 -22.66 -10.47
N LYS D 445 -3.59 -21.72 -10.45
CA LYS D 445 -4.25 -21.25 -11.66
C LYS D 445 -4.14 -19.73 -11.78
N GLU D 447 0.67 -22.87 -13.89
CA GLU D 447 1.50 -21.86 -13.26
C GLU D 447 1.26 -20.49 -13.89
N ASP D 448 1.51 -20.39 -15.19
CA ASP D 448 1.25 -19.16 -15.94
C ASP D 448 -0.19 -19.10 -16.43
N SER D 449 -1.12 -19.28 -15.50
CA SER D 449 -2.55 -19.27 -15.80
C SER D 449 -3.15 -17.95 -15.35
N LEU D 450 -4.08 -17.43 -16.15
CA LEU D 450 -4.68 -16.13 -15.92
C LEU D 450 -6.09 -16.31 -15.37
N VAL D 451 -6.39 -15.58 -14.29
CA VAL D 451 -7.62 -15.79 -13.53
C VAL D 451 -8.75 -14.95 -14.14
N ILE D 452 -9.98 -15.30 -13.77
CA ILE D 452 -11.18 -14.67 -14.31
C ILE D 452 -11.70 -13.65 -13.31
N ASN D 453 -12.03 -12.45 -13.82
CA ASN D 453 -12.57 -11.38 -13.00
C ASN D 453 -14.01 -11.71 -12.63
N GLU D 454 -14.33 -11.65 -11.34
CA GLU D 454 -15.68 -11.92 -10.87
C GLU D 454 -16.49 -10.63 -10.92
N HIS D 455 -17.73 -10.68 -10.39
CA HIS D 455 -18.59 -9.51 -10.41
C HIS D 455 -18.06 -8.41 -9.50
N ALA D 456 -17.65 -8.76 -8.29
CA ALA D 456 -17.15 -7.79 -7.33
C ALA D 456 -15.65 -7.61 -7.52
N SER D 457 -15.24 -6.38 -7.81
CA SER D 457 -13.81 -6.10 -7.96
C SER D 457 -13.08 -6.16 -6.63
N PHE D 458 -13.76 -5.81 -5.53
CA PHE D 458 -13.14 -5.79 -4.20
C PHE D 458 -14.12 -6.45 -3.23
N ASN D 459 -13.91 -7.73 -2.95
CA ASN D 459 -14.74 -8.45 -2.00
C ASN D 459 -14.36 -8.06 -0.56
N ILE D 460 -15.24 -8.42 0.37
CA ILE D 460 -15.01 -8.23 1.79
C ILE D 460 -15.09 -9.58 2.46
N LEU D 461 -14.39 -9.72 3.59
CA LEU D 461 -14.25 -10.99 4.27
C LEU D 461 -15.56 -11.35 4.96
N LEU D 462 -16.27 -12.33 4.41
CA LEU D 462 -17.47 -12.89 5.01
C LEU D 462 -17.26 -14.38 5.26
N ASP D 463 -17.87 -14.87 6.34
CA ASP D 463 -17.75 -16.27 6.71
C ASP D 463 -18.72 -17.12 5.88
N LYS D 464 -18.90 -18.38 6.26
CA LYS D 464 -19.79 -19.26 5.52
C LYS D 464 -21.26 -18.85 5.67
N GLU D 465 -21.62 -18.26 6.81
CA GLU D 465 -22.99 -17.82 7.06
C GLU D 465 -23.21 -16.37 6.59
N ASN D 466 -22.19 -15.77 5.99
CA ASN D 466 -22.28 -14.43 5.39
C ASN D 466 -22.48 -13.35 6.45
N ARG D 467 -21.73 -13.46 7.54
CA ARG D 467 -21.59 -12.39 8.51
C ARG D 467 -20.18 -11.85 8.45
N TYR D 468 -20.05 -10.53 8.67
CA TYR D 468 -18.74 -9.88 8.54
C TYR D 468 -17.76 -10.46 9.56
N ARG D 469 -16.57 -10.80 9.08
CA ARG D 469 -15.53 -11.39 9.91
C ARG D 469 -14.32 -10.48 9.91
N ILE D 470 -13.75 -10.26 11.10
CA ILE D 470 -12.51 -9.51 11.25
C ILE D 470 -11.39 -10.52 11.47
N PRO D 471 -10.43 -10.64 10.56
CA PRO D 471 -9.45 -11.71 10.64
C PRO D 471 -8.40 -11.48 11.70
N ARG D 472 -7.77 -12.58 12.12
CA ARG D 472 -6.65 -12.49 13.04
C ARG D 472 -5.47 -11.76 12.40
N SER D 473 -5.18 -12.05 11.13
CA SER D 473 -3.99 -11.51 10.50
C SER D 473 -4.04 -9.99 10.37
N ALA D 474 -5.19 -9.44 9.97
CA ALA D 474 -5.29 -8.00 9.79
C ALA D 474 -5.12 -7.26 11.10
N LEU D 475 -5.78 -7.74 12.16
CA LEU D 475 -5.69 -7.06 13.45
C LEU D 475 -4.29 -7.22 14.03
N ARG D 476 -3.66 -8.38 13.83
CA ARG D 476 -2.29 -8.57 14.28
C ARG D 476 -1.34 -7.63 13.55
N GLY D 477 -1.54 -7.44 12.24
CA GLY D 477 -0.70 -6.52 11.50
C GLY D 477 -0.88 -5.08 11.93
N ALA D 478 -2.13 -4.68 12.20
CA ALA D 478 -2.38 -3.33 12.71
C ALA D 478 -1.72 -3.15 14.08
N LEU D 479 -1.80 -4.16 14.93
CA LEU D 479 -1.13 -4.09 16.22
C LEU D 479 0.38 -4.00 16.06
N ARG D 480 0.94 -4.71 15.07
CA ARG D 480 2.37 -4.60 14.78
C ARG D 480 2.74 -3.18 14.38
N ARG D 481 1.96 -2.58 13.49
CA ARG D 481 2.24 -1.22 13.05
C ARG D 481 2.16 -0.25 14.22
N ASP D 482 1.13 -0.38 15.06
CA ASP D 482 0.98 0.52 16.20
C ASP D 482 2.11 0.32 17.22
N LEU D 483 2.52 -0.93 17.45
CA LEU D 483 3.60 -1.19 18.39
C LEU D 483 4.92 -0.64 17.87
N ARG D 484 5.18 -0.79 16.57
CA ARG D 484 6.39 -0.22 15.99
C ARG D 484 6.38 1.30 16.07
N THR D 485 5.21 1.91 15.86
CA THR D 485 5.11 3.35 16.01
C THR D 485 5.36 3.78 17.45
N ALA D 486 4.80 3.06 18.41
CA ALA D 486 4.98 3.41 19.81
C ALA D 486 6.43 3.27 20.25
N PHE D 487 7.03 2.12 19.95
CA PHE D 487 8.44 1.92 20.27
C PHE D 487 9.34 2.88 19.49
N GLY D 488 9.05 3.05 18.20
CA GLY D 488 9.90 3.85 17.34
C GLY D 488 11.08 3.11 16.77
N SER D 489 11.28 1.84 17.15
CA SER D 489 12.41 1.06 16.66
C SER D 489 11.96 -0.39 16.55
N GLY D 490 11.65 -0.82 15.34
CA GLY D 490 11.23 -2.19 15.11
C GLY D 490 11.92 -2.75 13.88
N CYS D 491 11.69 -4.03 13.64
CA CYS D 491 12.29 -4.71 12.50
C CYS D 491 11.24 -4.98 11.43
N ASN D 492 11.60 -4.73 10.18
CA ASN D 492 10.80 -5.22 9.06
C ASN D 492 10.81 -6.74 9.10
N VAL D 493 9.63 -7.35 9.24
CA VAL D 493 9.54 -8.76 9.56
C VAL D 493 10.26 -9.58 8.49
N SER D 494 11.08 -10.53 8.95
CA SER D 494 11.85 -11.40 8.07
C SER D 494 11.19 -12.77 8.01
N LEU D 495 11.30 -13.41 6.85
CA LEU D 495 10.68 -14.70 6.62
C LEU D 495 11.77 -15.75 6.43
N GLY D 496 11.61 -16.88 7.13
CA GLY D 496 12.59 -17.93 7.05
C GLY D 496 13.89 -17.66 7.76
N GLY D 497 13.97 -16.59 8.54
CA GLY D 497 15.16 -16.28 9.30
C GLY D 497 15.50 -17.41 10.24
N GLN D 498 16.77 -17.85 10.23
CA GLN D 498 17.16 -19.01 11.00
C GLN D 498 17.13 -18.74 12.50
N ILE D 499 17.11 -17.47 12.92
CA ILE D 499 17.15 -17.12 14.33
C ILE D 499 16.12 -16.04 14.59
N LEU D 500 15.42 -16.14 15.71
CA LEU D 500 14.34 -15.21 16.03
C LEU D 500 14.86 -13.79 16.14
N CYS D 501 14.05 -12.84 15.68
CA CYS D 501 14.39 -11.43 15.84
C CYS D 501 14.20 -11.01 17.29
N ASN D 502 15.18 -10.30 17.83
CA ASN D 502 15.13 -9.83 19.22
C ASN D 502 14.79 -8.35 19.32
N CYS D 503 14.18 -7.78 18.28
CA CYS D 503 13.77 -6.39 18.32
C CYS D 503 12.55 -6.21 19.22
N LYS D 504 12.26 -4.96 19.57
CA LYS D 504 11.25 -4.69 20.60
C LYS D 504 9.87 -5.15 20.18
N VAL D 505 9.45 -4.83 18.94
CA VAL D 505 8.10 -5.17 18.51
C VAL D 505 7.94 -6.67 18.36
N CYS D 506 8.99 -7.37 17.90
CA CYS D 506 8.88 -8.80 17.69
C CYS D 506 8.78 -9.57 19.00
N ILE D 507 9.47 -9.11 20.05
CA ILE D 507 9.43 -9.81 21.32
C ILE D 507 8.02 -9.80 21.90
N GLU D 508 7.36 -8.64 21.89
CA GLU D 508 6.07 -8.52 22.56
C GLU D 508 4.95 -9.18 21.78
N MET D 509 5.07 -9.34 20.47
CA MET D 509 4.07 -10.10 19.74
C MET D 509 4.26 -11.61 19.86
N ARG D 510 5.47 -12.08 20.13
CA ARG D 510 5.66 -13.50 20.40
C ARG D 510 4.92 -13.93 21.66
N ARG D 511 4.55 -12.98 22.52
CA ARG D 511 3.75 -13.25 23.71
C ARG D 511 2.35 -12.64 23.61
N ILE D 512 1.89 -12.35 22.39
CA ILE D 512 0.55 -11.82 22.16
C ILE D 512 -0.20 -12.83 21.29
N THR D 513 -1.36 -13.27 21.78
CA THR D 513 -2.26 -14.10 21.00
C THR D 513 -3.67 -13.50 21.04
N LEU D 514 -4.27 -13.38 19.86
CA LEU D 514 -5.56 -12.71 19.72
C LEU D 514 -6.44 -13.53 18.80
N LYS D 515 -7.74 -13.57 19.09
CA LYS D 515 -8.66 -14.48 18.45
C LYS D 515 -9.44 -13.78 17.34
N ASP D 516 -9.84 -14.57 16.35
CA ASP D 516 -10.70 -14.08 15.28
C ASP D 516 -12.10 -13.80 15.81
N SER D 517 -12.75 -12.80 15.23
CA SER D 517 -14.07 -12.37 15.66
C SER D 517 -15.00 -12.22 14.47
N VAL D 518 -16.28 -12.51 14.70
CA VAL D 518 -17.33 -12.39 13.70
C VAL D 518 -18.44 -11.51 14.25
N SER D 519 -18.92 -10.59 13.44
CA SER D 519 -19.99 -9.69 13.86
C SER D 519 -21.34 -10.38 13.76
N ASP D 520 -22.22 -10.09 14.72
CA ASP D 520 -23.55 -10.69 14.74
C ASP D 520 -24.52 -9.96 13.80
N PHE D 521 -24.07 -9.72 12.57
CA PHE D 521 -24.87 -9.00 11.57
C PHE D 521 -24.63 -9.71 10.23
N SER D 522 -25.49 -10.68 9.93
CA SER D 522 -25.38 -11.45 8.69
C SER D 522 -26.28 -10.84 7.63
N GLU D 523 -25.90 -9.62 7.22
CA GLU D 523 -26.71 -8.84 6.29
C GLU D 523 -25.80 -8.30 5.19
N PRO D 524 -26.30 -8.23 3.96
CA PRO D 524 -25.42 -7.93 2.81
C PRO D 524 -24.70 -6.60 2.98
N PRO D 525 -23.45 -6.52 2.52
CA PRO D 525 -22.70 -5.27 2.64
C PRO D 525 -23.06 -4.29 1.54
N GLU D 526 -23.22 -3.02 1.94
CA GLU D 526 -23.44 -1.96 0.96
C GLU D 526 -22.22 -1.84 0.06
N ILE D 527 -22.47 -1.50 -1.20
CA ILE D 527 -21.44 -1.45 -2.22
C ILE D 527 -21.15 0.02 -2.51
N ARG D 528 -19.91 0.45 -2.26
CA ARG D 528 -19.49 1.83 -2.44
C ARG D 528 -18.67 1.91 -3.72
N TYR D 529 -19.28 2.42 -4.79
CA TYR D 529 -18.57 2.54 -6.05
C TYR D 529 -17.48 3.62 -5.94
N ARG D 530 -16.43 3.46 -6.74
CA ARG D 530 -15.34 4.41 -6.82
C ARG D 530 -15.02 4.66 -8.28
N ILE D 531 -14.63 5.90 -8.59
CA ILE D 531 -14.29 6.29 -9.95
C ILE D 531 -12.96 7.03 -9.90
N ALA D 532 -12.27 7.04 -11.03
CA ALA D 532 -10.97 7.71 -11.16
C ALA D 532 -11.12 8.87 -12.13
N LYS D 533 -10.60 10.03 -11.74
CA LYS D 533 -10.73 11.25 -12.52
C LYS D 533 -9.45 11.54 -13.29
N ASN D 534 -9.61 11.92 -14.56
CA ASN D 534 -8.47 12.24 -15.41
C ASN D 534 -8.10 13.71 -15.18
N PRO D 535 -6.93 14.01 -14.62
CA PRO D 535 -6.57 15.41 -14.40
C PRO D 535 -6.44 16.22 -15.68
N GLY D 536 -6.20 15.57 -16.82
CA GLY D 536 -6.04 16.32 -18.06
C GLY D 536 -7.32 16.99 -18.51
N THR D 537 -8.47 16.34 -18.29
CA THR D 537 -9.76 16.87 -18.73
C THR D 537 -10.80 16.88 -17.62
N ALA D 538 -10.41 16.59 -16.37
CA ALA D 538 -11.32 16.61 -15.23
C ALA D 538 -12.52 15.71 -15.44
N THR D 539 -12.30 14.59 -16.15
CA THR D 539 -13.35 13.61 -16.38
C THR D 539 -12.88 12.21 -15.99
N VAL D 540 -13.66 11.19 -16.32
CA VAL D 540 -13.37 9.84 -15.87
C VAL D 540 -12.22 9.24 -16.68
N GLU D 541 -11.23 8.72 -15.98
CA GLU D 541 -10.20 7.91 -16.62
C GLU D 541 -10.82 6.69 -17.28
N ASP D 542 -10.39 6.41 -18.51
CA ASP D 542 -10.95 5.28 -19.25
C ASP D 542 -10.65 3.97 -18.55
N GLY D 543 -11.67 3.13 -18.43
CA GLY D 543 -11.50 1.84 -17.77
C GLY D 543 -11.10 1.94 -16.31
N SER D 544 -11.71 2.85 -15.57
CA SER D 544 -11.30 3.13 -14.20
C SER D 544 -12.52 3.24 -13.28
N LEU D 545 -13.45 2.30 -13.41
CA LEU D 545 -14.61 2.22 -12.53
C LEU D 545 -14.62 0.85 -11.86
N PHE D 546 -14.89 0.84 -10.56
CA PHE D 546 -14.90 -0.40 -9.80
C PHE D 546 -15.77 -0.24 -8.57
N ASP D 547 -16.12 -1.38 -7.97
CA ASP D 547 -16.95 -1.40 -6.78
C ASP D 547 -16.15 -1.81 -5.55
N ILE D 548 -16.61 -1.37 -4.39
CA ILE D 548 -15.98 -1.67 -3.11
C ILE D 548 -17.06 -2.19 -2.17
N GLU D 549 -16.80 -3.33 -1.54
CA GLU D 549 -17.72 -3.91 -0.58
C GLU D 549 -17.33 -3.43 0.82
N VAL D 550 -18.12 -2.52 1.37
CA VAL D 550 -17.88 -1.94 2.69
C VAL D 550 -18.99 -2.36 3.62
N GLY D 551 -18.63 -2.70 4.86
CA GLY D 551 -19.59 -3.03 5.88
C GLY D 551 -20.18 -1.78 6.49
N PRO D 552 -21.34 -1.91 7.13
CA PRO D 552 -21.97 -0.74 7.75
C PRO D 552 -21.20 -0.28 8.98
N GLU D 553 -21.13 1.04 9.16
CA GLU D 553 -20.45 1.60 10.32
C GLU D 553 -21.27 1.37 11.58
N GLY D 554 -20.58 1.10 12.69
CA GLY D 554 -21.22 0.88 13.96
C GLY D 554 -21.34 -0.56 14.40
N LEU D 555 -20.85 -1.51 13.61
CA LEU D 555 -20.92 -2.91 14.01
C LEU D 555 -20.00 -3.18 15.19
N THR D 556 -20.44 -4.08 16.07
CA THR D 556 -19.74 -4.39 17.31
C THR D 556 -18.98 -5.70 17.11
N PHE D 557 -17.70 -5.60 16.77
CA PHE D 557 -16.84 -6.76 16.69
C PHE D 557 -16.19 -7.00 18.05
N PRO D 558 -16.42 -8.15 18.68
CA PRO D 558 -15.70 -8.44 19.93
C PRO D 558 -14.20 -8.43 19.72
N PHE D 559 -13.47 -7.88 20.69
CA PHE D 559 -12.03 -7.72 20.61
C PHE D 559 -11.39 -8.52 21.73
N VAL D 560 -10.51 -9.45 21.37
CA VAL D 560 -9.81 -10.29 22.33
C VAL D 560 -8.32 -10.16 22.09
N LEU D 561 -7.59 -9.81 23.14
CA LEU D 561 -6.13 -9.72 23.08
C LEU D 561 -5.56 -10.35 24.34
N ARG D 562 -4.54 -11.17 24.18
CA ARG D 562 -3.91 -11.88 25.30
C ARG D 562 -2.43 -11.60 25.30
N TYR D 563 -1.91 -11.12 26.44
CA TYR D 563 -0.48 -10.87 26.62
C TYR D 563 0.03 -11.78 27.72
N ARG D 564 1.03 -12.60 27.40
CA ARG D 564 1.62 -13.54 28.34
C ARG D 564 3.07 -13.14 28.58
N GLY D 565 3.29 -12.24 29.54
CA GLY D 565 4.63 -11.76 29.83
C GLY D 565 4.88 -11.52 31.29
N HIS D 566 5.98 -10.85 31.61
CA HIS D 566 6.32 -10.55 33.00
C HIS D 566 5.75 -9.22 33.46
N LYS D 567 5.61 -8.25 32.56
CA LYS D 567 4.99 -6.98 32.89
C LYS D 567 4.20 -6.51 31.67
N PHE D 568 3.04 -5.91 31.92
CA PHE D 568 2.25 -5.38 30.81
C PHE D 568 3.02 -4.23 30.18
N PRO D 569 3.35 -4.30 28.90
CA PRO D 569 4.27 -3.32 28.32
C PRO D 569 3.64 -1.93 28.25
N GLU D 570 4.51 -0.94 28.39
CA GLU D 570 4.09 0.46 28.31
C GLU D 570 3.53 0.78 26.93
N GLN D 571 4.14 0.22 25.89
CA GLN D 571 3.74 0.53 24.52
C GLN D 571 2.40 -0.09 24.18
N LEU D 572 2.11 -1.30 24.69
CA LEU D 572 0.80 -1.88 24.43
C LEU D 572 -0.30 -1.11 25.15
N SER D 573 -0.01 -0.60 26.35
CA SER D 573 -0.96 0.30 27.01
C SER D 573 -1.17 1.55 26.17
N SER D 574 -0.10 2.09 25.58
CA SER D 574 -0.24 3.24 24.69
C SER D 574 -1.12 2.91 23.49
N VAL D 575 -0.95 1.71 22.92
CA VAL D 575 -1.76 1.31 21.78
C VAL D 575 -3.22 1.17 22.19
N ILE D 576 -3.49 0.55 23.33
CA ILE D 576 -4.87 0.33 23.77
C ILE D 576 -5.56 1.66 24.04
N ARG D 577 -4.87 2.57 24.74
CA ARG D 577 -5.45 3.89 24.97
C ARG D 577 -5.63 4.65 23.66
N TYR D 578 -4.72 4.45 22.71
CA TYR D 578 -4.88 5.04 21.39
C TYR D 578 -6.12 4.49 20.70
N TRP D 579 -6.36 3.17 20.83
CA TRP D 579 -7.53 2.55 20.24
C TRP D 579 -8.81 2.87 21.00
N GLU D 580 -8.70 3.28 22.27
CA GLU D 580 -9.88 3.49 23.10
C GLU D 580 -10.70 4.67 22.60
N GLU D 581 -12.02 4.55 22.72
CA GLU D 581 -12.95 5.62 22.35
C GLU D 581 -13.37 6.33 23.64
N ASN D 582 -12.51 7.23 24.10
CA ASN D 582 -12.78 7.99 25.31
C ASN D 582 -13.69 9.18 24.98
N ASP D 583 -13.81 10.13 25.91
CA ASP D 583 -14.65 11.29 25.69
C ASP D 583 -14.17 12.11 24.49
N GLY D 584 -12.86 12.28 24.35
CA GLY D 584 -12.33 13.05 23.25
C GLY D 584 -11.25 12.34 22.45
N LYS D 585 -10.91 11.12 22.85
CA LYS D 585 -9.89 10.36 22.13
C LYS D 585 -10.35 9.99 20.73
N ASN D 586 -11.65 9.71 20.57
CA ASN D 586 -12.33 9.43 19.30
C ASN D 586 -11.98 8.06 18.72
N GLY D 587 -11.06 7.32 19.33
CA GLY D 587 -10.68 6.02 18.82
C GLY D 587 -9.69 6.13 17.67
N MET D 588 -8.59 5.39 17.74
CA MET D 588 -7.54 5.50 16.74
C MET D 588 -7.00 4.12 16.37
N ALA D 589 -7.89 3.15 16.14
CA ALA D 589 -7.49 1.83 15.68
C ALA D 589 -7.74 1.77 14.17
N TRP D 590 -6.77 2.27 13.40
CA TRP D 590 -6.83 2.17 11.95
C TRP D 590 -6.64 0.71 11.57
N LEU D 591 -7.74 0.03 11.28
CA LEU D 591 -7.79 -1.42 11.25
C LEU D 591 -8.46 -1.87 9.96
N GLY D 592 -7.70 -2.59 9.13
CA GLY D 592 -8.21 -3.04 7.84
C GLY D 592 -7.49 -2.40 6.68
N GLY D 593 -8.15 -2.31 5.53
CA GLY D 593 -7.58 -1.74 4.34
C GLY D 593 -8.30 -0.48 3.90
N LEU D 594 -7.81 0.09 2.80
CA LEU D 594 -8.35 1.33 2.22
C LEU D 594 -8.35 2.45 3.26
N ASP D 595 -7.25 2.55 4.02
CA ASP D 595 -7.15 3.58 5.05
C ASP D 595 -6.99 4.96 4.44
N SER D 596 -6.40 5.05 3.25
CA SER D 596 -6.25 6.36 2.59
C SER D 596 -7.62 6.96 2.28
N THR D 597 -8.55 6.14 1.78
CA THR D 597 -9.91 6.62 1.57
C THR D 597 -10.55 7.00 2.89
N GLY D 598 -10.31 6.23 3.93
CA GLY D 598 -10.87 6.53 5.24
C GLY D 598 -11.70 5.40 5.81
N LYS D 599 -11.40 4.18 5.39
CA LYS D 599 -12.17 3.00 5.78
C LYS D 599 -11.35 2.18 6.76
N GLY D 600 -11.92 1.95 7.95
CA GLY D 600 -11.31 1.04 8.90
C GLY D 600 -10.92 1.66 10.23
N ARG D 601 -11.40 2.87 10.52
CA ARG D 601 -11.08 3.51 11.80
C ARG D 601 -11.98 2.94 12.87
N PHE D 602 -11.48 1.92 13.57
CA PHE D 602 -12.24 1.29 14.63
C PHE D 602 -12.03 2.02 15.95
N ALA D 603 -13.10 2.19 16.71
CA ALA D 603 -13.07 2.87 17.99
C ALA D 603 -13.33 1.83 19.07
N LEU D 604 -12.27 1.31 19.68
CA LEU D 604 -12.41 0.31 20.72
C LEU D 604 -13.13 0.91 21.92
N LYS D 605 -14.12 0.19 22.44
CA LYS D 605 -14.91 0.64 23.57
C LYS D 605 -15.34 -0.56 24.39
N ASP D 606 -15.94 -0.28 25.55
CA ASP D 606 -16.31 -1.31 26.51
C ASP D 606 -15.09 -2.15 26.89
N ILE D 607 -13.96 -1.48 27.04
CA ILE D 607 -12.68 -2.17 27.27
C ILE D 607 -12.62 -2.63 28.71
N LYS D 608 -12.27 -3.90 28.91
CA LYS D 608 -12.08 -4.47 30.23
C LYS D 608 -10.79 -5.29 30.24
N ILE D 609 -9.93 -5.05 31.22
CA ILE D 609 -8.63 -5.70 31.32
C ILE D 609 -8.66 -6.64 32.53
N PHE D 610 -8.32 -7.90 32.29
CA PHE D 610 -8.23 -8.90 33.35
C PHE D 610 -6.86 -9.55 33.31
N GLU D 611 -6.57 -10.35 34.34
CA GLU D 611 -5.32 -11.10 34.37
C GLU D 611 -5.31 -12.20 35.43
N TRP D 612 -4.94 -13.42 35.03
CA TRP D 612 -4.54 -14.42 36.01
C TRP D 612 -3.11 -14.20 36.47
N ASP D 613 -2.77 -14.79 37.61
CA ASP D 613 -1.42 -14.78 38.15
C ASP D 613 -0.82 -16.15 37.84
N LEU D 614 -0.04 -16.22 36.75
CA LEU D 614 0.42 -17.51 36.23
C LEU D 614 1.29 -18.25 37.23
N ASN D 615 2.02 -17.52 38.08
CA ASN D 615 2.92 -18.17 39.02
C ASN D 615 2.17 -19.00 40.05
N GLN D 616 1.04 -18.49 40.56
CA GLN D 616 0.31 -19.14 41.63
C GLN D 616 -1.08 -19.61 41.24
N LYS D 617 -1.65 -19.10 40.14
CA LYS D 617 -3.01 -19.47 39.76
C LYS D 617 -3.03 -20.12 38.38
N ILE D 618 -2.11 -21.05 38.14
CA ILE D 618 -2.06 -21.70 36.82
C ILE D 618 -3.02 -22.88 36.75
N ASN D 619 -3.33 -23.51 37.89
CA ASN D 619 -4.30 -24.60 37.88
C ASN D 619 -5.69 -24.10 37.48
N GLU D 620 -6.06 -22.90 37.91
CA GLU D 620 -7.31 -22.30 37.46
C GLU D 620 -7.28 -22.03 35.96
N TYR D 621 -6.13 -21.57 35.45
CA TYR D 621 -6.00 -21.37 34.01
C TYR D 621 -6.22 -22.68 33.27
N ILE D 622 -5.64 -23.78 33.77
CA ILE D 622 -5.86 -25.08 33.14
C ILE D 622 -7.33 -25.48 33.22
N LYS D 623 -7.96 -25.26 34.37
CA LYS D 623 -9.33 -25.73 34.58
C LYS D 623 -10.31 -25.01 33.66
N GLU D 624 -10.17 -23.69 33.51
CA GLU D 624 -11.06 -22.93 32.64
C GLU D 624 -10.49 -22.67 31.25
N ARG D 625 -9.36 -23.29 30.89
CA ARG D 625 -8.84 -23.27 29.52
C ARG D 625 -8.58 -21.85 29.03
N GLY D 626 -8.28 -20.94 29.95
CA GLY D 626 -8.04 -19.55 29.60
C GLY D 626 -9.27 -18.85 29.05
N MET D 627 -10.43 -19.48 29.24
CA MET D 627 -11.70 -18.97 28.71
C MET D 627 -11.60 -18.67 27.21
N ARG D 628 -10.98 -19.59 26.48
CA ARG D 628 -10.85 -19.45 25.03
C ARG D 628 -12.13 -19.94 24.36
N GLY D 629 -12.77 -19.04 23.60
CA GLY D 629 -14.06 -19.31 23.03
C GLY D 629 -15.23 -18.84 23.87
N LYS D 630 -15.01 -18.61 25.16
CA LYS D 630 -16.01 -18.04 26.05
C LYS D 630 -15.74 -16.55 26.32
N GLU D 631 -15.17 -15.85 25.33
CA GLU D 631 -14.77 -14.47 25.52
C GLU D 631 -15.98 -13.56 25.74
N LYS D 632 -17.14 -13.91 25.19
CA LYS D 632 -18.33 -13.10 25.37
C LYS D 632 -18.76 -13.06 26.84
N GLU D 633 -18.67 -14.20 27.54
CA GLU D 633 -19.14 -14.27 28.91
C GLU D 633 -18.36 -13.37 29.85
N LEU D 634 -17.14 -12.96 29.48
CA LEU D 634 -16.36 -12.08 30.34
C LEU D 634 -16.91 -10.66 30.35
N LEU D 635 -17.62 -10.23 29.31
CA LEU D 635 -18.17 -8.89 29.28
C LEU D 635 -19.26 -8.70 30.33
N GLU D 636 -20.23 -9.61 30.36
CA GLU D 636 -21.32 -9.48 31.33
C GLU D 636 -20.84 -9.73 32.76
N MET D 637 -19.92 -10.68 32.93
CA MET D 637 -19.44 -11.00 34.27
C MET D 637 -18.68 -9.83 34.87
N GLY D 638 -18.91 -9.59 36.16
CA GLY D 638 -18.25 -8.50 36.87
C GLY D 638 -17.96 -8.82 38.32
N LEU D 642 -17.70 -13.95 37.61
CA LEU D 642 -16.27 -14.00 37.37
C LEU D 642 -15.70 -15.33 37.84
N PRO D 643 -14.89 -15.97 37.00
CA PRO D 643 -14.31 -17.27 37.36
C PRO D 643 -13.25 -17.11 38.43
N ASP D 644 -12.80 -18.27 38.94
CA ASP D 644 -11.72 -18.28 39.92
C ASP D 644 -10.48 -17.63 39.33
N GLY D 645 -9.84 -16.78 40.12
CA GLY D 645 -8.77 -15.97 39.56
C GLY D 645 -9.33 -14.89 38.66
N LEU D 646 -8.52 -14.46 37.70
CA LEU D 646 -8.92 -13.46 36.71
C LEU D 646 -9.41 -12.17 37.39
N ILE D 647 -8.62 -11.68 38.33
CA ILE D 647 -8.92 -10.39 38.96
C ILE D 647 -8.78 -9.28 37.91
N PRO D 648 -9.70 -8.33 37.84
CA PRO D 648 -9.56 -7.25 36.85
C PRO D 648 -8.34 -6.39 37.12
N TYR D 649 -7.79 -5.83 36.04
CA TYR D 649 -6.60 -5.01 36.12
C TYR D 649 -6.96 -3.63 36.68
N LYS D 650 -6.37 -3.28 37.82
CA LYS D 650 -6.60 -1.99 38.45
C LYS D 650 -5.50 -0.98 38.20
N PHE D 651 -4.34 -1.43 37.72
CA PHE D 651 -3.20 -0.56 37.45
C PHE D 651 -3.07 -0.20 35.98
N PHE D 652 -4.21 -0.07 35.29
CA PHE D 652 -4.22 0.26 33.86
C PHE D 652 -4.11 1.77 33.73
N GLU D 653 -2.99 2.23 33.14
CA GLU D 653 -2.70 3.65 33.09
C GLU D 653 -3.62 4.38 32.13
N GLU D 654 -3.80 5.68 32.37
CA GLU D 654 -4.68 6.51 31.58
C GLU D 654 -3.94 7.08 30.37
N ARG D 655 -4.66 7.84 29.54
CA ARG D 655 -4.06 8.40 28.33
C ARG D 655 -2.97 9.41 28.66
N GLU D 656 -3.23 10.32 29.60
CA GLU D 656 -2.23 11.33 29.96
C GLU D 656 -1.34 10.85 31.10
N CYS D 657 -0.85 9.63 30.98
CA CYS D 657 0.15 9.08 31.89
C CYS D 657 1.22 8.29 31.15
N LEU D 658 0.99 7.94 29.89
CA LEU D 658 1.88 7.07 29.12
C LEU D 658 2.86 7.95 28.34
N PHE D 659 4.14 7.85 28.68
CA PHE D 659 5.15 8.62 27.95
C PHE D 659 5.20 8.30 26.46
N PRO D 660 5.28 7.03 26.03
CA PRO D 660 5.30 6.76 24.59
C PRO D 660 4.05 7.21 23.87
N TYR D 661 2.91 7.28 24.57
CA TYR D 661 1.70 7.80 23.96
C TYR D 661 1.93 9.19 23.41
N LYS D 662 2.21 10.16 24.30
CA LYS D 662 2.45 11.53 23.85
C LYS D 662 3.70 11.62 22.97
N GLU D 663 4.67 10.72 23.16
CA GLU D 663 5.89 10.84 22.39
C GLU D 663 5.68 10.45 20.93
N ASN D 664 4.94 9.37 20.66
CA ASN D 664 4.88 8.85 19.31
C ASN D 664 3.47 8.65 18.78
N LEU D 665 2.54 8.19 19.62
CA LEU D 665 1.25 7.77 19.09
C LEU D 665 0.23 8.90 19.08
N LYS D 666 0.21 9.73 20.12
CA LYS D 666 -0.71 10.87 20.14
C LYS D 666 -0.47 11.83 18.98
N PRO D 667 0.76 12.26 18.68
CA PRO D 667 0.97 13.13 17.51
C PRO D 667 0.93 12.40 16.18
N GLN D 668 0.83 11.07 16.18
CA GLN D 668 0.92 10.31 14.94
C GLN D 668 -0.16 10.71 13.95
N TRP D 669 -1.38 10.89 14.43
CA TRP D 669 -2.49 11.33 13.60
C TRP D 669 -3.19 12.49 14.28
N SER D 670 -3.18 13.66 13.63
CA SER D 670 -3.80 14.87 14.15
C SER D 670 -5.07 15.14 13.36
N GLU D 671 -6.21 15.02 14.03
CA GLU D 671 -7.49 15.23 13.36
C GLU D 671 -7.69 16.71 13.06
N VAL D 672 -8.29 16.99 11.90
CA VAL D 672 -8.73 18.33 11.53
C VAL D 672 -10.20 18.19 11.13
N GLN D 673 -11.09 18.38 12.09
CA GLN D 673 -12.53 18.30 11.83
C GLN D 673 -13.04 19.68 11.48
N TYR D 674 -13.73 19.77 10.35
CA TYR D 674 -14.24 21.06 9.88
C TYR D 674 -15.57 20.84 9.19
N THR D 675 -16.43 21.86 9.25
CA THR D 675 -17.75 21.79 8.63
C THR D 675 -17.79 22.66 7.39
N ILE D 676 -18.46 22.17 6.36
CA ILE D 676 -18.63 22.86 5.09
C ILE D 676 -20.10 23.17 4.91
N GLU D 677 -20.40 24.45 4.69
CA GLU D 677 -21.77 24.88 4.42
C GLU D 677 -21.92 25.13 2.92
N VAL D 678 -22.93 24.49 2.32
CA VAL D 678 -23.24 24.67 0.91
C VAL D 678 -24.64 25.24 0.79
N GLY D 679 -24.77 26.36 0.09
CA GLY D 679 -26.04 27.03 -0.06
C GLY D 679 -26.80 26.56 -1.28
N SER D 680 -26.40 25.42 -1.82
CA SER D 680 -26.96 24.86 -3.03
C SER D 680 -27.24 23.38 -2.82
N PRO D 681 -28.15 22.80 -3.59
CA PRO D 681 -28.41 21.35 -3.49
C PRO D 681 -27.15 20.54 -3.75
N LEU D 682 -27.03 19.43 -3.03
CA LEU D 682 -25.89 18.54 -3.15
C LEU D 682 -26.38 17.19 -3.67
N LEU D 683 -25.69 16.66 -4.67
CA LEU D 683 -26.08 15.38 -5.26
C LEU D 683 -24.81 14.56 -5.53
N THR D 684 -24.84 13.28 -5.17
CA THR D 684 -23.70 12.39 -5.33
C THR D 684 -23.95 11.32 -6.41
N ALA D 685 -25.19 11.18 -6.88
CA ALA D 685 -25.54 10.32 -8.02
C ALA D 685 -25.22 8.85 -7.74
N ASP D 686 -25.96 8.31 -6.77
CA ASP D 686 -25.99 6.86 -6.55
C ASP D 686 -27.05 6.27 -7.49
N THR D 687 -26.61 6.02 -8.73
CA THR D 687 -27.55 5.59 -9.77
C THR D 687 -28.04 4.17 -9.53
N ILE D 688 -27.16 3.27 -9.10
CA ILE D 688 -27.55 1.88 -8.89
C ILE D 688 -28.60 1.78 -7.78
N SER D 689 -28.37 2.50 -6.69
CA SER D 689 -29.37 2.54 -5.61
C SER D 689 -30.64 3.25 -6.05
N ALA D 690 -30.57 4.11 -7.07
CA ALA D 690 -31.77 4.77 -7.58
C ALA D 690 -32.67 3.81 -8.36
N LEU D 691 -32.12 2.72 -8.88
CA LEU D 691 -32.92 1.72 -9.58
C LEU D 691 -33.48 0.69 -8.60
N THR D 692 -34.08 1.21 -7.53
CA THR D 692 -34.69 0.45 -6.44
C THR D 692 -35.35 1.47 -5.53
N GLU D 693 -36.31 0.99 -4.72
CA GLU D 693 -37.07 1.80 -3.77
C GLU D 693 -38.01 2.75 -4.51
N PRO D 694 -39.19 3.03 -3.96
CA PRO D 694 -40.17 3.83 -4.70
C PRO D 694 -39.70 5.25 -4.92
N GLY D 695 -40.20 5.84 -6.00
CA GLY D 695 -39.89 7.23 -6.33
C GLY D 695 -39.63 7.46 -7.80
N ASN D 696 -39.09 6.45 -8.48
CA ASN D 696 -38.72 6.55 -9.89
C ASN D 696 -37.80 7.74 -10.13
N ARG D 697 -36.79 7.86 -9.28
CA ARG D 697 -35.81 8.93 -9.35
C ARG D 697 -34.55 8.43 -10.05
N ALA D 698 -34.15 9.12 -11.11
CA ALA D 698 -33.04 8.65 -11.93
C ALA D 698 -31.73 8.62 -11.15
N ALA D 699 -31.47 9.65 -10.36
CA ALA D 699 -30.20 9.76 -9.63
C ALA D 699 -30.51 10.27 -8.21
N ILE D 700 -30.64 9.33 -7.27
CA ILE D 700 -30.81 9.70 -5.87
C ILE D 700 -29.46 10.03 -5.27
N ALA D 701 -29.49 10.75 -4.15
CA ALA D 701 -28.27 11.10 -3.45
C ALA D 701 -27.73 9.90 -2.69
N TYR D 702 -26.41 9.86 -2.54
CA TYR D 702 -25.78 8.77 -1.81
C TYR D 702 -26.12 8.87 -0.33
N LYS D 703 -26.55 7.75 0.24
CA LYS D 703 -26.95 7.70 1.64
C LYS D 703 -26.16 6.60 2.34
N LYS D 704 -25.43 6.98 3.39
CA LYS D 704 -24.78 5.97 4.21
C LYS D 704 -25.81 5.14 4.95
N ARG D 705 -25.47 3.89 5.19
CA ARG D 705 -26.34 2.95 5.89
C ARG D 705 -25.67 2.63 7.22
N VAL D 706 -25.94 3.48 8.21
CA VAL D 706 -25.30 3.36 9.52
C VAL D 706 -26.02 2.31 10.35
N TYR D 707 -25.25 1.62 11.18
CA TYR D 707 -25.76 0.57 12.05
C TYR D 707 -25.66 1.04 13.50
N ASN D 708 -26.78 1.02 14.21
CA ASN D 708 -26.81 1.47 15.60
C ASN D 708 -26.09 0.47 16.48
N ASP D 709 -24.97 0.88 17.07
CA ASP D 709 -24.19 -0.01 17.91
C ASP D 709 -24.94 -0.30 19.21
N GLY D 710 -25.15 -1.59 19.49
CA GLY D 710 -25.83 -2.00 20.70
C GLY D 710 -27.32 -1.82 20.71
N ASN D 711 -27.87 -0.95 19.85
CA ASN D 711 -29.29 -0.69 19.80
C ASN D 711 -29.98 -1.75 18.94
N ASN D 712 -31.22 -1.49 18.56
CA ASN D 712 -32.03 -2.46 17.82
C ASN D 712 -31.55 -2.51 16.37
N ALA D 713 -30.42 -3.20 16.18
CA ALA D 713 -29.87 -3.49 14.85
C ALA D 713 -29.63 -2.24 14.02
N ILE D 714 -30.02 -2.28 12.76
CA ILE D 714 -29.72 -1.23 11.79
C ILE D 714 -30.75 -0.11 11.91
N GLU D 715 -30.32 1.10 11.58
CA GLU D 715 -31.19 2.27 11.66
C GLU D 715 -32.00 2.40 10.38
N PRO D 716 -33.33 2.43 10.44
CA PRO D 716 -34.12 2.63 9.21
C PRO D 716 -33.85 3.95 8.53
N GLU D 717 -33.58 5.00 9.29
CA GLU D 717 -33.34 6.32 8.69
C GLU D 717 -31.95 6.34 8.06
N PRO D 718 -31.83 6.74 6.80
CA PRO D 718 -30.51 6.83 6.16
C PRO D 718 -29.75 8.07 6.62
N ARG D 719 -28.46 8.09 6.29
CA ARG D 719 -27.58 9.21 6.63
C ARG D 719 -26.90 9.69 5.35
N PHE D 720 -27.39 10.79 4.80
CA PHE D 720 -26.81 11.36 3.59
C PHE D 720 -25.40 11.85 3.88
N ALA D 721 -24.48 11.60 2.94
CA ALA D 721 -23.09 11.97 3.15
C ALA D 721 -22.40 12.10 1.81
N VAL D 722 -21.27 12.80 1.82
CA VAL D 722 -20.36 12.82 0.69
C VAL D 722 -19.29 11.76 0.92
N LYS D 723 -19.02 10.96 -0.11
CA LYS D 723 -18.07 9.87 0.04
C LYS D 723 -16.70 10.39 0.45
N SER D 724 -16.05 9.65 1.35
CA SER D 724 -14.69 10.01 1.75
C SER D 724 -13.74 10.03 0.57
N GLU D 725 -14.01 9.19 -0.43
CA GLU D 725 -13.21 9.22 -1.65
C GLU D 725 -13.32 10.56 -2.36
N THR D 726 -14.51 11.14 -2.37
CA THR D 726 -14.69 12.46 -2.99
C THR D 726 -13.88 13.52 -2.25
N HIS D 727 -13.90 13.48 -0.92
CA HIS D 727 -13.13 14.43 -0.12
C HIS D 727 -11.64 14.28 -0.39
N ARG D 728 -11.14 13.04 -0.38
CA ARG D 728 -9.73 12.79 -0.66
C ARG D 728 -9.36 13.27 -2.06
N GLY D 729 -10.22 12.98 -3.05
CA GLY D 729 -9.92 13.40 -4.41
C GLY D 729 -9.93 14.89 -4.58
N ILE D 730 -10.85 15.60 -3.90
CA ILE D 730 -10.91 17.05 -4.05
C ILE D 730 -9.67 17.69 -3.42
N PHE D 731 -9.24 17.19 -2.25
CA PHE D 731 -8.02 17.72 -1.65
C PHE D 731 -6.79 17.40 -2.51
N ARG D 732 -6.73 16.19 -3.06
CA ARG D 732 -5.59 15.80 -3.89
C ARG D 732 -5.53 16.65 -5.16
N THR D 733 -6.67 16.88 -5.80
CA THR D 733 -6.71 17.73 -6.99
C THR D 733 -6.32 19.16 -6.64
N ALA D 734 -6.76 19.63 -5.47
CA ALA D 734 -6.37 20.98 -5.03
C ALA D 734 -4.86 21.10 -4.93
N VAL D 735 -4.22 20.18 -4.20
CA VAL D 735 -2.77 20.30 -4.04
C VAL D 735 -2.07 20.08 -5.37
N GLY D 736 -2.59 19.22 -6.23
CA GLY D 736 -1.96 18.99 -7.51
C GLY D 736 -2.00 20.20 -8.40
N ARG D 737 -3.13 20.92 -8.39
CA ARG D 737 -3.23 22.11 -9.22
C ARG D 737 -2.47 23.30 -8.62
N ARG D 738 -2.30 23.34 -7.31
CA ARG D 738 -1.47 24.41 -6.73
C ARG D 738 0.01 24.08 -6.72
N THR D 739 0.40 22.82 -6.97
CA THR D 739 1.80 22.44 -6.95
C THR D 739 2.38 22.21 -8.35
N GLY D 740 1.55 22.11 -9.37
CA GLY D 740 2.06 21.90 -10.71
C GLY D 740 2.61 20.52 -10.98
N ASP D 741 2.16 19.52 -10.23
CA ASP D 741 2.64 18.15 -10.39
C ASP D 741 1.60 17.20 -10.97
N LEU D 742 0.32 17.57 -10.96
CA LEU D 742 -0.67 16.79 -11.68
C LEU D 742 -0.43 16.89 -13.18
N GLY D 743 -0.76 15.82 -13.90
CA GLY D 743 -0.50 15.77 -15.31
C GLY D 743 0.95 15.54 -15.68
N LYS D 744 1.78 15.16 -14.72
CA LYS D 744 3.19 14.88 -15.00
C LYS D 744 3.30 13.66 -15.92
N GLU D 745 4.43 13.62 -16.64
CA GLU D 745 4.63 12.53 -17.61
C GLU D 745 4.66 11.18 -16.90
N ASP D 746 5.35 11.08 -15.77
CA ASP D 746 5.41 9.84 -15.03
C ASP D 746 5.74 10.14 -13.57
N HIS D 747 5.41 9.19 -12.70
CA HIS D 747 5.70 9.26 -11.28
C HIS D 747 6.53 8.05 -10.85
N GLU D 748 7.52 7.68 -11.66
CA GLU D 748 8.33 6.49 -11.39
C GLU D 748 9.07 6.62 -10.08
N ASP D 749 10.03 7.55 -10.00
CA ASP D 749 10.78 7.82 -8.79
C ASP D 749 10.48 9.21 -8.26
N CYS D 750 9.28 9.72 -8.58
CA CYS D 750 8.91 11.09 -8.24
C CYS D 750 8.80 11.26 -6.72
N THR D 751 9.12 12.47 -6.27
CA THR D 751 9.03 12.83 -4.86
C THR D 751 8.44 14.24 -4.73
N CYS D 752 7.39 14.51 -5.52
CA CYS D 752 6.80 15.84 -5.57
C CYS D 752 6.01 16.11 -4.29
N ASP D 753 5.33 17.26 -4.26
CA ASP D 753 4.52 17.65 -3.12
C ASP D 753 3.12 17.03 -3.15
N MET D 754 2.91 16.01 -3.97
CA MET D 754 1.67 15.25 -3.97
C MET D 754 1.88 13.78 -3.66
N CYS D 755 2.94 13.17 -4.19
CA CYS D 755 3.25 11.79 -3.85
C CYS D 755 3.59 11.66 -2.36
N ILE D 756 4.25 12.66 -1.80
CA ILE D 756 4.60 12.61 -0.38
C ILE D 756 3.37 12.74 0.49
N ILE D 757 2.49 13.70 0.16
CA ILE D 757 1.37 14.00 1.07
C ILE D 757 0.21 13.05 0.84
N PHE D 758 -0.16 12.80 -0.42
CA PHE D 758 -1.31 11.95 -0.76
C PHE D 758 -0.92 10.56 -1.20
N GLY D 759 0.30 10.13 -0.91
CA GLY D 759 0.73 8.79 -1.28
C GLY D 759 0.91 8.68 -2.79
N ASN D 760 1.22 7.47 -3.23
CA ASN D 760 1.41 7.21 -4.64
C ASN D 760 1.18 5.73 -4.90
N GLU D 761 1.57 5.28 -6.09
CA GLU D 761 1.39 3.88 -6.48
C GLU D 761 2.11 2.92 -5.54
N HIS D 762 3.12 3.39 -4.82
CA HIS D 762 3.91 2.53 -3.94
C HIS D 762 3.85 2.98 -2.48
N GLU D 763 4.08 4.25 -2.20
CA GLU D 763 3.99 4.75 -0.83
C GLU D 763 2.55 4.85 -0.38
N SER D 764 2.35 4.77 0.93
CA SER D 764 1.03 5.00 1.49
C SER D 764 0.74 6.49 1.60
N SER D 765 -0.53 6.81 1.79
CA SER D 765 -0.94 8.20 1.96
C SER D 765 -0.67 8.66 3.38
N LYS D 766 -0.08 9.85 3.51
CA LYS D 766 0.21 10.42 4.82
C LYS D 766 -0.97 11.21 5.37
N ILE D 767 -2.03 11.41 4.59
CA ILE D 767 -3.24 12.07 5.03
C ILE D 767 -4.42 11.16 4.73
N ARG D 768 -5.19 10.82 5.76
CA ARG D 768 -6.32 9.92 5.63
C ARG D 768 -7.60 10.70 5.92
N PHE D 769 -8.60 10.55 5.07
CA PHE D 769 -9.82 11.32 5.14
C PHE D 769 -10.94 10.51 5.79
N GLU D 770 -12.14 11.08 5.79
CA GLU D 770 -13.32 10.44 6.37
C GLU D 770 -14.55 10.93 5.61
N ASP D 771 -15.70 10.39 5.99
CA ASP D 771 -16.95 10.74 5.32
C ASP D 771 -17.34 12.18 5.64
N LEU D 772 -17.80 12.90 4.62
CA LEU D 772 -18.28 14.27 4.78
C LEU D 772 -19.80 14.24 4.97
N GLU D 773 -20.19 13.73 6.14
CA GLU D 773 -21.60 13.49 6.42
C GLU D 773 -22.35 14.80 6.66
N LEU D 774 -23.67 14.69 6.69
CA LEU D 774 -24.55 15.83 6.89
C LEU D 774 -25.10 15.82 8.31
N ILE D 775 -25.02 16.96 8.98
CA ILE D 775 -25.58 17.10 10.33
C ILE D 775 -26.79 18.01 10.36
N ASN D 776 -27.01 18.83 9.33
CA ASN D 776 -28.16 19.74 9.26
C ASN D 776 -29.24 19.07 8.44
N GLY D 777 -29.96 18.15 9.07
CA GLY D 777 -31.04 17.45 8.41
C GLY D 777 -32.31 17.38 9.23
N ASN D 778 -32.23 17.82 10.48
CA ASN D 778 -33.36 17.73 11.40
C ASN D 778 -34.24 18.97 11.39
N GLU D 779 -33.87 20.00 10.64
CA GLU D 779 -34.66 21.23 10.57
C GLU D 779 -34.84 21.68 9.13
N PHE D 780 -35.19 20.73 8.25
CA PHE D 780 -35.47 21.02 6.86
C PHE D 780 -36.90 20.69 6.46
N GLU D 781 -37.35 19.47 6.72
CA GLU D 781 -38.69 18.98 6.37
C GLU D 781 -38.87 18.87 4.86
N LYS D 782 -37.87 19.29 4.11
CA LYS D 782 -37.84 19.16 2.66
C LYS D 782 -36.43 18.82 2.20
N LEU D 783 -35.79 17.88 2.92
CA LEU D 783 -34.36 17.64 2.74
C LEU D 783 -34.04 17.26 1.31
N GLU D 784 -34.91 16.49 0.66
CA GLU D 784 -34.74 16.08 -0.72
C GLU D 784 -35.65 16.92 -1.61
N LYS D 785 -35.05 17.64 -2.55
CA LYS D 785 -35.77 18.51 -3.47
C LYS D 785 -35.73 17.92 -4.88
N HIS D 786 -36.89 17.79 -5.51
CA HIS D 786 -36.99 17.24 -6.85
C HIS D 786 -36.84 18.37 -7.87
N ILE D 787 -35.76 18.31 -8.66
CA ILE D 787 -35.49 19.29 -9.71
C ILE D 787 -35.38 18.54 -11.03
N ASP D 788 -36.03 19.07 -12.06
CA ASP D 788 -36.06 18.45 -13.37
C ASP D 788 -35.11 19.17 -14.32
N HIS D 789 -34.43 18.39 -15.16
CA HIS D 789 -33.53 18.93 -16.17
C HIS D 789 -33.92 18.36 -17.53
N VAL D 790 -34.04 19.24 -18.52
CA VAL D 790 -34.37 18.85 -19.89
C VAL D 790 -33.34 19.50 -20.82
N ALA D 791 -32.84 18.73 -21.78
CA ALA D 791 -31.84 19.21 -22.73
C ALA D 791 -32.58 19.83 -23.91
N ILE D 792 -32.58 21.16 -23.97
CA ILE D 792 -33.31 21.86 -25.02
C ILE D 792 -32.59 21.67 -26.36
N ASP D 793 -33.35 21.31 -27.39
CA ASP D 793 -32.80 21.22 -28.72
C ASP D 793 -32.39 22.60 -29.22
N ARG D 794 -31.28 22.66 -29.95
CA ARG D 794 -30.81 23.92 -30.48
C ARG D 794 -31.55 24.34 -31.74
N PHE D 795 -32.28 23.42 -32.38
CA PHE D 795 -33.06 23.74 -33.58
C PHE D 795 -34.54 23.92 -33.26
N THR D 796 -35.17 22.89 -32.68
CA THR D 796 -36.59 22.98 -32.38
C THR D 796 -36.89 23.85 -31.17
N GLY D 797 -35.89 24.09 -30.31
CA GLY D 797 -36.12 24.87 -29.12
C GLY D 797 -36.86 24.15 -28.02
N GLY D 798 -37.09 22.85 -28.17
CA GLY D 798 -37.82 22.09 -27.17
C GLY D 798 -37.08 20.86 -26.71
N ALA D 799 -37.78 19.97 -26.01
CA ALA D 799 -37.15 18.76 -25.51
C ALA D 799 -36.69 17.87 -26.66
N LEU D 800 -35.53 17.24 -26.48
CA LEU D 800 -35.00 16.33 -27.48
C LEU D 800 -35.84 15.05 -27.51
N ASP D 801 -35.44 14.12 -28.38
CA ASP D 801 -36.15 12.84 -28.45
C ASP D 801 -36.03 12.09 -27.13
N LYS D 802 -34.84 12.08 -26.53
CA LYS D 802 -34.62 11.46 -25.22
C LYS D 802 -33.70 12.40 -24.43
N ALA D 803 -34.31 13.34 -23.70
CA ALA D 803 -33.53 14.33 -22.96
C ALA D 803 -34.00 14.57 -21.54
N LYS D 804 -35.19 14.16 -21.15
CA LYS D 804 -35.68 14.41 -19.80
C LYS D 804 -34.80 13.70 -18.78
N PHE D 805 -34.41 14.43 -17.75
CA PHE D 805 -33.54 13.87 -16.70
C PHE D 805 -33.89 14.56 -15.39
N ASP D 806 -34.49 13.81 -14.48
CA ASP D 806 -34.82 14.31 -13.15
C ASP D 806 -33.73 13.93 -12.16
N THR D 807 -33.18 14.94 -11.48
CA THR D 807 -32.20 14.75 -10.43
C THR D 807 -32.85 15.04 -9.09
N TYR D 808 -32.41 14.35 -8.05
CA TYR D 808 -33.09 14.32 -6.76
C TYR D 808 -32.07 14.61 -5.66
N PRO D 809 -31.55 15.84 -5.60
CA PRO D 809 -30.51 16.17 -4.63
C PRO D 809 -31.03 16.53 -3.26
N LEU D 810 -30.12 16.98 -2.39
CA LEU D 810 -30.49 17.45 -1.06
C LEU D 810 -31.04 18.87 -1.15
N ALA D 811 -31.43 19.41 0.01
CA ALA D 811 -31.91 20.78 0.10
C ALA D 811 -30.72 21.73 0.14
N GLY D 812 -30.97 22.98 0.52
CA GLY D 812 -29.89 23.94 0.64
C GLY D 812 -30.17 25.26 -0.04
N SER D 813 -30.09 26.34 0.73
CA SER D 813 -30.36 27.69 0.24
C SER D 813 -29.36 28.63 0.89
N PRO D 814 -29.15 29.81 0.31
CA PRO D 814 -28.29 30.80 0.97
C PRO D 814 -28.74 31.17 2.37
N LYS D 815 -30.05 31.14 2.63
CA LYS D 815 -30.57 31.41 3.97
C LYS D 815 -30.71 30.16 4.82
N LYS D 816 -30.36 28.99 4.29
CA LYS D 816 -30.41 27.74 5.03
C LYS D 816 -29.51 26.71 4.37
N PRO D 817 -28.18 26.83 4.52
CA PRO D 817 -27.27 25.92 3.85
C PRO D 817 -27.13 24.59 4.60
N LEU D 818 -26.59 23.61 3.89
CA LEU D 818 -26.36 22.28 4.45
C LEU D 818 -25.03 22.26 5.19
N LYS D 819 -25.06 21.82 6.45
CA LYS D 819 -23.85 21.71 7.26
C LYS D 819 -23.26 20.32 7.06
N LEU D 820 -22.17 20.24 6.30
CA LEU D 820 -21.48 18.99 6.02
C LEU D 820 -20.25 18.90 6.93
N LYS D 821 -20.19 17.84 7.73
CA LYS D 821 -19.11 17.66 8.69
C LYS D 821 -18.21 16.51 8.25
N GLY D 822 -16.91 16.75 8.31
CA GLY D 822 -15.94 15.72 7.95
C GLY D 822 -14.58 16.06 8.54
N ARG D 823 -13.72 15.04 8.58
CA ARG D 823 -12.42 15.19 9.20
C ARG D 823 -11.37 14.47 8.36
N PHE D 824 -10.13 14.97 8.44
CA PHE D 824 -8.99 14.32 7.82
C PHE D 824 -7.83 14.32 8.81
N TRP D 825 -6.94 13.35 8.66
CA TRP D 825 -5.85 13.14 9.59
C TRP D 825 -4.51 13.43 8.93
N ILE D 826 -3.55 13.88 9.75
CA ILE D 826 -2.24 14.31 9.27
C ILE D 826 -1.18 13.51 10.00
N LYS D 827 -0.25 12.92 9.24
CA LYS D 827 0.86 12.20 9.84
C LYS D 827 1.90 13.17 10.38
N LYS D 828 2.59 12.75 11.44
CA LYS D 828 3.55 13.60 12.12
C LYS D 828 4.90 13.61 11.43
N GLY D 829 4.91 13.86 10.12
CA GLY D 829 6.15 13.95 9.37
C GLY D 829 6.12 15.04 8.34
N PHE D 830 5.29 16.06 8.55
CA PHE D 830 5.09 17.12 7.59
C PHE D 830 5.86 18.36 8.01
N SER D 831 6.57 18.95 7.05
CA SER D 831 7.28 20.20 7.28
C SER D 831 6.30 21.37 7.15
N GLY D 832 6.83 22.59 7.18
CA GLY D 832 5.96 23.76 7.06
C GLY D 832 5.32 23.88 5.69
N ASP D 833 6.06 23.52 4.64
CA ASP D 833 5.55 23.71 3.29
C ASP D 833 4.36 22.80 3.01
N HIS D 834 4.40 21.56 3.49
CA HIS D 834 3.30 20.63 3.22
C HIS D 834 2.03 21.03 3.98
N LYS D 835 2.18 21.43 5.24
CA LYS D 835 1.02 21.91 5.99
C LYS D 835 0.47 23.20 5.39
N LEU D 836 1.36 24.07 4.90
CA LEU D 836 0.91 25.27 4.20
C LEU D 836 0.14 24.91 2.95
N LEU D 837 0.61 23.91 2.20
CA LEU D 837 -0.09 23.49 0.99
C LEU D 837 -1.46 22.92 1.29
N ILE D 838 -1.56 22.09 2.34
CA ILE D 838 -2.86 21.53 2.68
C ILE D 838 -3.80 22.61 3.20
N THR D 839 -3.27 23.60 3.94
CA THR D 839 -4.09 24.71 4.38
C THR D 839 -4.58 25.55 3.22
N THR D 840 -3.72 25.78 2.22
CA THR D 840 -4.15 26.52 1.04
C THR D 840 -5.19 25.73 0.25
N ALA D 841 -5.05 24.40 0.21
CA ALA D 841 -6.08 23.58 -0.42
C ALA D 841 -7.41 23.70 0.31
N LEU D 842 -7.38 23.70 1.64
CA LEU D 842 -8.60 23.87 2.42
C LEU D 842 -9.20 25.24 2.19
N SER D 843 -8.37 26.28 2.09
CA SER D 843 -8.85 27.62 1.81
C SER D 843 -9.48 27.71 0.43
N ASP D 844 -8.85 27.06 -0.56
CA ASP D 844 -9.43 27.02 -1.91
C ASP D 844 -10.77 26.30 -1.90
N ILE D 845 -10.89 25.26 -1.08
CA ILE D 845 -12.20 24.63 -0.86
C ILE D 845 -13.17 25.66 -0.28
N ARG D 846 -12.71 26.43 0.71
CA ARG D 846 -13.55 27.46 1.32
C ARG D 846 -13.91 28.55 0.33
N ASP D 847 -12.95 28.95 -0.52
CA ASP D 847 -13.17 30.04 -1.46
C ASP D 847 -14.22 29.72 -2.51
N GLY D 848 -14.59 28.45 -2.66
CA GLY D 848 -15.68 28.08 -3.56
C GLY D 848 -15.25 27.61 -4.92
N LEU D 849 -13.95 27.46 -5.18
CA LEU D 849 -13.51 27.03 -6.50
C LEU D 849 -13.98 25.62 -6.81
N TYR D 850 -13.92 24.72 -5.82
CA TYR D 850 -14.16 23.30 -6.06
C TYR D 850 -15.50 22.88 -5.49
N PRO D 851 -16.49 22.57 -6.34
CA PRO D 851 -17.80 22.16 -5.82
C PRO D 851 -17.82 20.68 -5.48
N LEU D 852 -18.45 20.37 -4.34
CA LEU D 852 -18.65 19.00 -3.94
C LEU D 852 -19.76 18.34 -4.76
N GLY D 853 -19.70 17.02 -4.83
CA GLY D 853 -20.75 16.29 -5.53
C GLY D 853 -20.66 16.44 -7.04
N SER D 854 -21.80 16.18 -7.68
CA SER D 854 -21.90 16.18 -9.13
C SER D 854 -22.60 17.43 -9.63
N LYS D 855 -22.54 17.62 -10.95
CA LYS D 855 -23.19 18.74 -11.62
C LYS D 855 -22.79 20.08 -11.00
N GLY D 856 -21.49 20.22 -10.74
CA GLY D 856 -21.00 21.48 -10.18
C GLY D 856 -21.13 22.64 -11.13
N GLY D 857 -21.16 22.37 -12.44
CA GLY D 857 -21.34 23.44 -13.40
C GLY D 857 -22.68 24.13 -13.27
N VAL D 858 -23.73 23.35 -13.01
CA VAL D 858 -25.05 23.94 -12.77
C VAL D 858 -25.04 24.78 -11.50
N GLY D 859 -24.42 24.27 -10.44
CA GLY D 859 -24.41 24.97 -9.18
C GLY D 859 -24.52 24.05 -7.98
N TYR D 860 -24.66 22.76 -8.23
CA TYR D 860 -24.77 21.80 -7.15
C TYR D 860 -23.49 21.76 -6.32
N GLY D 861 -23.66 21.62 -5.01
CA GLY D 861 -22.52 21.49 -4.12
C GLY D 861 -21.60 22.69 -4.09
N TRP D 862 -22.16 23.89 -4.23
CA TRP D 862 -21.36 25.10 -4.14
C TRP D 862 -21.20 25.49 -2.67
N VAL D 863 -19.96 25.55 -2.21
CA VAL D 863 -19.69 25.77 -0.80
C VAL D 863 -19.84 27.24 -0.46
N ALA D 864 -20.40 27.52 0.71
CA ALA D 864 -20.55 28.90 1.18
C ALA D 864 -19.51 29.28 2.23
N GLY D 865 -18.73 28.34 2.73
CA GLY D 865 -17.71 28.65 3.71
C GLY D 865 -17.33 27.43 4.51
N ILE D 866 -16.24 27.58 5.26
CA ILE D 866 -15.71 26.52 6.12
C ILE D 866 -15.52 27.10 7.51
N SER D 867 -16.01 26.38 8.53
CA SER D 867 -15.83 26.75 9.92
C SER D 867 -14.96 25.70 10.59
N ILE D 868 -13.71 26.06 10.86
CA ILE D 868 -12.78 25.13 11.50
C ILE D 868 -13.17 24.94 12.95
N ASP D 869 -13.21 23.69 13.40
CA ASP D 869 -13.51 23.39 14.79
C ASP D 869 -12.40 23.89 15.70
N ASP D 870 -12.78 24.23 16.94
CA ASP D 870 -11.83 24.78 17.91
C ASP D 870 -10.81 23.76 18.38
N ASN D 871 -11.01 22.47 18.11
CA ASN D 871 -10.10 21.41 18.53
C ASN D 871 -8.96 21.18 17.56
N VAL D 872 -8.90 21.95 16.47
CA VAL D 872 -7.83 21.82 15.47
C VAL D 872 -6.52 22.29 16.09
N PRO D 873 -5.37 21.82 15.59
CA PRO D 873 -4.10 22.29 16.16
C PRO D 873 -3.93 23.79 16.00
N ASP D 874 -3.22 24.38 16.97
CA ASP D 874 -3.07 25.83 17.00
C ASP D 874 -2.32 26.34 15.77
N ASP D 875 -1.26 25.64 15.36
CA ASP D 875 -0.50 26.06 14.18
C ASP D 875 -1.37 26.01 12.93
N PHE D 876 -2.16 24.95 12.78
CA PHE D 876 -3.05 24.85 11.62
C PHE D 876 -4.15 25.90 11.68
N LYS D 877 -4.72 26.13 12.87
CA LYS D 877 -5.86 27.04 13.00
C LYS D 877 -5.43 28.49 12.77
N GLU D 878 -4.26 28.88 13.27
CA GLU D 878 -3.83 30.27 13.12
C GLU D 878 -3.49 30.59 11.68
N MET D 879 -2.95 29.63 10.94
CA MET D 879 -2.49 29.84 9.57
C MET D 879 -3.61 29.74 8.55
N ILE D 880 -4.78 29.23 8.92
CA ILE D 880 -5.93 29.22 8.03
C ILE D 880 -6.81 30.42 8.31
N GLY D 897 -18.34 51.66 -9.35
CA GLY D 897 -19.62 50.99 -9.36
C GLY D 897 -19.67 49.81 -10.33
N PRO D 898 -20.87 49.27 -10.55
CA PRO D 898 -20.99 48.14 -11.48
C PRO D 898 -20.60 48.55 -12.90
N ILE D 899 -20.03 47.59 -13.62
CA ILE D 899 -19.60 47.82 -14.99
C ILE D 899 -20.77 47.51 -15.92
N ASN D 900 -21.26 48.53 -16.62
CA ASN D 900 -22.34 48.39 -17.57
C ASN D 900 -21.82 48.74 -18.96
N ASN D 901 -21.98 47.81 -19.90
CA ASN D 901 -21.51 48.04 -21.25
C ASN D 901 -22.29 49.18 -21.90
N ASP D 902 -21.57 50.06 -22.59
CA ASP D 902 -22.18 51.22 -23.23
C ASP D 902 -22.60 50.96 -24.65
N TYR D 903 -22.44 49.74 -25.16
CA TYR D 903 -22.87 49.41 -26.51
C TYR D 903 -24.39 49.48 -26.60
N VAL D 904 -24.88 50.06 -27.69
CA VAL D 904 -26.31 50.15 -27.96
C VAL D 904 -26.55 49.63 -29.37
N HIS D 905 -27.47 48.66 -29.49
CA HIS D 905 -27.83 48.09 -30.77
C HIS D 905 -29.20 48.61 -31.19
N PRO D 906 -29.29 49.36 -32.29
CA PRO D 906 -30.59 49.95 -32.66
C PRO D 906 -31.69 48.92 -32.87
N GLY D 907 -31.39 47.81 -33.52
CA GLY D 907 -32.41 46.81 -33.80
C GLY D 907 -33.55 47.38 -34.62
N HIS D 908 -33.22 48.14 -35.65
CA HIS D 908 -34.17 48.99 -36.37
C HIS D 908 -34.74 48.32 -37.60
N GLN D 909 -34.97 47.01 -37.55
CA GLN D 909 -35.60 46.32 -38.67
C GLN D 909 -37.00 46.89 -38.94
N SER D 910 -37.76 47.17 -37.89
CA SER D 910 -39.07 47.79 -38.02
C SER D 910 -39.44 48.51 -36.74
N PRO D 911 -38.83 49.66 -36.44
CA PRO D 911 -39.18 50.38 -35.20
C PRO D 911 -40.64 50.81 -35.15
N LYS D 912 -41.25 51.14 -36.28
CA LYS D 912 -42.64 51.57 -36.30
C LYS D 912 -43.58 50.41 -36.61
N ILE D 920 -47.02 38.50 -42.02
CA ILE D 920 -46.68 39.75 -41.36
C ILE D 920 -45.63 39.50 -40.29
N TYR D 921 -46.08 39.15 -39.09
CA TYR D 921 -45.18 38.88 -37.98
C TYR D 921 -44.61 37.48 -38.08
N TYR D 922 -43.68 37.17 -37.16
CA TYR D 922 -43.11 35.83 -37.05
C TYR D 922 -43.15 35.40 -35.60
N PRO D 923 -43.43 34.12 -35.33
CA PRO D 923 -43.48 33.67 -33.93
C PRO D 923 -42.14 33.73 -33.23
N HIS D 924 -41.11 33.11 -33.83
CA HIS D 924 -39.77 33.10 -33.26
C HIS D 924 -38.79 32.90 -34.41
N TYR D 925 -38.13 33.97 -34.82
CA TYR D 925 -37.23 33.91 -35.97
C TYR D 925 -36.00 33.06 -35.64
N PHE D 926 -35.39 32.52 -36.69
CA PHE D 926 -34.21 31.67 -36.57
C PHE D 926 -32.94 32.51 -36.76
N LEU D 927 -31.80 31.86 -36.52
CA LEU D 927 -30.50 32.52 -36.60
C LEU D 927 -29.57 31.63 -37.40
N ASP D 928 -28.91 32.22 -38.40
CA ASP D 928 -27.95 31.51 -39.23
C ASP D 928 -26.55 32.02 -38.91
N SER D 929 -25.63 31.09 -38.62
CA SER D 929 -24.28 31.44 -38.22
C SER D 929 -23.19 30.87 -39.12
N GLY D 930 -23.54 29.99 -40.05
CA GLY D 930 -22.55 29.43 -40.95
C GLY D 930 -22.03 28.10 -40.44
N SER D 931 -21.61 27.26 -41.39
CA SER D 931 -21.11 25.92 -41.05
C SER D 931 -19.66 25.92 -40.61
N LYS D 932 -18.93 27.01 -40.80
CA LYS D 932 -17.53 27.07 -40.41
C LYS D 932 -17.41 27.03 -38.89
N VAL D 933 -16.39 26.33 -38.41
CA VAL D 933 -16.15 26.18 -36.98
C VAL D 933 -14.64 26.05 -36.76
N TYR D 934 -14.15 26.66 -35.69
CA TYR D 934 -12.75 26.57 -35.29
C TYR D 934 -12.64 25.62 -34.10
N ARG D 935 -11.90 24.53 -34.27
CA ARG D 935 -11.73 23.52 -33.24
C ARG D 935 -10.35 23.68 -32.63
N GLU D 936 -10.30 24.10 -31.36
CA GLU D 936 -9.04 24.25 -30.63
C GLU D 936 -8.56 22.86 -30.26
N LYS D 937 -7.68 22.30 -31.09
CA LYS D 937 -7.12 20.98 -30.79
C LYS D 937 -6.23 21.02 -29.57
N ASP D 938 -5.62 22.16 -29.28
CA ASP D 938 -4.77 22.33 -28.10
C ASP D 938 -5.68 22.58 -26.90
N ILE D 939 -6.17 21.49 -26.30
CA ILE D 939 -7.07 21.59 -25.16
C ILE D 939 -6.32 22.20 -23.99
N ILE D 940 -6.94 23.19 -23.33
CA ILE D 940 -6.42 23.73 -22.09
C ILE D 940 -6.72 22.71 -20.99
N THR D 941 -5.70 21.98 -20.56
CA THR D 941 -5.89 20.91 -19.60
C THR D 941 -6.38 21.45 -18.27
N HIS D 942 -7.08 20.59 -17.53
CA HIS D 942 -7.57 20.92 -16.20
C HIS D 942 -6.53 20.65 -15.12
N GLU D 943 -5.25 20.65 -15.50
CA GLU D 943 -4.13 20.51 -14.58
C GLU D 943 -3.88 21.84 -13.88
N GLU D 944 -2.70 21.98 -13.28
CA GLU D 944 -2.34 23.18 -12.52
C GLU D 944 -2.68 24.44 -13.31
N PHE D 945 -3.05 25.49 -12.57
CA PHE D 945 -3.49 26.73 -13.19
C PHE D 945 -2.37 27.35 -14.01
N THR D 946 -2.70 27.74 -15.24
CA THR D 946 -1.73 28.41 -16.10
C THR D 946 -1.48 29.82 -15.60
N GLU D 947 -0.21 30.22 -15.54
CA GLU D 947 0.13 31.56 -15.09
C GLU D 947 -0.44 32.62 -16.03
N GLU D 948 -0.35 32.39 -17.33
CA GLU D 948 -0.87 33.36 -18.29
C GLU D 948 -2.39 33.47 -18.19
N LEU D 949 -3.08 32.34 -18.00
CA LEU D 949 -4.52 32.34 -17.94
C LEU D 949 -5.02 32.94 -16.62
N LEU D 950 -6.25 33.43 -16.64
CA LEU D 950 -6.84 34.13 -15.51
C LEU D 950 -7.99 33.32 -14.94
N SER D 951 -7.97 33.13 -13.61
CA SER D 951 -9.02 32.42 -12.89
C SER D 951 -9.62 33.33 -11.83
N GLY D 952 -10.90 33.11 -11.53
CA GLY D 952 -11.56 33.94 -10.53
C GLY D 952 -13.06 33.71 -10.49
N LYS D 953 -13.77 34.74 -10.03
CA LYS D 953 -15.20 34.68 -9.81
C LYS D 953 -15.88 35.88 -10.45
N ILE D 954 -17.12 35.69 -10.90
CA ILE D 954 -17.95 36.75 -11.44
C ILE D 954 -19.23 36.82 -10.64
N ASN D 955 -19.55 38.02 -10.14
CA ASN D 955 -20.81 38.28 -9.47
C ASN D 955 -21.73 39.03 -10.43
N CYS D 956 -23.00 38.63 -10.44
CA CYS D 956 -23.95 39.17 -11.39
C CYS D 956 -25.22 39.62 -10.68
N LYS D 957 -25.86 40.64 -11.25
CA LYS D 957 -27.15 41.13 -10.78
C LYS D 957 -28.16 40.88 -11.88
N LEU D 958 -29.24 40.18 -11.54
CA LEU D 958 -30.22 39.71 -12.52
C LEU D 958 -31.53 40.46 -12.30
N GLU D 959 -32.03 41.08 -13.37
CA GLU D 959 -33.29 41.81 -13.33
C GLU D 959 -34.14 41.39 -14.52
N THR D 960 -35.47 41.48 -14.34
CA THR D 960 -36.43 41.03 -15.33
C THR D 960 -37.17 42.21 -15.93
N LEU D 961 -37.11 42.33 -17.25
CA LEU D 961 -37.91 43.32 -17.98
C LEU D 961 -39.33 42.86 -18.22
N THR D 962 -39.56 41.55 -18.26
CA THR D 962 -40.86 40.93 -18.37
C THR D 962 -41.01 39.93 -17.24
N PRO D 963 -42.25 39.60 -16.86
CA PRO D 963 -42.43 38.64 -15.75
C PRO D 963 -41.74 37.32 -16.03
N LEU D 964 -41.13 36.76 -14.99
CA LEU D 964 -40.37 35.52 -15.09
C LEU D 964 -41.22 34.38 -14.52
N ILE D 965 -41.24 33.26 -15.24
CA ILE D 965 -42.00 32.07 -14.85
C ILE D 965 -41.06 30.88 -14.81
N ILE D 966 -40.91 30.28 -13.63
CA ILE D 966 -40.05 29.12 -13.44
C ILE D 966 -40.75 28.17 -12.47
N PRO D 967 -41.31 27.07 -12.94
CA PRO D 967 -42.08 26.19 -12.05
C PRO D 967 -41.20 25.33 -11.16
N ASP D 968 -41.82 24.82 -10.10
CA ASP D 968 -41.19 23.86 -9.19
C ASP D 968 -41.93 22.54 -9.38
N THR D 969 -41.34 21.63 -10.15
CA THR D 969 -41.98 20.38 -10.49
C THR D 969 -42.11 19.44 -9.28
N SER D 970 -41.30 19.66 -8.24
CA SER D 970 -41.32 18.79 -7.06
C SER D 970 -42.71 18.68 -6.47
N ASP D 971 -43.52 19.71 -6.58
CA ASP D 971 -44.91 19.70 -6.12
C ASP D 971 -45.79 20.15 -7.28
N GLU D 972 -46.36 19.18 -8.01
CA GLU D 972 -47.26 19.50 -9.11
C GLU D 972 -48.59 20.06 -8.62
N ASN D 973 -48.86 20.01 -7.32
CA ASN D 973 -50.06 20.58 -6.71
C ASN D 973 -49.70 21.61 -5.67
N GLY D 974 -48.73 22.48 -5.98
CA GLY D 974 -48.36 23.53 -5.04
C GLY D 974 -49.47 24.54 -4.83
N LEU D 975 -50.19 24.89 -5.89
CA LEU D 975 -51.29 25.84 -5.79
C LEU D 975 -52.53 25.22 -5.14
N LYS D 976 -52.61 23.90 -5.07
CA LYS D 976 -53.71 23.20 -4.41
C LYS D 976 -55.06 23.59 -5.00
N LEU D 977 -55.11 23.72 -6.32
CA LEU D 977 -56.33 24.10 -7.02
C LEU D 977 -57.01 22.92 -7.72
N GLN D 978 -56.64 21.69 -7.39
CA GLN D 978 -57.29 20.53 -7.98
C GLN D 978 -58.73 20.36 -7.52
N GLY D 979 -59.11 20.98 -6.40
CA GLY D 979 -60.48 20.84 -5.93
C GLY D 979 -61.50 21.38 -6.91
N ASN D 980 -61.22 22.56 -7.48
CA ASN D 980 -62.13 23.13 -8.47
C ASN D 980 -62.18 22.30 -9.74
N LYS D 981 -61.01 21.81 -10.19
CA LYS D 981 -60.94 21.01 -11.42
C LYS D 981 -59.78 20.03 -11.27
N PRO D 982 -60.07 18.76 -10.96
CA PRO D 982 -58.99 17.78 -10.85
C PRO D 982 -58.34 17.50 -12.19
N GLY D 983 -57.06 17.14 -12.14
CA GLY D 983 -56.31 16.81 -13.35
C GLY D 983 -55.69 17.99 -14.06
N HIS D 984 -55.78 19.19 -13.50
CA HIS D 984 -55.20 20.38 -14.09
C HIS D 984 -53.88 20.69 -13.40
N LYS D 985 -52.78 20.65 -14.17
CA LYS D 985 -51.47 20.91 -13.60
C LYS D 985 -51.39 22.36 -13.10
N ASN D 986 -50.90 22.52 -11.88
CA ASN D 986 -50.77 23.84 -11.24
C ASN D 986 -49.48 23.90 -10.41
N TYR D 987 -48.41 24.34 -11.07
CA TYR D 987 -47.10 24.35 -10.45
C TYR D 987 -46.96 25.54 -9.50
N LYS D 988 -45.81 25.62 -8.85
CA LYS D 988 -45.43 26.73 -8.00
C LYS D 988 -44.06 27.22 -8.43
N PHE D 989 -43.78 28.49 -8.18
CA PHE D 989 -42.49 29.04 -8.61
C PHE D 989 -41.37 28.36 -7.85
N PHE D 990 -40.25 28.15 -8.54
CA PHE D 990 -39.16 27.37 -7.98
C PHE D 990 -38.61 28.02 -6.72
N ASN D 991 -38.45 27.21 -5.68
CA ASN D 991 -37.90 27.68 -4.42
C ASN D 991 -37.37 26.50 -3.62
N ILE D 992 -36.29 26.73 -2.87
CA ILE D 992 -35.70 25.73 -1.99
C ILE D 992 -35.75 26.26 -0.57
N ASN D 993 -36.28 25.45 0.35
CA ASN D 993 -36.45 25.84 1.75
C ASN D 993 -37.23 27.14 1.89
N GLY D 994 -38.10 27.43 0.93
CA GLY D 994 -38.92 28.63 0.95
C GLY D 994 -38.27 29.87 0.37
N GLU D 995 -36.99 29.81 0.01
CA GLU D 995 -36.29 30.95 -0.57
C GLU D 995 -36.42 30.88 -2.09
N LEU D 996 -37.03 31.91 -2.67
CA LEU D 996 -37.26 31.92 -4.10
C LEU D 996 -35.92 31.94 -4.84
N MET D 997 -35.78 31.09 -5.86
CA MET D 997 -34.48 30.87 -6.46
C MET D 997 -34.63 30.46 -7.91
N ILE D 998 -33.68 30.89 -8.73
CA ILE D 998 -33.62 30.52 -10.15
C ILE D 998 -32.67 29.33 -10.28
N PRO D 999 -33.08 28.23 -10.91
CA PRO D 999 -32.17 27.09 -11.07
C PRO D 999 -30.95 27.45 -11.89
N GLY D 1000 -29.81 26.86 -11.52
CA GLY D 1000 -28.56 27.13 -12.23
C GLY D 1000 -28.57 26.63 -13.65
N SER D 1001 -29.25 25.51 -13.91
CA SER D 1001 -29.30 24.96 -15.25
C SER D 1001 -29.91 25.94 -16.24
N GLU D 1002 -30.89 26.72 -15.79
CA GLU D 1002 -31.53 27.69 -16.67
C GLU D 1002 -30.52 28.72 -17.16
N LEU D 1003 -29.78 29.34 -16.23
CA LEU D 1003 -28.78 30.32 -16.62
C LEU D 1003 -27.68 29.69 -17.45
N ARG D 1004 -27.24 28.48 -17.07
CA ARG D 1004 -26.16 27.83 -17.80
C ARG D 1004 -26.56 27.56 -19.25
N GLY D 1005 -27.74 26.98 -19.46
CA GLY D 1005 -28.20 26.72 -20.81
C GLY D 1005 -28.44 28.00 -21.59
N MET D 1006 -29.01 29.01 -20.94
CA MET D 1006 -29.24 30.30 -21.59
C MET D 1006 -27.93 30.87 -22.13
N LEU D 1007 -26.97 31.12 -21.24
CA LEU D 1007 -25.72 31.73 -21.67
C LEU D 1007 -24.88 30.80 -22.53
N ARG D 1008 -25.05 29.48 -22.41
CA ARG D 1008 -24.32 28.58 -23.29
C ARG D 1008 -24.86 28.65 -24.71
N THR D 1009 -26.17 28.67 -24.88
CA THR D 1009 -26.74 28.87 -26.21
C THR D 1009 -26.34 30.23 -26.77
N HIS D 1010 -26.36 31.26 -25.92
CA HIS D 1010 -25.96 32.59 -26.37
C HIS D 1010 -24.51 32.61 -26.84
N PHE D 1011 -23.62 31.99 -26.07
CA PHE D 1011 -22.19 31.99 -26.43
C PHE D 1011 -21.95 31.13 -27.66
N GLU D 1012 -22.65 30.01 -27.79
CA GLU D 1012 -22.49 29.14 -28.95
C GLU D 1012 -22.94 29.85 -30.22
N ALA D 1013 -24.06 30.60 -30.15
CA ALA D 1013 -24.48 31.37 -31.30
C ALA D 1013 -23.56 32.56 -31.55
N LEU D 1014 -22.96 33.13 -30.50
CA LEU D 1014 -22.02 34.23 -30.67
C LEU D 1014 -20.76 33.77 -31.40
N THR D 1015 -20.25 32.59 -31.05
CA THR D 1015 -19.01 32.06 -31.62
C THR D 1015 -19.26 31.01 -32.69
N LYS D 1016 -20.49 30.91 -33.20
CA LYS D 1016 -20.92 29.87 -34.13
C LYS D 1016 -20.30 28.52 -33.77
N SER D 1017 -20.46 28.15 -32.50
CA SER D 1017 -19.77 26.99 -31.94
C SER D 1017 -20.17 25.68 -32.60
N CYS D 1018 -21.40 25.23 -32.36
CA CYS D 1018 -21.90 23.97 -32.93
C CYS D 1018 -23.37 23.84 -32.55
N PHE D 1019 -23.95 22.69 -32.89
CA PHE D 1019 -25.31 22.33 -32.55
C PHE D 1019 -25.31 21.15 -31.58
N ALA D 1020 -24.49 21.24 -30.54
CA ALA D 1020 -24.18 20.14 -29.62
C ALA D 1020 -25.37 19.24 -29.30
N ILE D 1021 -26.55 19.82 -29.14
CA ILE D 1021 -27.78 19.07 -28.94
C ILE D 1021 -28.64 19.25 -30.18
N PHE D 1022 -28.85 18.17 -30.93
CA PHE D 1022 -29.61 18.22 -32.17
C PHE D 1022 -30.54 17.03 -32.25
N GLY D 1023 -31.79 17.28 -32.63
CA GLY D 1023 -32.79 16.25 -32.77
C GLY D 1023 -32.83 15.59 -34.13
N GLU D 1024 -31.85 14.75 -34.42
CA GLU D 1024 -31.79 14.06 -35.70
C GLU D 1024 -32.78 12.88 -35.68
N ASP D 1025 -32.68 12.02 -36.70
CA ASP D 1025 -33.55 10.85 -36.84
C ASP D 1025 -35.02 11.26 -36.91
N SER D 1026 -35.35 12.04 -37.95
CA SER D 1026 -36.71 12.47 -38.20
C SER D 1026 -36.87 12.73 -39.68
N THR D 1027 -38.08 12.44 -40.19
CA THR D 1027 -38.38 12.61 -41.61
C THR D 1027 -39.42 13.70 -41.87
N LEU D 1028 -40.59 13.60 -41.24
CA LEU D 1028 -41.64 14.58 -41.43
C LEU D 1028 -42.61 14.60 -40.26
N LYS D 1393 -36.50 10.29 -46.02
CA LYS D 1393 -35.12 9.90 -45.75
C LYS D 1393 -34.26 11.10 -45.41
N THR D 1394 -32.94 10.90 -45.39
CA THR D 1394 -31.97 11.95 -45.08
C THR D 1394 -32.28 12.59 -43.73
N LEU D 1395 -32.58 11.76 -42.74
CA LEU D 1395 -32.90 12.27 -41.40
C LEU D 1395 -31.70 13.00 -40.80
N GLY D 1396 -30.50 12.43 -40.93
CA GLY D 1396 -29.29 13.07 -40.45
C GLY D 1396 -28.53 13.86 -41.48
N GLY D 1397 -28.87 13.69 -42.76
CA GLY D 1397 -28.18 14.40 -43.82
C GLY D 1397 -28.70 15.80 -44.10
N LYS D 1398 -29.81 16.19 -43.47
CA LYS D 1398 -30.32 17.54 -43.67
C LYS D 1398 -29.35 18.59 -43.16
N LEU D 1399 -28.78 18.37 -41.98
CA LEU D 1399 -27.77 19.27 -41.45
C LEU D 1399 -26.44 19.05 -42.17
N ASP D 1400 -25.72 20.15 -42.40
CA ASP D 1400 -24.42 20.05 -43.05
C ASP D 1400 -23.46 19.22 -42.20
N LYS D 1401 -22.66 18.38 -42.88
CA LYS D 1401 -21.79 17.46 -42.17
C LYS D 1401 -20.50 18.16 -41.72
N ALA D 1402 -20.63 19.32 -41.10
CA ALA D 1402 -19.50 20.00 -40.47
C ALA D 1402 -19.82 20.57 -39.10
N LEU D 1403 -21.08 20.81 -38.77
CA LEU D 1403 -21.47 21.43 -37.50
C LEU D 1403 -22.15 20.44 -36.56
N HIS D 1404 -21.86 19.16 -36.75
CA HIS D 1404 -22.47 18.11 -35.93
C HIS D 1404 -21.96 18.18 -34.50
N PRO D 1405 -22.69 17.57 -33.56
CA PRO D 1405 -22.19 17.52 -32.17
C PRO D 1405 -20.84 16.83 -32.11
N CYS D 1406 -20.01 17.32 -31.19
CA CYS D 1406 -18.59 16.98 -31.19
C CYS D 1406 -18.35 15.60 -30.58
N THR D 1407 -17.52 14.80 -31.25
CA THR D 1407 -17.05 13.53 -30.74
C THR D 1407 -15.90 13.78 -29.77
N GLY D 1408 -15.13 12.73 -29.48
CA GLY D 1408 -13.99 12.86 -28.58
C GLY D 1408 -12.97 13.89 -28.99
N LEU D 1409 -11.95 14.10 -28.15
CA LEU D 1409 -11.01 15.20 -28.31
C LEU D 1409 -10.16 15.09 -29.57
N SER D 1410 -10.14 13.94 -30.24
CA SER D 1410 -9.29 13.78 -31.42
C SER D 1410 -9.67 14.76 -32.52
N ASP D 1411 -10.96 14.92 -32.79
CA ASP D 1411 -11.39 15.81 -33.87
C ASP D 1411 -11.11 17.28 -33.52
N GLY D 1412 -11.37 17.67 -32.28
CA GLY D 1412 -11.23 19.06 -31.89
C GLY D 1412 -12.44 19.56 -31.14
N LEU D 1413 -12.30 20.66 -30.40
CA LEU D 1413 -13.36 21.17 -29.55
C LEU D 1413 -13.68 22.61 -29.90
N CYS D 1414 -14.97 22.93 -29.96
CA CYS D 1414 -15.42 24.28 -30.27
C CYS D 1414 -15.08 25.23 -29.12
N PRO D 1415 -15.00 26.54 -29.40
CA PRO D 1415 -14.82 27.49 -28.30
C PRO D 1415 -15.92 27.40 -27.25
N GLY D 1416 -17.17 27.22 -27.68
CA GLY D 1416 -18.23 26.94 -26.73
C GLY D 1416 -18.01 25.63 -26.01
N CYS D 1417 -17.55 24.61 -26.73
CA CYS D 1417 -17.20 23.34 -26.12
C CYS D 1417 -15.92 23.43 -25.31
N HIS D 1418 -15.05 24.38 -25.64
CA HIS D 1418 -13.84 24.58 -24.84
C HIS D 1418 -14.16 25.29 -23.52
N LEU D 1419 -15.19 26.12 -23.50
CA LEU D 1419 -15.54 26.89 -22.31
C LEU D 1419 -16.54 26.14 -21.43
N PHE D 1420 -17.72 25.82 -21.97
CA PHE D 1420 -18.74 25.14 -21.19
C PHE D 1420 -18.50 23.64 -21.08
N GLY D 1421 -17.64 23.08 -21.92
CA GLY D 1421 -17.28 21.69 -21.83
C GLY D 1421 -18.21 20.76 -22.60
N THR D 1422 -17.77 19.51 -22.71
CA THR D 1422 -18.53 18.45 -23.35
C THR D 1422 -18.19 17.15 -22.64
N THR D 1423 -18.63 16.04 -23.23
CA THR D 1423 -18.21 14.73 -22.72
C THR D 1423 -16.72 14.57 -22.93
N ASP D 1424 -16.04 13.99 -21.94
CA ASP D 1424 -14.59 13.79 -21.90
C ASP D 1424 -13.83 15.09 -21.72
N TYR D 1425 -14.51 16.19 -21.39
CA TYR D 1425 -13.83 17.46 -21.10
C TYR D 1425 -14.75 18.30 -20.23
N LYS D 1426 -14.46 18.34 -18.93
CA LYS D 1426 -15.27 19.14 -18.02
C LYS D 1426 -15.14 20.62 -18.36
N GLY D 1427 -16.25 21.34 -18.23
CA GLY D 1427 -16.26 22.75 -18.55
C GLY D 1427 -15.40 23.57 -17.60
N ARG D 1428 -14.90 24.69 -18.10
CA ARG D 1428 -14.04 25.58 -17.33
C ARG D 1428 -14.81 26.69 -16.64
N VAL D 1429 -16.13 26.74 -16.81
CA VAL D 1429 -16.96 27.78 -16.21
C VAL D 1429 -18.12 27.11 -15.48
N LYS D 1430 -18.26 27.38 -14.19
CA LYS D 1430 -19.30 26.80 -13.37
C LYS D 1430 -20.29 27.89 -12.98
N PHE D 1431 -21.57 27.63 -13.18
CA PHE D 1431 -22.63 28.58 -12.88
C PHE D 1431 -23.26 28.26 -11.53
N GLY D 1432 -24.02 29.23 -11.01
CA GLY D 1432 -24.59 29.08 -9.69
C GLY D 1432 -26.09 29.31 -9.61
N PHE D 1433 -26.58 29.53 -8.40
CA PHE D 1433 -27.99 29.68 -8.12
C PHE D 1433 -28.29 31.14 -7.79
N ALA D 1434 -29.41 31.64 -8.30
CA ALA D 1434 -29.76 33.06 -8.18
C ALA D 1434 -30.72 33.25 -7.01
N LYS D 1435 -30.34 34.12 -6.07
CA LYS D 1435 -31.17 34.47 -4.93
C LYS D 1435 -31.65 35.91 -5.12
N TYR D 1436 -32.96 36.14 -4.94
CA TYR D 1436 -33.53 37.45 -5.25
C TYR D 1436 -33.25 38.45 -4.13
N GLU D 1437 -33.84 38.20 -2.95
CA GLU D 1437 -33.63 39.01 -1.75
C GLU D 1437 -33.81 40.52 -2.01
N ASN D 1438 -34.59 40.89 -3.02
CA ASN D 1438 -34.79 42.30 -3.34
C ASN D 1438 -35.98 42.41 -4.29
N GLY D 1439 -36.41 43.65 -4.51
CA GLY D 1439 -37.48 43.95 -5.44
C GLY D 1439 -38.86 43.63 -4.87
N PRO D 1440 -39.89 43.85 -5.66
CA PRO D 1440 -41.26 43.51 -5.22
C PRO D 1440 -41.43 42.00 -5.12
N GLU D 1441 -42.57 41.62 -4.52
CA GLU D 1441 -42.78 40.22 -4.17
C GLU D 1441 -43.24 39.39 -5.36
N TRP D 1442 -44.42 39.71 -5.90
CA TRP D 1442 -45.08 38.82 -6.84
C TRP D 1442 -45.81 39.67 -7.88
N LEU D 1443 -46.57 38.99 -8.74
CA LEU D 1443 -47.45 39.63 -9.72
C LEU D 1443 -48.89 39.28 -9.37
N ILE D 1444 -49.75 40.29 -9.32
CA ILE D 1444 -51.12 40.14 -8.88
C ILE D 1444 -52.04 40.36 -10.07
N THR D 1445 -52.95 39.41 -10.29
CA THR D 1445 -53.91 39.50 -11.39
C THR D 1445 -55.34 39.47 -10.87
N PRO D 1450 -57.75 30.78 -7.45
CA PRO D 1450 -56.41 31.05 -7.97
C PRO D 1450 -56.01 32.51 -7.80
N GLU D 1451 -54.94 32.75 -7.05
CA GLU D 1451 -54.43 34.09 -6.79
C GLU D 1451 -52.96 34.16 -7.18
N ARG D 1452 -52.53 35.38 -7.53
CA ARG D 1452 -51.13 35.72 -7.85
C ARG D 1452 -50.52 34.78 -8.89
N SER D 1453 -51.35 34.10 -9.68
CA SER D 1453 -50.86 33.12 -10.63
C SER D 1453 -51.79 33.12 -11.84
N LEU D 1454 -51.40 33.84 -12.89
CA LEU D 1454 -52.20 33.89 -14.11
C LEU D 1454 -52.04 32.59 -14.89
N THR D 1455 -53.09 32.23 -15.61
CA THR D 1455 -53.09 31.01 -16.39
C THR D 1455 -52.18 31.16 -17.61
N LEU D 1456 -52.06 30.07 -18.37
CA LEU D 1456 -51.26 30.04 -19.58
C LEU D 1456 -52.03 29.33 -20.68
N GLY D 1457 -51.67 29.63 -21.92
CA GLY D 1457 -52.20 28.92 -23.06
C GLY D 1457 -51.57 27.54 -23.16
N VAL D 1458 -51.97 26.82 -24.20
CA VAL D 1458 -51.41 25.50 -24.45
C VAL D 1458 -50.07 25.66 -25.16
N LEU D 1459 -49.04 25.05 -24.60
CA LEU D 1459 -47.69 25.08 -25.17
C LEU D 1459 -47.47 23.77 -25.91
N GLU D 1460 -47.86 23.76 -27.19
CA GLU D 1460 -47.76 22.55 -27.99
C GLU D 1460 -46.32 22.23 -28.33
N SER D 1461 -46.09 21.00 -28.79
CA SER D 1461 -44.74 20.57 -29.11
C SER D 1461 -44.22 21.34 -30.32
N PRO D 1462 -42.93 21.71 -30.31
CA PRO D 1462 -42.36 22.38 -31.50
C PRO D 1462 -42.42 21.47 -32.70
N ARG D 1463 -42.70 22.07 -33.87
CA ARG D 1463 -42.84 21.31 -35.11
C ARG D 1463 -41.74 21.70 -36.08
N PRO D 1464 -40.67 20.91 -36.19
CA PRO D 1464 -39.61 21.24 -37.16
C PRO D 1464 -40.08 21.22 -38.60
N ALA D 1465 -41.23 20.59 -38.89
CA ALA D 1465 -41.72 20.51 -40.26
C ALA D 1465 -42.03 21.89 -40.82
N PHE D 1466 -42.60 22.77 -39.99
CA PHE D 1466 -42.93 24.12 -40.47
C PHE D 1466 -41.67 24.90 -40.82
N SER D 1467 -40.62 24.78 -40.01
CA SER D 1467 -39.38 25.50 -40.30
C SER D 1467 -38.77 25.03 -41.61
N ILE D 1468 -38.83 23.73 -41.88
CA ILE D 1468 -38.30 23.16 -43.12
C ILE D 1468 -39.42 22.42 -43.84
N PRO D 1469 -40.28 23.12 -44.57
CA PRO D 1469 -41.44 22.47 -45.18
C PRO D 1469 -41.07 21.45 -46.25
N ASP D 1470 -40.19 21.85 -47.17
CA ASP D 1470 -39.80 20.99 -48.28
C ASP D 1470 -38.47 20.33 -47.99
N ASP D 1471 -38.31 19.10 -48.48
CA ASP D 1471 -37.05 18.38 -48.34
C ASP D 1471 -35.92 19.04 -49.12
N GLU D 1472 -36.24 19.88 -50.11
CA GLU D 1472 -35.21 20.56 -50.87
C GLU D 1472 -34.41 21.53 -50.01
N SER D 1473 -35.06 22.17 -49.05
CA SER D 1473 -34.34 23.06 -48.14
C SER D 1473 -33.35 22.27 -47.30
N GLU D 1474 -32.21 22.89 -47.01
CA GLU D 1474 -31.15 22.20 -46.28
C GLU D 1474 -31.48 22.09 -44.80
N ILE D 1475 -31.55 23.22 -44.11
CA ILE D 1475 -31.95 23.28 -42.70
C ILE D 1475 -32.10 24.74 -42.28
N PRO D 1476 -33.09 25.07 -41.46
CA PRO D 1476 -33.07 26.35 -40.76
C PRO D 1476 -32.04 26.37 -39.65
N GLY D 1477 -31.59 27.56 -39.30
CA GLY D 1477 -30.55 27.73 -38.31
C GLY D 1477 -31.07 27.65 -36.88
N ARG D 1478 -30.25 28.17 -35.97
CA ARG D 1478 -30.60 28.18 -34.56
C ARG D 1478 -31.85 29.04 -34.33
N LYS D 1479 -32.74 28.55 -33.46
CA LYS D 1479 -34.02 29.20 -33.21
C LYS D 1479 -33.94 30.05 -31.95
N PHE D 1480 -34.45 31.28 -32.04
CA PHE D 1480 -34.47 32.21 -30.92
C PHE D 1480 -35.84 32.88 -30.83
N TYR D 1481 -36.12 33.43 -29.65
CA TYR D 1481 -37.41 34.03 -29.36
C TYR D 1481 -37.27 35.54 -29.18
N LEU D 1482 -38.28 36.27 -29.64
CA LEU D 1482 -38.31 37.72 -29.51
C LEU D 1482 -38.73 38.12 -28.10
N HIS D 1483 -38.93 39.42 -27.89
CA HIS D 1483 -39.17 39.96 -26.56
C HIS D 1483 -40.46 40.76 -26.44
N HIS D 1484 -41.34 40.72 -27.45
CA HIS D 1484 -42.54 41.56 -27.41
C HIS D 1484 -43.44 41.13 -26.26
N ASN D 1485 -44.01 42.13 -25.56
CA ASN D 1485 -44.80 41.88 -24.35
C ASN D 1485 -46.20 41.43 -24.75
N GLY D 1486 -46.31 40.15 -25.06
CA GLY D 1486 -47.60 39.53 -25.23
C GLY D 1486 -48.23 39.02 -23.96
N TRP D 1487 -47.56 39.19 -22.81
CA TRP D 1487 -48.08 38.70 -21.55
C TRP D 1487 -49.26 39.51 -21.04
N ARG D 1488 -49.39 40.76 -21.49
CA ARG D 1488 -50.56 41.56 -21.12
C ARG D 1488 -51.84 40.96 -21.66
N ILE D 1489 -51.78 40.33 -22.84
CA ILE D 1489 -52.95 39.67 -23.41
C ILE D 1489 -53.41 38.53 -22.50
N ILE D 1490 -52.46 37.77 -21.97
CA ILE D 1490 -52.80 36.67 -21.06
C ILE D 1490 -53.31 37.22 -19.74
N ARG D 1491 -52.66 38.27 -19.22
CA ARG D 1491 -53.10 38.86 -17.95
C ARG D 1491 -54.48 39.47 -18.07
N GLN D 1492 -54.88 39.91 -19.27
CA GLN D 1492 -56.21 40.47 -19.46
C GLN D 1492 -57.26 39.37 -19.64
N LYS D 1493 -57.05 38.50 -20.62
CA LYS D 1493 -57.98 37.41 -20.90
C LYS D 1493 -57.58 36.13 -20.14
N GLN D 1494 -57.37 36.26 -18.84
CA GLN D 1494 -57.05 35.09 -18.03
C GLN D 1494 -58.26 34.18 -17.87
N LEU D 1495 -59.41 34.76 -17.55
CA LEU D 1495 -60.63 33.98 -17.44
C LEU D 1495 -61.19 33.60 -18.80
N GLU D 1496 -60.90 34.40 -19.83
CA GLU D 1496 -61.40 34.12 -21.17
C GLU D 1496 -60.68 32.94 -21.84
N ILE D 1497 -59.61 32.44 -21.25
CA ILE D 1497 -58.88 31.30 -21.81
C ILE D 1497 -58.76 30.14 -20.84
N ARG D 1498 -58.88 30.37 -19.52
CA ARG D 1498 -58.79 29.26 -18.57
C ARG D 1498 -60.06 28.41 -18.55
N GLU D 1499 -61.13 28.85 -19.20
CA GLU D 1499 -62.35 28.07 -19.28
C GLU D 1499 -62.89 27.87 -20.69
N THR D 1500 -62.51 28.72 -21.65
CA THR D 1500 -63.01 28.56 -23.01
C THR D 1500 -62.47 27.29 -23.66
N VAL D 1501 -61.19 26.98 -23.42
CA VAL D 1501 -60.54 25.83 -24.04
C VAL D 1501 -59.56 25.23 -23.04
N GLN D 1502 -59.28 23.94 -23.23
CA GLN D 1502 -58.34 23.17 -22.40
C GLN D 1502 -58.69 23.28 -20.92
N PRO D 1503 -59.79 22.70 -20.47
CA PRO D 1503 -60.12 22.77 -19.04
C PRO D 1503 -59.09 22.12 -18.14
N GLU D 1504 -58.47 21.02 -18.60
CA GLU D 1504 -57.50 20.29 -17.80
C GLU D 1504 -56.16 20.11 -18.51
N ARG D 1505 -55.99 20.70 -19.69
CA ARG D 1505 -54.74 20.58 -20.42
C ARG D 1505 -53.77 21.73 -20.14
N ASN D 1506 -54.27 22.87 -19.70
CA ASN D 1506 -53.42 24.03 -19.44
C ASN D 1506 -52.66 23.86 -18.13
N VAL D 1507 -51.69 24.74 -17.92
CA VAL D 1507 -50.89 24.78 -16.70
C VAL D 1507 -50.88 26.21 -16.17
N THR D 1508 -51.04 26.36 -14.86
CA THR D 1508 -51.12 27.68 -14.23
C THR D 1508 -50.20 27.69 -13.02
N THR D 1509 -49.14 28.48 -13.09
CA THR D 1509 -48.19 28.62 -12.00
C THR D 1509 -47.84 30.09 -11.80
N GLU D 1510 -47.46 30.43 -10.57
CA GLU D 1510 -47.17 31.82 -10.22
C GLU D 1510 -45.92 32.32 -10.91
N VAL D 1511 -45.87 33.63 -11.14
CA VAL D 1511 -44.81 34.27 -11.91
C VAL D 1511 -44.23 35.42 -11.10
N MET D 1512 -43.05 35.86 -11.51
CA MET D 1512 -42.45 37.07 -10.98
C MET D 1512 -43.12 38.30 -11.57
N ASP D 1513 -42.71 39.47 -11.07
CA ASP D 1513 -43.14 40.75 -11.59
C ASP D 1513 -41.96 41.44 -12.27
N LYS D 1514 -42.27 42.51 -12.99
CA LYS D 1514 -41.23 43.26 -13.68
C LYS D 1514 -40.33 43.95 -12.67
N GLY D 1515 -39.03 43.98 -12.96
CA GLY D 1515 -38.07 44.64 -12.10
C GLY D 1515 -37.80 43.97 -10.77
N ASN D 1516 -37.62 42.64 -10.78
CA ASN D 1516 -37.16 41.92 -9.61
C ASN D 1516 -35.67 41.65 -9.75
N VAL D 1517 -34.93 41.94 -8.69
CA VAL D 1517 -33.46 41.93 -8.73
C VAL D 1517 -32.97 40.64 -8.08
N PHE D 1518 -32.20 39.87 -8.84
CA PHE D 1518 -31.59 38.63 -8.38
C PHE D 1518 -30.07 38.78 -8.33
N SER D 1519 -29.39 37.72 -7.93
CA SER D 1519 -27.94 37.75 -7.83
C SER D 1519 -27.41 36.32 -7.90
N PHE D 1520 -26.50 36.07 -8.84
CA PHE D 1520 -25.89 34.76 -9.00
C PHE D 1520 -24.41 34.92 -9.32
N ASP D 1521 -23.64 33.88 -9.01
CA ASP D 1521 -22.21 33.85 -9.23
C ASP D 1521 -21.87 32.91 -10.38
N VAL D 1522 -20.96 33.34 -11.24
CA VAL D 1522 -20.50 32.55 -12.37
C VAL D 1522 -19.00 32.37 -12.21
N ARG D 1523 -18.60 31.26 -11.61
CA ARG D 1523 -17.19 30.98 -11.42
C ARG D 1523 -16.54 30.52 -12.72
N PHE D 1524 -15.22 30.62 -12.76
CA PHE D 1524 -14.47 30.18 -13.93
C PHE D 1524 -13.05 29.83 -13.51
N GLU D 1525 -12.50 28.80 -14.14
CA GLU D 1525 -11.14 28.34 -13.85
C GLU D 1525 -10.37 28.20 -15.16
N ASN D 1526 -9.18 28.78 -15.21
CA ASN D 1526 -8.26 28.65 -16.35
C ASN D 1526 -8.92 29.13 -17.65
N LEU D 1527 -9.23 30.41 -17.68
CA LEU D 1527 -9.72 31.06 -18.90
C LEU D 1527 -8.68 32.03 -19.45
N ARG D 1528 -8.60 32.10 -20.77
CA ARG D 1528 -7.76 33.05 -21.46
C ARG D 1528 -8.41 34.44 -21.45
N GLU D 1529 -7.74 35.41 -22.08
CA GLU D 1529 -8.26 36.77 -22.10
C GLU D 1529 -9.53 36.86 -22.92
N TRP D 1530 -9.50 36.34 -24.15
CA TRP D 1530 -10.64 36.51 -25.03
C TRP D 1530 -11.82 35.65 -24.59
N GLU D 1531 -11.53 34.51 -23.95
CA GLU D 1531 -12.60 33.68 -23.40
C GLU D 1531 -13.39 34.45 -22.36
N LEU D 1532 -12.69 35.09 -21.41
CA LEU D 1532 -13.38 35.86 -20.39
C LEU D 1532 -14.07 37.08 -20.98
N GLY D 1533 -13.45 37.73 -21.96
CA GLY D 1533 -14.11 38.85 -22.60
C GLY D 1533 -15.40 38.47 -23.30
N LEU D 1534 -15.38 37.35 -24.02
CA LEU D 1534 -16.58 36.88 -24.70
C LEU D 1534 -17.64 36.42 -23.71
N LEU D 1535 -17.22 35.80 -22.60
CA LEU D 1535 -18.19 35.44 -21.56
C LEU D 1535 -18.83 36.69 -20.97
N LEU D 1536 -18.05 37.74 -20.73
CA LEU D 1536 -18.60 38.99 -20.24
C LEU D 1536 -19.61 39.58 -21.21
N GLN D 1537 -19.25 39.60 -22.50
CA GLN D 1537 -20.18 40.14 -23.49
C GLN D 1537 -21.41 39.26 -23.64
N SER D 1538 -21.29 37.96 -23.33
CA SER D 1538 -22.47 37.10 -23.34
C SER D 1538 -23.36 37.38 -22.14
N LEU D 1539 -22.77 37.74 -21.00
CA LEU D 1539 -23.57 38.06 -19.82
C LEU D 1539 -24.32 39.38 -20.00
N ASP D 1540 -23.58 40.47 -20.21
CA ASP D 1540 -24.16 41.80 -20.41
C ASP D 1540 -23.59 42.37 -21.69
N PRO D 1541 -24.19 42.05 -22.84
CA PRO D 1541 -23.70 42.63 -24.10
C PRO D 1541 -23.84 44.14 -24.16
N GLY D 1542 -24.76 44.72 -23.41
CA GLY D 1542 -24.95 46.15 -23.40
C GLY D 1542 -26.40 46.48 -23.13
N LYS D 1543 -26.73 47.76 -23.31
CA LYS D 1543 -28.08 48.24 -23.10
C LYS D 1543 -29.00 47.73 -24.20
N ASN D 1544 -30.30 47.68 -23.87
CA ASN D 1544 -31.36 47.32 -24.81
C ASN D 1544 -31.22 45.89 -25.34
N ILE D 1545 -30.47 45.04 -24.65
CA ILE D 1545 -30.33 43.63 -25.02
C ILE D 1545 -30.59 42.78 -23.78
N ALA D 1546 -31.50 41.82 -23.91
CA ALA D 1546 -31.88 40.96 -22.80
C ALA D 1546 -32.02 39.53 -23.29
N HIS D 1547 -31.86 38.59 -22.37
CA HIS D 1547 -31.93 37.17 -22.69
C HIS D 1547 -33.35 36.65 -22.44
N LYS D 1548 -33.51 35.33 -22.47
CA LYS D 1548 -34.79 34.68 -22.19
C LYS D 1548 -34.60 33.54 -21.20
N LEU D 1549 -35.55 33.42 -20.28
CA LEU D 1549 -35.57 32.33 -19.31
C LEU D 1549 -36.99 31.85 -19.11
N GLY D 1550 -37.13 30.62 -18.63
CA GLY D 1550 -38.40 30.11 -18.20
C GLY D 1550 -39.36 29.76 -19.33
N LYS D 1551 -40.60 29.49 -18.93
CA LYS D 1551 -41.64 29.08 -19.86
C LYS D 1551 -42.19 30.29 -20.63
N GLY D 1552 -42.96 30.01 -21.66
CA GLY D 1552 -43.65 31.06 -22.39
C GLY D 1552 -42.74 32.06 -23.07
N LYS D 1553 -41.62 31.61 -23.59
CA LYS D 1553 -40.77 32.51 -24.37
C LYS D 1553 -41.48 33.08 -25.59
N PRO D 1554 -42.20 32.29 -26.40
CA PRO D 1554 -43.00 32.91 -27.48
C PRO D 1554 -44.09 33.83 -26.96
N TYR D 1555 -44.56 33.63 -25.72
CA TYR D 1555 -45.58 34.47 -25.13
C TYR D 1555 -45.01 35.74 -24.49
N GLY D 1556 -43.70 35.92 -24.50
CA GLY D 1556 -43.08 37.08 -23.93
C GLY D 1556 -42.66 36.95 -22.48
N PHE D 1557 -43.04 35.87 -21.81
CA PHE D 1557 -42.65 35.66 -20.43
C PHE D 1557 -41.16 35.40 -20.32
N GLY D 1558 -40.58 35.83 -19.20
CA GLY D 1558 -39.21 35.49 -18.86
C GLY D 1558 -38.14 36.12 -19.73
N SER D 1559 -37.99 37.43 -19.65
CA SER D 1559 -36.86 38.14 -20.24
C SER D 1559 -36.03 38.72 -19.11
N VAL D 1560 -34.72 38.50 -19.15
CA VAL D 1560 -33.84 38.77 -18.03
C VAL D 1560 -32.73 39.73 -18.45
N LYS D 1561 -32.37 40.63 -17.55
CA LYS D 1561 -31.28 41.58 -17.75
C LYS D 1561 -30.21 41.31 -16.70
N ILE D 1562 -28.95 41.22 -17.14
CA ILE D 1562 -27.84 40.83 -16.28
C ILE D 1562 -26.86 42.00 -16.20
N LYS D 1563 -26.40 42.29 -14.98
CA LYS D 1563 -25.38 43.30 -14.74
C LYS D 1563 -24.29 42.70 -13.84
N ILE D 1564 -23.07 43.21 -13.98
CA ILE D 1564 -21.91 42.69 -13.28
C ILE D 1564 -21.53 43.64 -12.16
N ASP D 1565 -21.36 43.11 -10.95
CA ASP D 1565 -20.88 43.91 -9.82
C ASP D 1565 -19.36 43.88 -9.72
N SER D 1566 -18.78 42.70 -9.56
CA SER D 1566 -17.35 42.55 -9.34
C SER D 1566 -16.82 41.40 -10.17
N LEU D 1567 -15.72 41.63 -10.87
CA LEU D 1567 -15.02 40.57 -11.59
C LEU D 1567 -13.80 40.19 -10.75
N HIS D 1568 -14.03 39.34 -9.76
CA HIS D 1568 -12.95 38.90 -8.90
C HIS D 1568 -12.02 37.96 -9.66
N THR D 1569 -10.72 38.12 -9.44
CA THR D 1569 -9.72 37.31 -10.14
C THR D 1569 -8.54 37.07 -9.23
N PHE D 1570 -8.13 35.81 -9.12
CA PHE D 1570 -6.96 35.43 -8.33
C PHE D 1570 -5.96 34.70 -9.21
N LYS D 1571 -4.68 34.99 -8.98
CA LYS D 1571 -3.61 34.34 -9.75
C LYS D 1571 -2.57 33.75 -8.81
N ILE D 1579 -7.83 37.91 -3.34
CA ILE D 1579 -8.71 38.27 -4.44
C ILE D 1579 -8.35 39.64 -4.98
N LYS D 1580 -8.50 39.82 -6.29
CA LYS D 1580 -8.19 41.07 -6.97
C LYS D 1580 -9.36 41.48 -7.84
N ARG D 1581 -9.76 42.74 -7.73
CA ARG D 1581 -10.84 43.31 -8.53
C ARG D 1581 -10.23 44.04 -9.72
N VAL D 1582 -10.62 43.64 -10.92
CA VAL D 1582 -10.11 44.28 -12.15
C VAL D 1582 -10.72 45.68 -12.25
N PRO D 1583 -10.03 46.63 -12.90
CA PRO D 1583 -10.59 47.98 -13.01
C PRO D 1583 -11.87 47.99 -13.81
N GLN D 1584 -12.77 48.91 -13.45
CA GLN D 1584 -14.08 49.03 -14.07
C GLN D 1584 -14.07 49.85 -15.35
N SER D 1585 -12.90 50.04 -15.98
CA SER D 1585 -12.79 50.80 -17.21
C SER D 1585 -13.28 49.96 -18.38
N ASP D 1586 -14.55 49.61 -18.32
CA ASP D 1586 -15.21 48.75 -19.31
C ASP D 1586 -14.50 47.41 -19.49
N ILE D 1587 -13.74 46.99 -18.47
CA ILE D 1587 -12.93 45.77 -18.52
C ILE D 1587 -12.07 45.80 -19.77
N ARG D 1588 -11.16 46.77 -19.86
CA ARG D 1588 -10.28 46.89 -21.00
C ARG D 1588 -9.29 45.72 -21.04
N GLU D 1589 -8.81 45.42 -22.25
CA GLU D 1589 -7.86 44.36 -22.56
C GLU D 1589 -8.44 42.97 -22.35
N TYR D 1590 -9.71 42.84 -21.96
CA TYR D 1590 -10.36 41.55 -21.84
C TYR D 1590 -11.49 41.41 -22.85
N ILE D 1591 -12.46 42.31 -22.83
CA ILE D 1591 -13.50 42.32 -23.85
C ILE D 1591 -12.91 42.75 -25.19
N ASN D 1592 -11.97 43.70 -25.17
CA ASN D 1592 -11.34 44.16 -26.41
C ASN D 1592 -10.60 43.02 -27.09
N LYS D 1593 -9.85 42.22 -26.33
CA LYS D 1593 -9.17 41.07 -26.91
C LYS D 1593 -10.17 40.03 -27.41
N GLY D 1594 -11.30 39.88 -26.72
CA GLY D 1594 -12.33 38.98 -27.21
C GLY D 1594 -12.86 39.40 -28.56
N TYR D 1595 -13.17 40.69 -28.70
CA TYR D 1595 -13.61 41.19 -30.00
C TYR D 1595 -12.50 41.05 -31.05
N GLN D 1596 -11.26 41.28 -30.66
CA GLN D 1596 -10.15 41.18 -31.61
C GLN D 1596 -10.00 39.75 -32.13
N LYS D 1597 -10.16 38.75 -31.26
CA LYS D 1597 -10.08 37.37 -31.71
C LYS D 1597 -11.34 36.93 -32.45
N LEU D 1598 -12.48 37.54 -32.13
CA LEU D 1598 -13.71 37.18 -32.83
C LEU D 1598 -13.78 37.79 -34.23
N ILE D 1599 -13.08 38.91 -34.46
CA ILE D 1599 -13.22 39.63 -35.72
C ILE D 1599 -12.72 38.82 -36.92
N GLU D 1600 -11.78 37.91 -36.71
CA GLU D 1600 -11.35 37.05 -37.82
C GLU D 1600 -12.46 36.14 -38.30
N TRP D 1601 -13.22 35.57 -37.37
CA TRP D 1601 -14.31 34.66 -37.72
C TRP D 1601 -15.56 35.44 -38.11
N VAL D 1612 -11.12 52.29 -27.73
CA VAL D 1612 -12.46 52.63 -28.16
C VAL D 1612 -13.38 51.41 -28.05
N LEU D 1613 -14.66 51.65 -27.80
CA LEU D 1613 -15.60 50.54 -27.69
C LEU D 1613 -15.78 49.86 -29.06
N PRO D 1614 -15.99 48.55 -29.09
CA PRO D 1614 -16.09 47.84 -30.37
C PRO D 1614 -17.42 48.07 -31.08
N GLN D 1615 -17.57 47.47 -32.25
CA GLN D 1615 -18.80 47.56 -33.04
C GLN D 1615 -19.23 46.13 -33.37
N TRP D 1616 -20.13 45.57 -32.54
CA TRP D 1616 -20.57 44.20 -32.74
C TRP D 1616 -21.47 44.06 -33.94
N HIS D 1617 -22.18 45.13 -34.33
CA HIS D 1617 -23.11 45.06 -35.45
C HIS D 1617 -22.40 44.88 -36.79
N VAL D 1618 -21.07 45.03 -36.84
CA VAL D 1618 -20.35 44.85 -38.10
C VAL D 1618 -20.44 43.40 -38.56
N ILE D 1619 -20.28 42.46 -37.64
CA ILE D 1619 -20.37 41.04 -37.99
C ILE D 1619 -21.83 40.69 -38.27
N PRO D 1620 -22.13 40.05 -39.41
CA PRO D 1620 -23.55 39.80 -39.75
C PRO D 1620 -24.26 38.87 -38.77
N HIS D 1621 -23.64 37.74 -38.44
CA HIS D 1621 -24.31 36.79 -37.55
C HIS D 1621 -24.44 37.34 -36.14
N ILE D 1622 -23.45 38.10 -35.68
CA ILE D 1622 -23.59 38.81 -34.41
C ILE D 1622 -24.71 39.83 -34.49
N ASP D 1623 -24.83 40.52 -35.62
CA ASP D 1623 -25.90 41.49 -35.82
C ASP D 1623 -27.26 40.82 -35.69
N LYS D 1624 -27.46 39.69 -36.37
CA LYS D 1624 -28.72 38.97 -36.27
C LYS D 1624 -28.98 38.47 -34.85
N LEU D 1625 -27.94 37.95 -34.20
CA LEU D 1625 -28.08 37.49 -32.82
C LEU D 1625 -28.60 38.60 -31.93
N TYR D 1626 -27.99 39.77 -32.00
CA TYR D 1626 -28.38 40.85 -31.10
C TYR D 1626 -29.70 41.50 -31.52
N LYS D 1627 -30.06 41.43 -32.80
CA LYS D 1627 -31.42 41.82 -33.19
C LYS D 1627 -32.45 40.91 -32.55
N LEU D 1628 -32.19 39.60 -32.53
CA LEU D 1628 -33.13 38.67 -31.93
C LEU D 1628 -33.22 38.81 -30.42
N LEU D 1629 -32.32 39.55 -29.80
CA LEU D 1629 -32.36 39.79 -28.36
C LEU D 1629 -32.67 41.24 -28.01
N TRP D 1630 -33.07 42.05 -28.98
CA TRP D 1630 -33.39 43.45 -28.73
C TRP D 1630 -34.68 43.54 -27.91
N VAL D 1631 -34.69 44.46 -26.95
CA VAL D 1631 -35.86 44.73 -26.13
C VAL D 1631 -36.36 46.15 -26.44
N PRO D 1632 -37.46 46.28 -27.16
CA PRO D 1632 -38.00 47.60 -27.50
C PRO D 1632 -39.00 48.11 -26.45
N PHE D 1633 -38.54 48.22 -25.20
CA PHE D 1633 -39.43 48.68 -24.14
C PHE D 1633 -38.75 49.64 -23.17
N LEU D 1634 -37.53 50.10 -23.45
CA LEU D 1634 -36.92 51.12 -22.61
C LEU D 1634 -37.71 52.43 -22.69
N ASN D 1635 -38.19 52.79 -23.88
CA ASN D 1635 -39.01 53.98 -24.06
C ASN D 1635 -39.81 53.82 -25.34
N ASP D 1636 -41.13 53.77 -25.22
CA ASP D 1636 -42.04 53.61 -26.36
C ASP D 1636 -41.70 52.35 -27.17
N TYR D 1663 -53.14 31.37 -38.25
CA TYR D 1663 -51.88 30.63 -38.19
C TYR D 1663 -51.91 29.45 -39.14
N LYS D 1664 -52.92 29.40 -40.00
CA LYS D 1664 -53.07 28.34 -41.00
C LYS D 1664 -52.95 28.82 -42.42
N LYS D 1665 -53.44 30.03 -42.72
CA LYS D 1665 -53.36 30.56 -44.08
C LYS D 1665 -51.93 30.87 -44.49
N LEU D 1666 -51.04 31.14 -43.52
CA LEU D 1666 -49.66 31.44 -43.86
C LEU D 1666 -48.93 30.21 -44.40
N GLY D 1667 -49.35 29.02 -44.00
CA GLY D 1667 -48.73 27.80 -44.45
C GLY D 1667 -49.15 27.30 -45.81
N ASP D 1668 -50.04 28.02 -46.47
CA ASP D 1668 -50.49 27.61 -47.80
C ASP D 1668 -49.35 27.68 -48.80
N LYS D 1669 -49.41 26.80 -49.81
CA LYS D 1669 -48.38 26.77 -50.84
C LYS D 1669 -48.31 28.07 -51.63
N ASP D 1670 -49.45 28.75 -51.79
CA ASP D 1670 -49.47 30.03 -52.49
C ASP D 1670 -49.26 31.22 -51.55
N ASN D 1671 -49.10 30.98 -50.25
CA ASN D 1671 -48.93 32.08 -49.31
C ASN D 1671 -47.48 32.56 -49.27
N LEU D 1672 -46.56 31.68 -48.89
CA LEU D 1672 -45.14 32.04 -48.77
C LEU D 1672 -44.31 30.77 -48.89
N PRO D 1673 -43.76 30.49 -50.08
CA PRO D 1673 -42.93 29.30 -50.24
C PRO D 1673 -41.64 29.36 -49.42
N TYR D 1674 -40.89 30.45 -49.57
CA TYR D 1674 -39.60 30.61 -48.92
C TYR D 1674 -39.80 31.39 -47.62
N LYS D 1675 -39.87 30.67 -46.50
CA LYS D 1675 -39.96 31.28 -45.18
C LYS D 1675 -38.54 31.45 -44.63
N THR D 1676 -38.17 32.69 -44.35
CA THR D 1676 -36.80 33.04 -44.02
C THR D 1676 -36.70 33.51 -42.57
N ARG D 1677 -35.49 33.87 -42.17
CA ARG D 1677 -35.23 34.37 -40.82
C ARG D 1677 -34.35 35.61 -40.86
ZN ZN E . 11.72 -8.38 15.36
ZN ZN F . 15.51 -35.81 32.82
ZN ZN G . 4.73 13.09 -7.82
ZN ZN H . -18.95 21.85 -30.35
#